data_1B2I
#
_entry.id   1B2I
#
_cell.length_a   1.000
_cell.length_b   1.000
_cell.length_c   1.000
_cell.angle_alpha   90.00
_cell.angle_beta   90.00
_cell.angle_gamma   90.00
#
_symmetry.space_group_name_H-M   'P 1'
#
loop_
_entity.id
_entity.type
_entity.pdbx_description
1 polymer 'PROTEIN (PLASMINOGEN)'
2 non-polymer 'TRANS-4-AMINOMETHYLCYCLOHEXANE-1-CARBOXYLIC ACID'
#
_entity_poly.entity_id   1
_entity_poly.type   'polypeptide(L)'
_entity_poly.pdbx_seq_one_letter_code
;TSEECMHGSGENYDGKISKTMSGLECQAWDSQSPHAHGYIPSKFPNKNLKKNYCRNPDRELRPWCFTTDPNKRWELCDIP
RCT
;
_entity_poly.pdbx_strand_id   A
#
loop_
_chem_comp.id
_chem_comp.type
_chem_comp.name
_chem_comp.formula
AMH non-polymer 'TRANS-4-AMINOMETHYLCYCLOHEXANE-1-CARBOXYLIC ACID' 'C8 H15 N O2'
#
# COMPACT_ATOMS: atom_id res chain seq x y z
N THR A 1 4.34 -10.71 -3.84
CA THR A 1 4.46 -12.03 -3.24
C THR A 1 3.04 -12.65 -3.12
N SER A 2 2.26 -12.44 -4.19
CA SER A 2 0.90 -12.94 -4.29
C SER A 2 0.47 -12.79 -5.75
N GLU A 3 0.40 -11.50 -6.14
CA GLU A 3 0.11 -11.09 -7.49
C GLU A 3 1.00 -9.85 -7.74
N GLU A 4 1.85 -9.96 -8.79
CA GLU A 4 2.83 -8.90 -9.05
C GLU A 4 2.37 -7.91 -10.15
N CYS A 5 1.45 -8.39 -11.02
CA CYS A 5 0.82 -7.54 -12.04
C CYS A 5 -0.67 -7.73 -11.80
N MET A 6 -1.43 -6.63 -11.98
CA MET A 6 -2.85 -6.67 -11.65
C MET A 6 -3.68 -6.18 -12.84
N HIS A 7 -4.97 -6.56 -12.69
CA HIS A 7 -6.00 -6.16 -13.64
C HIS A 7 -6.34 -4.66 -13.50
N GLY A 8 -5.97 -4.09 -12.33
CA GLY A 8 -6.21 -2.66 -12.16
C GLY A 8 -6.00 -2.13 -10.73
N SER A 9 -6.91 -2.55 -9.83
CA SER A 9 -6.99 -1.97 -8.49
C SER A 9 -6.25 -2.75 -7.39
N GLY A 10 -5.73 -3.94 -7.73
CA GLY A 10 -4.94 -4.70 -6.76
C GLY A 10 -5.60 -4.89 -5.39
N GLU A 11 -6.79 -5.51 -5.46
CA GLU A 11 -7.53 -5.79 -4.23
C GLU A 11 -6.67 -6.66 -3.28
N ASN A 12 -6.28 -7.82 -3.83
CA ASN A 12 -5.53 -8.80 -3.05
C ASN A 12 -4.03 -8.49 -3.02
N TYR A 13 -3.59 -7.73 -4.04
CA TYR A 13 -2.21 -7.35 -4.28
C TYR A 13 -1.36 -7.06 -3.04
N ASP A 14 -0.31 -7.90 -2.94
CA ASP A 14 0.82 -7.70 -2.04
C ASP A 14 2.03 -8.22 -2.84
N GLY A 15 2.34 -7.43 -3.89
CA GLY A 15 3.40 -7.83 -4.80
C GLY A 15 4.78 -7.55 -4.20
N LYS A 16 5.29 -6.38 -4.62
CA LYS A 16 6.60 -5.88 -4.20
C LYS A 16 6.74 -4.36 -4.43
N ILE A 17 5.78 -3.78 -5.18
CA ILE A 17 5.84 -2.35 -5.50
C ILE A 17 5.18 -1.57 -4.34
N SER A 18 5.88 -0.48 -3.97
CA SER A 18 5.40 0.40 -2.90
C SER A 18 5.80 1.86 -3.17
N LYS A 19 5.56 2.28 -4.43
CA LYS A 19 5.92 3.64 -4.84
C LYS A 19 4.64 4.39 -5.22
N THR A 20 4.45 5.52 -4.51
CA THR A 20 3.29 6.36 -4.74
C THR A 20 3.49 7.09 -6.08
N MET A 21 2.43 6.92 -6.90
CA MET A 21 2.34 7.34 -8.30
C MET A 21 2.84 8.78 -8.55
N SER A 22 2.68 9.62 -7.51
CA SER A 22 3.06 11.02 -7.62
C SER A 22 3.95 11.46 -6.45
N GLY A 23 4.77 10.53 -5.91
CA GLY A 23 5.54 11.00 -4.76
C GLY A 23 6.75 10.15 -4.33
N LEU A 24 6.49 9.25 -3.35
CA LEU A 24 7.60 8.62 -2.63
C LEU A 24 7.39 7.10 -2.40
N GLU A 25 8.44 6.54 -1.76
CA GLU A 25 8.38 5.18 -1.26
C GLU A 25 7.40 5.21 -0.06
N CYS A 26 6.50 4.23 -0.01
CA CYS A 26 5.56 4.25 1.11
C CYS A 26 6.24 3.85 2.42
N GLN A 27 5.59 4.39 3.45
CA GLN A 27 5.86 4.16 4.85
C GLN A 27 5.03 2.92 5.20
N ALA A 28 5.70 1.96 5.85
CA ALA A 28 5.06 0.68 6.16
C ALA A 28 3.76 0.82 6.98
N TRP A 29 2.92 -0.22 6.84
CA TRP A 29 1.62 -0.29 7.50
C TRP A 29 1.73 -0.49 9.03
N ASP A 30 2.97 -0.66 9.52
CA ASP A 30 3.18 -0.84 10.96
C ASP A 30 3.13 0.57 11.63
N SER A 31 3.98 0.77 12.65
CA SER A 31 4.02 2.05 13.36
C SER A 31 5.48 2.44 13.50
N GLN A 32 5.77 3.63 12.94
CA GLN A 32 7.15 4.09 12.81
C GLN A 32 7.23 5.63 12.89
N SER A 33 6.93 6.22 11.74
CA SER A 33 6.98 7.65 11.44
C SER A 33 6.80 7.71 9.92
N PRO A 34 6.10 8.74 9.37
CA PRO A 34 5.69 9.95 10.09
C PRO A 34 4.48 9.88 11.05
N HIS A 35 3.72 8.74 11.03
CA HIS A 35 2.56 8.72 11.92
C HIS A 35 1.99 7.31 12.12
N ALA A 36 1.55 7.08 13.36
CA ALA A 36 0.89 5.83 13.76
C ALA A 36 -0.57 5.86 13.30
N HIS A 37 -0.71 5.70 11.98
CA HIS A 37 -1.99 5.71 11.28
C HIS A 37 -2.83 4.43 11.57
N GLY A 38 -4.02 4.41 10.94
CA GLY A 38 -4.92 3.25 11.04
C GLY A 38 -4.53 2.17 10.02
N TYR A 39 -5.31 1.07 10.01
CA TYR A 39 -5.00 -0.07 9.13
C TYR A 39 -3.68 -0.73 9.60
N ILE A 40 -3.72 -1.09 10.89
CA ILE A 40 -2.55 -1.62 11.58
C ILE A 40 -2.60 -3.17 11.52
N PRO A 41 -1.55 -3.82 10.93
CA PRO A 41 -1.53 -5.27 10.77
C PRO A 41 -1.85 -6.10 12.03
N SER A 42 -1.55 -5.50 13.20
CA SER A 42 -1.79 -6.12 14.49
C SER A 42 -3.27 -6.47 14.76
N LYS A 43 -4.15 -5.84 13.95
CA LYS A 43 -5.59 -6.05 14.10
C LYS A 43 -6.16 -6.93 12.97
N PHE A 44 -5.27 -7.43 12.10
CA PHE A 44 -5.72 -8.20 10.95
C PHE A 44 -5.03 -9.58 10.88
N PRO A 45 -5.82 -10.67 11.14
CA PRO A 45 -5.45 -11.98 10.64
C PRO A 45 -5.73 -12.12 9.12
N ASN A 46 -6.37 -11.05 8.58
CA ASN A 46 -6.69 -10.99 7.15
C ASN A 46 -5.37 -10.79 6.38
N LYS A 47 -5.36 -11.23 5.10
CA LYS A 47 -4.17 -11.11 4.27
C LYS A 47 -4.23 -9.77 3.53
N ASN A 48 -4.25 -8.69 4.36
CA ASN A 48 -4.28 -7.34 3.85
C ASN A 48 -2.90 -6.70 3.99
N LEU A 49 -2.67 -5.93 5.08
CA LEU A 49 -1.44 -5.17 5.24
C LEU A 49 -0.18 -6.07 5.16
N LYS A 50 0.95 -5.37 5.05
CA LYS A 50 2.24 -6.04 4.93
C LYS A 50 3.29 -5.04 5.42
N LYS A 51 4.45 -5.01 4.71
CA LYS A 51 5.44 -3.97 5.03
C LYS A 51 4.93 -2.63 4.50
N ASN A 52 5.38 -2.22 3.30
CA ASN A 52 4.88 -0.95 2.74
C ASN A 52 4.09 -1.17 1.45
N TYR A 53 4.16 -2.42 0.95
CA TYR A 53 3.45 -2.82 -0.28
C TYR A 53 1.99 -2.34 -0.26
N CYS A 54 1.63 -1.66 -1.36
CA CYS A 54 0.31 -1.05 -1.46
C CYS A 54 -0.81 -2.09 -1.32
N ARG A 55 -1.91 -1.63 -0.71
CA ARG A 55 -3.08 -2.48 -0.52
C ARG A 55 -4.30 -1.65 -0.91
N ASN A 56 -5.49 -2.16 -0.53
CA ASN A 56 -6.70 -1.41 -0.82
C ASN A 56 -7.77 -1.63 0.27
N PRO A 57 -7.46 -1.22 1.54
CA PRO A 57 -8.39 -1.48 2.66
C PRO A 57 -9.84 -0.96 2.51
N ASP A 58 -9.95 0.19 1.80
CA ASP A 58 -11.25 0.81 1.51
C ASP A 58 -11.65 0.54 0.04
N ARG A 59 -10.72 -0.14 -0.64
CA ARG A 59 -10.78 -0.53 -2.02
C ARG A 59 -11.06 0.66 -2.98
N GLU A 60 -10.07 1.57 -2.88
CA GLU A 60 -9.90 2.74 -3.72
C GLU A 60 -9.60 2.22 -5.15
N LEU A 61 -9.64 3.15 -6.12
CA LEU A 61 -9.40 2.78 -7.51
C LEU A 61 -8.02 2.09 -7.66
N ARG A 62 -6.98 2.92 -7.49
CA ARG A 62 -5.60 2.43 -7.54
C ARG A 62 -5.23 2.02 -6.09
N PRO A 63 -4.48 0.90 -5.90
CA PRO A 63 -4.06 0.48 -4.56
C PRO A 63 -3.08 1.53 -4.00
N TRP A 64 -3.19 1.79 -2.69
CA TRP A 64 -2.40 2.85 -2.07
C TRP A 64 -1.67 2.34 -0.82
N CYS A 65 -0.87 3.26 -0.27
CA CYS A 65 -0.18 3.08 0.99
C CYS A 65 0.16 4.50 1.50
N PHE A 66 0.57 4.53 2.79
CA PHE A 66 0.93 5.80 3.40
C PHE A 66 2.32 6.21 2.88
N THR A 67 2.55 7.53 2.75
CA THR A 67 3.83 7.97 2.20
C THR A 67 4.82 8.21 3.34
N THR A 68 6.08 8.44 2.93
CA THR A 68 7.13 8.75 3.88
C THR A 68 7.21 10.27 4.13
N ASP A 69 6.43 11.03 3.32
CA ASP A 69 6.43 12.48 3.49
C ASP A 69 5.57 12.86 4.71
N PRO A 70 6.16 13.64 5.68
CA PRO A 70 5.41 14.08 6.85
C PRO A 70 4.12 14.90 6.67
N ASN A 71 3.77 15.22 5.41
CA ASN A 71 2.56 15.99 5.14
C ASN A 71 1.59 15.19 4.25
N LYS A 72 2.14 14.25 3.45
CA LYS A 72 1.28 13.46 2.59
C LYS A 72 0.99 12.12 3.28
N ARG A 73 -0.25 12.06 3.83
CA ARG A 73 -0.73 10.85 4.50
C ARG A 73 -0.76 9.67 3.51
N TRP A 74 -1.91 9.52 2.82
CA TRP A 74 -2.09 8.41 1.89
C TRP A 74 -1.74 8.84 0.46
N GLU A 75 -1.46 7.82 -0.37
CA GLU A 75 -1.27 8.10 -1.79
C GLU A 75 -1.34 6.79 -2.59
N LEU A 76 -1.93 6.97 -3.79
CA LEU A 76 -2.10 5.90 -4.76
C LEU A 76 -0.71 5.48 -5.28
N CYS A 77 -0.53 4.15 -5.37
CA CYS A 77 0.68 3.53 -5.90
C CYS A 77 0.51 3.23 -7.38
N ASP A 78 1.62 3.39 -8.15
CA ASP A 78 1.49 2.95 -9.55
C ASP A 78 2.02 1.51 -9.61
N ILE A 79 1.01 0.63 -9.77
CA ILE A 79 1.20 -0.80 -9.79
C ILE A 79 0.98 -1.29 -11.25
N PRO A 80 1.90 -2.20 -11.71
CA PRO A 80 1.94 -2.62 -13.12
C PRO A 80 0.72 -3.43 -13.57
N ARG A 81 0.18 -2.93 -14.70
CA ARG A 81 -0.95 -3.56 -15.35
C ARG A 81 -0.49 -4.87 -16.00
N CYS A 82 -1.29 -5.94 -15.84
CA CYS A 82 -0.93 -7.18 -16.53
C CYS A 82 -1.14 -7.00 -18.05
N THR A 83 0.00 -6.92 -18.77
CA THR A 83 -0.02 -6.78 -20.22
C THR A 83 0.88 -7.87 -20.82
C1 AMH B . -7.80 6.84 3.45
C2 AMH B . -9.09 6.01 3.35
C3 AMH B . -9.76 6.29 2.00
C4 AMH B . -8.90 5.85 0.81
C5 AMH B . -7.50 6.46 0.95
C6 AMH B . -6.88 6.32 2.36
C7 AMH B . -9.54 6.30 -0.54
C8 AMH B . -7.17 6.76 4.87
N AMH B . -10.07 7.65 -0.43
O1 AMH B . -7.84 6.34 5.82
O2 AMH B . -6.01 7.14 5.04
H1 AMH B . -8.02 7.90 3.29
H21 AMH B . -9.78 6.29 4.15
H22 AMH B . -8.83 4.96 3.44
H31 AMH B . -10.74 5.81 1.96
H32 AMH B . -9.91 7.36 1.98
H4 AMH B . -8.80 4.75 0.81
H51 AMH B . -6.84 6.04 0.19
H52 AMH B . -7.62 7.53 0.76
H61 AMH B . -5.93 6.85 2.40
H62 AMH B . -6.66 5.29 2.57
H71 AMH B . -8.79 6.26 -1.34
H72 AMH B . -10.34 5.60 -0.79
HN1 AMH B . -9.44 8.24 0.08
HN2 AMH B . -10.19 8.03 -1.35
HN3 AMH B . -10.96 7.62 0.03
N THR A 1 3.03 -15.60 -6.60
CA THR A 1 3.44 -15.24 -5.26
C THR A 1 3.07 -13.77 -4.96
N SER A 2 3.96 -12.88 -5.43
CA SER A 2 3.81 -11.45 -5.19
C SER A 2 2.71 -10.82 -6.06
N GLU A 3 2.68 -11.36 -7.29
CA GLU A 3 1.74 -10.96 -8.33
C GLU A 3 1.97 -9.48 -8.70
N GLU A 4 3.18 -9.24 -9.24
CA GLU A 4 3.60 -7.88 -9.60
C GLU A 4 2.95 -7.35 -10.92
N CYS A 5 1.62 -7.57 -11.02
CA CYS A 5 0.81 -7.01 -12.09
C CYS A 5 -0.63 -7.27 -11.69
N MET A 6 -1.47 -6.22 -11.86
CA MET A 6 -2.87 -6.29 -11.44
C MET A 6 -3.75 -5.89 -12.62
N HIS A 7 -5.05 -6.18 -12.43
CA HIS A 7 -6.04 -5.73 -13.39
C HIS A 7 -6.16 -4.19 -13.32
N GLY A 8 -5.98 -3.71 -12.06
CA GLY A 8 -6.04 -2.27 -11.80
C GLY A 8 -6.45 -1.94 -10.36
N SER A 9 -7.02 -2.95 -9.68
CA SER A 9 -7.56 -2.75 -8.33
C SER A 9 -6.51 -3.01 -7.23
N GLY A 10 -5.95 -4.23 -7.29
CA GLY A 10 -4.96 -4.63 -6.29
C GLY A 10 -5.60 -5.13 -4.98
N GLU A 11 -6.89 -5.50 -5.13
CA GLU A 11 -7.69 -5.97 -4.00
C GLU A 11 -6.92 -6.97 -3.11
N ASN A 12 -6.51 -8.08 -3.74
CA ASN A 12 -5.83 -9.16 -3.01
C ASN A 12 -4.28 -9.04 -3.10
N TYR A 13 -3.84 -8.07 -3.93
CA TYR A 13 -2.42 -7.85 -4.20
C TYR A 13 -1.62 -7.42 -2.95
N ASP A 14 -0.77 -8.34 -2.45
CA ASP A 14 0.13 -7.99 -1.36
C ASP A 14 1.56 -8.37 -1.80
N GLY A 15 2.01 -7.75 -2.91
CA GLY A 15 3.30 -8.15 -3.45
C GLY A 15 4.47 -7.36 -2.85
N LYS A 16 5.07 -6.54 -3.73
CA LYS A 16 6.32 -5.85 -3.37
C LYS A 16 6.40 -4.37 -3.81
N ILE A 17 5.43 -3.89 -4.62
CA ILE A 17 5.53 -2.50 -5.05
C ILE A 17 5.19 -1.59 -3.84
N SER A 18 6.04 -0.56 -3.69
CA SER A 18 5.95 0.39 -2.58
C SER A 18 6.31 1.80 -3.08
N LYS A 19 5.68 2.22 -4.20
CA LYS A 19 5.99 3.53 -4.74
C LYS A 19 4.71 4.27 -5.12
N THR A 20 4.45 5.35 -4.36
CA THR A 20 3.28 6.16 -4.67
C THR A 20 3.58 7.00 -5.91
N MET A 21 2.68 6.82 -6.90
CA MET A 21 2.69 7.34 -8.25
C MET A 21 3.25 8.77 -8.40
N SER A 22 2.85 9.63 -7.45
CA SER A 22 3.20 11.05 -7.43
C SER A 22 4.08 11.39 -6.21
N GLY A 23 3.69 10.78 -5.07
CA GLY A 23 4.34 11.03 -3.80
C GLY A 23 5.78 10.49 -3.67
N LEU A 24 5.96 9.51 -2.77
CA LEU A 24 7.28 9.01 -2.41
C LEU A 24 7.23 7.46 -2.27
N GLU A 25 8.33 6.96 -1.66
CA GLU A 25 8.42 5.54 -1.32
C GLU A 25 7.43 5.28 -0.17
N CYS A 26 6.85 4.08 -0.20
CA CYS A 26 5.88 3.74 0.82
C CYS A 26 6.52 3.37 2.17
N GLN A 27 5.75 3.81 3.17
CA GLN A 27 5.96 3.69 4.60
C GLN A 27 5.14 2.46 5.09
N ALA A 28 5.75 1.75 6.06
CA ALA A 28 5.19 0.48 6.54
C ALA A 28 3.82 0.63 7.21
N TRP A 29 3.05 -0.48 7.11
CA TRP A 29 1.68 -0.50 7.60
C TRP A 29 1.50 -0.54 9.12
N ASP A 30 2.54 -0.91 9.90
CA ASP A 30 2.29 -0.95 11.36
C ASP A 30 2.47 0.46 11.95
N SER A 31 3.04 0.55 13.16
CA SER A 31 3.23 1.86 13.81
C SER A 31 4.73 2.18 13.84
N GLN A 32 5.07 3.25 13.10
CA GLN A 32 6.46 3.65 12.97
C GLN A 32 6.60 5.18 12.86
N SER A 33 6.29 5.74 11.67
CA SER A 33 6.49 7.17 11.44
C SER A 33 6.03 7.44 9.99
N PRO A 34 5.47 8.64 9.67
CA PRO A 34 5.46 9.83 10.52
C PRO A 34 4.47 9.86 11.70
N HIS A 35 3.54 8.89 11.71
CA HIS A 35 2.56 8.85 12.80
C HIS A 35 1.86 7.49 12.75
N ALA A 36 1.21 7.16 13.89
CA ALA A 36 0.47 5.92 14.02
C ALA A 36 -0.89 6.04 13.29
N HIS A 37 -0.78 5.92 11.95
CA HIS A 37 -1.92 5.96 11.06
C HIS A 37 -2.78 4.68 11.23
N GLY A 38 -3.89 4.67 10.46
CA GLY A 38 -4.78 3.51 10.50
C GLY A 38 -4.24 2.37 9.64
N TYR A 39 -5.00 1.26 9.69
CA TYR A 39 -4.72 0.02 8.94
C TYR A 39 -3.39 -0.61 9.40
N ILE A 40 -3.40 -0.90 10.72
CA ILE A 40 -2.24 -1.50 11.37
C ILE A 40 -2.46 -3.02 11.40
N PRO A 41 -1.53 -3.82 10.81
CA PRO A 41 -1.73 -5.27 10.66
C PRO A 41 -2.05 -6.01 11.96
N SER A 42 -1.57 -5.43 13.07
CA SER A 42 -1.82 -6.00 14.39
C SER A 42 -3.32 -6.02 14.80
N LYS A 43 -4.18 -5.42 13.95
CA LYS A 43 -5.62 -5.35 14.19
C LYS A 43 -6.37 -6.20 13.15
N PHE A 44 -5.62 -6.92 12.29
CA PHE A 44 -6.26 -7.66 11.21
C PHE A 44 -5.95 -9.16 11.35
N PRO A 45 -7.02 -9.99 11.55
CA PRO A 45 -6.93 -11.42 11.21
C PRO A 45 -6.94 -11.66 9.68
N ASN A 46 -7.17 -10.54 8.95
CA ASN A 46 -7.13 -10.56 7.49
C ASN A 46 -5.64 -10.60 7.09
N LYS A 47 -5.39 -10.88 5.79
CA LYS A 47 -4.01 -10.98 5.31
C LYS A 47 -3.56 -9.67 4.64
N ASN A 48 -4.53 -8.75 4.49
CA ASN A 48 -4.36 -7.47 3.79
C ASN A 48 -2.99 -6.80 3.95
N LEU A 49 -2.78 -6.10 5.08
CA LEU A 49 -1.53 -5.35 5.21
C LEU A 49 -0.31 -6.29 5.13
N LYS A 50 0.80 -5.65 4.73
CA LYS A 50 2.05 -6.36 4.57
C LYS A 50 3.14 -5.45 5.17
N LYS A 51 4.32 -5.41 4.51
CA LYS A 51 5.41 -4.56 4.98
C LYS A 51 5.02 -3.07 4.79
N ASN A 52 5.29 -2.58 3.56
CA ASN A 52 5.03 -1.21 3.15
C ASN A 52 4.52 -1.18 1.70
N TYR A 53 3.97 -2.35 1.30
CA TYR A 53 3.54 -2.51 -0.09
C TYR A 53 2.10 -2.03 -0.28
N CYS A 54 1.82 -1.59 -1.51
CA CYS A 54 0.51 -1.06 -1.88
C CYS A 54 -0.63 -2.07 -1.66
N ARG A 55 -1.69 -1.59 -0.96
CA ARG A 55 -2.86 -2.38 -0.64
C ARG A 55 -4.15 -1.57 -0.92
N ASN A 56 -5.28 -2.18 -0.49
CA ASN A 56 -6.60 -1.61 -0.70
C ASN A 56 -7.47 -1.72 0.58
N PRO A 57 -7.02 -1.15 1.74
CA PRO A 57 -7.78 -1.32 2.99
C PRO A 57 -9.24 -0.82 2.97
N ASP A 58 -9.38 0.35 2.30
CA ASP A 58 -10.68 0.99 2.11
C ASP A 58 -11.27 0.59 0.74
N ARG A 59 -10.44 -0.18 0.04
CA ARG A 59 -10.63 -0.65 -1.31
C ARG A 59 -10.94 0.47 -2.31
N GLU A 60 -9.85 1.26 -2.38
CA GLU A 60 -9.64 2.35 -3.30
C GLU A 60 -9.48 1.70 -4.68
N LEU A 61 -9.47 2.56 -5.72
CA LEU A 61 -9.27 2.09 -7.08
C LEU A 61 -7.86 1.46 -7.20
N ARG A 62 -6.86 2.32 -7.49
CA ARG A 62 -5.49 1.82 -7.64
C ARG A 62 -4.96 1.53 -6.21
N PRO A 63 -4.15 0.44 -6.04
CA PRO A 63 -3.60 0.10 -4.72
C PRO A 63 -2.70 1.24 -4.24
N TRP A 64 -2.77 1.54 -2.93
CA TRP A 64 -2.00 2.65 -2.36
C TRP A 64 -1.31 2.21 -1.06
N CYS A 65 -0.38 3.07 -0.62
CA CYS A 65 0.26 2.88 0.68
C CYS A 65 0.62 4.27 1.18
N PHE A 66 0.92 4.31 2.50
CA PHE A 66 1.27 5.58 3.14
C PHE A 66 2.66 5.99 2.64
N THR A 67 2.95 7.31 2.67
CA THR A 67 4.28 7.74 2.24
C THR A 67 5.11 8.06 3.49
N THR A 68 6.39 8.36 3.22
CA THR A 68 7.31 8.72 4.29
C THR A 68 7.27 10.24 4.60
N ASP A 69 6.47 10.99 3.80
CA ASP A 69 6.38 12.44 3.96
C ASP A 69 5.33 12.78 5.05
N PRO A 70 5.77 13.48 6.14
CA PRO A 70 4.84 13.90 7.20
C PRO A 70 3.63 14.77 6.81
N ASN A 71 3.59 15.21 5.54
CA ASN A 71 2.49 16.03 5.05
C ASN A 71 1.80 15.35 3.87
N LYS A 72 2.12 14.06 3.66
CA LYS A 72 1.50 13.30 2.58
C LYS A 72 1.14 11.92 3.15
N ARG A 73 -0.09 11.84 3.68
CA ARG A 73 -0.52 10.60 4.31
C ARG A 73 -0.50 9.41 3.32
N TRP A 74 -1.58 9.31 2.54
CA TRP A 74 -1.73 8.27 1.54
C TRP A 74 -1.45 8.84 0.15
N GLU A 75 -1.18 7.90 -0.78
CA GLU A 75 -1.09 8.25 -2.19
C GLU A 75 -1.12 6.94 -2.97
N LEU A 76 -1.77 7.01 -4.15
CA LEU A 76 -1.90 5.84 -5.01
C LEU A 76 -0.54 5.40 -5.52
N CYS A 77 -0.39 4.07 -5.60
CA CYS A 77 0.83 3.47 -6.13
C CYS A 77 0.73 3.32 -7.62
N ASP A 78 1.91 3.38 -8.27
CA ASP A 78 1.88 3.15 -9.70
C ASP A 78 2.10 1.65 -9.91
N ILE A 79 0.96 0.93 -9.78
CA ILE A 79 1.03 -0.53 -9.96
C ILE A 79 0.90 -0.80 -11.48
N PRO A 80 1.72 -1.78 -11.95
CA PRO A 80 1.76 -2.18 -13.36
C PRO A 80 0.54 -3.06 -13.69
N ARG A 81 -0.16 -2.65 -14.76
CA ARG A 81 -1.30 -3.45 -15.20
C ARG A 81 -0.76 -4.72 -15.88
N CYS A 82 -1.48 -5.85 -15.69
CA CYS A 82 -1.13 -7.05 -16.44
C CYS A 82 -1.56 -6.81 -17.90
N THR A 83 -0.57 -6.50 -18.76
CA THR A 83 -0.86 -6.21 -20.15
C THR A 83 0.46 -6.16 -20.95
C1 AMH B . -7.48 6.84 3.51
C2 AMH B . -8.72 5.98 3.32
C3 AMH B . -9.36 6.27 1.97
C4 AMH B . -8.42 5.84 0.82
C5 AMH B . -7.09 6.57 0.99
C6 AMH B . -6.49 6.50 2.41
C7 AMH B . -9.05 6.19 -0.56
C8 AMH B . -6.86 6.65 4.92
N AMH B . -9.62 7.53 -0.55
O1 AMH B . -7.60 6.43 5.89
O2 AMH B . -5.64 6.76 5.08
H1 AMH B . -7.73 7.90 3.43
H21 AMH B . -9.46 6.20 4.09
H22 AMH B . -8.43 4.92 3.37
H31 AMH B . -10.32 5.77 1.88
H32 AMH B . -9.53 7.34 1.92
H4 AMH B . -8.26 4.76 0.87
H51 AMH B . -6.39 6.19 0.26
H52 AMH B . -7.28 7.62 0.78
H61 AMH B . -5.66 7.19 2.51
H62 AMH B . -6.09 5.51 2.59
H71 AMH B . -8.28 6.14 -1.35
H72 AMH B . -9.83 5.46 -0.79
HN1 AMH B . -9.02 8.18 -0.07
HN2 AMH B . -9.75 7.84 -1.49
HN3 AMH B . -10.51 7.50 -0.09
N THR A 1 7.92 -12.56 -10.21
CA THR A 1 7.00 -13.44 -10.89
C THR A 1 5.81 -13.85 -10.00
N SER A 2 5.32 -12.90 -9.17
CA SER A 2 4.20 -13.23 -8.29
C SER A 2 3.61 -11.94 -7.70
N GLU A 3 2.26 -11.85 -7.79
CA GLU A 3 1.48 -10.72 -7.28
C GLU A 3 1.99 -9.36 -7.80
N GLU A 4 2.45 -9.35 -9.06
CA GLU A 4 3.08 -8.15 -9.59
C GLU A 4 2.40 -7.59 -10.85
N CYS A 5 1.09 -7.88 -10.93
CA CYS A 5 0.26 -7.28 -11.97
C CYS A 5 -1.18 -7.44 -11.48
N MET A 6 -1.96 -6.35 -11.66
CA MET A 6 -3.33 -6.31 -11.14
C MET A 6 -4.29 -5.89 -12.26
N HIS A 7 -5.58 -6.03 -11.87
CA HIS A 7 -6.69 -5.59 -12.70
C HIS A 7 -6.81 -4.05 -12.69
N GLY A 8 -6.32 -3.47 -11.58
CA GLY A 8 -6.33 -2.02 -11.43
C GLY A 8 -6.33 -1.58 -9.97
N SER A 9 -7.14 -2.32 -9.19
CA SER A 9 -7.38 -2.03 -7.78
C SER A 9 -6.49 -2.89 -6.86
N GLY A 10 -6.54 -4.21 -7.11
CA GLY A 10 -5.69 -5.10 -6.34
C GLY A 10 -6.19 -5.29 -4.90
N GLU A 11 -7.44 -5.76 -4.86
CA GLU A 11 -8.12 -5.97 -3.59
C GLU A 11 -7.29 -6.88 -2.63
N ASN A 12 -6.84 -8.01 -3.21
CA ASN A 12 -6.05 -8.98 -2.45
C ASN A 12 -4.54 -8.91 -2.81
N TYR A 13 -4.19 -7.83 -3.53
CA TYR A 13 -2.80 -7.63 -3.94
C TYR A 13 -1.97 -7.09 -2.75
N ASP A 14 -1.34 -8.02 -2.01
CA ASP A 14 -0.36 -7.61 -1.01
C ASP A 14 0.98 -8.13 -1.55
N GLY A 15 1.23 -7.70 -2.80
CA GLY A 15 2.33 -8.21 -3.59
C GLY A 15 3.70 -7.66 -3.23
N LYS A 16 4.06 -6.57 -3.95
CA LYS A 16 5.41 -6.02 -3.82
C LYS A 16 5.54 -4.50 -4.15
N ILE A 17 4.71 -3.95 -5.07
CA ILE A 17 4.88 -2.54 -5.41
C ILE A 17 4.37 -1.68 -4.24
N SER A 18 5.26 -0.72 -3.88
CA SER A 18 5.02 0.21 -2.77
C SER A 18 5.47 1.66 -3.11
N LYS A 19 5.29 2.04 -4.39
CA LYS A 19 5.71 3.37 -4.83
C LYS A 19 4.46 4.17 -5.22
N THR A 20 4.31 5.34 -4.55
CA THR A 20 3.17 6.17 -4.84
C THR A 20 3.41 6.94 -6.15
N MET A 21 2.41 6.82 -7.03
CA MET A 21 2.36 7.33 -8.39
C MET A 21 2.97 8.73 -8.59
N SER A 22 2.69 9.58 -7.60
CA SER A 22 3.07 10.99 -7.61
C SER A 22 4.10 11.30 -6.51
N GLY A 23 3.67 10.90 -5.30
CA GLY A 23 4.37 11.20 -4.06
C GLY A 23 5.81 10.62 -3.91
N LEU A 24 5.90 9.59 -3.05
CA LEU A 24 7.18 9.05 -2.60
C LEU A 24 7.06 7.53 -2.46
N GLU A 25 8.10 6.97 -1.81
CA GLU A 25 8.09 5.56 -1.45
C GLU A 25 7.16 5.43 -0.24
N CYS A 26 6.37 4.36 -0.23
CA CYS A 26 5.44 4.17 0.87
C CYS A 26 6.14 3.70 2.17
N GLN A 27 5.42 4.09 3.22
CA GLN A 27 5.68 3.88 4.62
C GLN A 27 4.88 2.63 5.05
N ALA A 28 5.56 1.81 5.88
CA ALA A 28 4.99 0.53 6.30
C ALA A 28 3.68 0.69 7.10
N TRP A 29 2.84 -0.35 6.95
CA TRP A 29 1.51 -0.37 7.56
C TRP A 29 1.53 -0.52 9.10
N ASP A 30 2.72 -0.74 9.68
CA ASP A 30 2.79 -0.90 11.13
C ASP A 30 2.62 0.48 11.81
N SER A 31 3.55 0.81 12.73
CA SER A 31 3.55 2.10 13.36
C SER A 31 5.01 2.49 13.55
N GLN A 32 5.33 3.64 12.92
CA GLN A 32 6.70 4.10 12.86
C GLN A 32 6.76 5.63 12.86
N SER A 33 6.21 6.16 11.75
CA SER A 33 6.15 7.57 11.42
C SER A 33 5.29 7.61 10.15
N PRO A 34 4.83 8.82 9.69
CA PRO A 34 4.91 10.09 10.41
C PRO A 34 4.12 10.15 11.73
N HIS A 35 3.19 9.19 11.85
CA HIS A 35 2.36 9.06 13.04
C HIS A 35 1.65 7.70 12.93
N ALA A 36 1.00 7.33 14.05
CA ALA A 36 0.25 6.08 14.12
C ALA A 36 -1.07 6.20 13.33
N HIS A 37 -0.91 6.07 12.01
CA HIS A 37 -2.02 6.09 11.06
C HIS A 37 -2.93 4.86 11.25
N GLY A 38 -4.08 4.91 10.56
CA GLY A 38 -5.00 3.77 10.63
C GLY A 38 -4.49 2.62 9.75
N TYR A 39 -5.28 1.52 9.76
CA TYR A 39 -4.95 0.33 8.96
C TYR A 39 -3.64 -0.33 9.44
N ILE A 40 -3.63 -0.61 10.75
CA ILE A 40 -2.46 -1.21 11.38
C ILE A 40 -2.74 -2.72 11.48
N PRO A 41 -1.80 -3.58 10.97
CA PRO A 41 -2.01 -5.03 10.94
C PRO A 41 -2.50 -5.72 12.23
N SER A 42 -2.20 -5.06 13.37
CA SER A 42 -2.60 -5.55 14.67
C SER A 42 -4.13 -5.70 14.85
N LYS A 43 -4.87 -5.00 13.96
CA LYS A 43 -6.33 -5.01 14.02
C LYS A 43 -6.94 -5.87 12.89
N PHE A 44 -6.05 -6.58 12.17
CA PHE A 44 -6.50 -7.39 11.04
C PHE A 44 -6.14 -8.87 11.26
N PRO A 45 -7.18 -9.73 11.45
CA PRO A 45 -6.98 -11.16 11.27
C PRO A 45 -6.84 -11.53 9.78
N ASN A 46 -7.15 -10.52 8.93
CA ASN A 46 -6.96 -10.63 7.50
C ASN A 46 -5.48 -10.34 7.25
N LYS A 47 -4.95 -10.82 6.10
CA LYS A 47 -3.54 -10.61 5.77
C LYS A 47 -3.41 -9.49 4.74
N ASN A 48 -4.41 -8.57 4.76
CA ASN A 48 -4.45 -7.48 3.80
C ASN A 48 -3.18 -6.62 3.85
N LEU A 49 -2.91 -6.02 5.03
CA LEU A 49 -1.71 -5.21 5.10
C LEU A 49 -0.47 -6.12 4.98
N LYS A 50 0.68 -5.46 4.75
CA LYS A 50 1.93 -6.20 4.65
C LYS A 50 3.05 -5.26 5.12
N LYS A 51 4.15 -5.22 4.34
CA LYS A 51 5.26 -4.33 4.70
C LYS A 51 4.75 -2.86 4.54
N ASN A 52 4.90 -2.37 3.31
CA ASN A 52 4.46 -1.03 2.89
C ASN A 52 3.69 -1.13 1.56
N TYR A 53 3.60 -2.36 1.03
CA TYR A 53 2.98 -2.65 -0.27
C TYR A 53 1.60 -1.97 -0.37
N CYS A 54 1.35 -1.36 -1.54
CA CYS A 54 0.09 -0.66 -1.75
C CYS A 54 -1.09 -1.63 -1.72
N ARG A 55 -2.12 -1.25 -0.93
CA ARG A 55 -3.30 -2.09 -0.79
C ARG A 55 -4.55 -1.30 -1.15
N ASN A 56 -5.70 -1.95 -0.86
CA ASN A 56 -7.00 -1.35 -1.06
C ASN A 56 -7.89 -1.67 0.16
N PRO A 57 -7.47 -1.23 1.40
CA PRO A 57 -8.20 -1.63 2.61
C PRO A 57 -9.67 -1.15 2.69
N ASP A 58 -9.86 -0.03 1.98
CA ASP A 58 -11.14 0.66 1.81
C ASP A 58 -11.53 0.69 0.33
N ARG A 59 -10.85 -0.23 -0.39
CA ARG A 59 -10.92 -0.43 -1.81
C ARG A 59 -11.15 0.88 -2.60
N GLU A 60 -10.01 1.55 -2.78
CA GLU A 60 -9.90 2.79 -3.54
C GLU A 60 -9.87 2.39 -5.03
N LEU A 61 -9.73 3.41 -5.89
CA LEU A 61 -9.62 3.15 -7.32
C LEU A 61 -8.36 2.28 -7.59
N ARG A 62 -7.20 2.96 -7.46
CA ARG A 62 -5.89 2.33 -7.62
C ARG A 62 -5.36 2.08 -6.18
N PRO A 63 -4.59 0.97 -5.96
CA PRO A 63 -4.07 0.63 -4.63
C PRO A 63 -3.15 1.75 -4.09
N TRP A 64 -3.33 2.06 -2.80
CA TRP A 64 -2.58 3.13 -2.15
C TRP A 64 -1.86 2.61 -0.90
N CYS A 65 -1.03 3.50 -0.35
CA CYS A 65 -0.36 3.27 0.91
C CYS A 65 0.01 4.65 1.46
N PHE A 66 0.38 4.65 2.76
CA PHE A 66 0.80 5.88 3.41
C PHE A 66 2.23 6.19 2.96
N THR A 67 2.61 7.47 3.00
CA THR A 67 3.96 7.86 2.57
C THR A 67 4.78 8.24 3.80
N THR A 68 6.07 8.48 3.53
CA THR A 68 6.98 8.86 4.59
C THR A 68 6.84 10.34 4.98
N ASP A 69 6.15 11.11 4.11
CA ASP A 69 6.02 12.54 4.36
C ASP A 69 4.83 12.85 5.30
N PRO A 70 5.09 13.65 6.38
CA PRO A 70 4.02 14.10 7.27
C PRO A 70 2.84 14.92 6.70
N ASN A 71 2.90 15.24 5.40
CA ASN A 71 1.82 16.00 4.77
C ASN A 71 1.15 15.14 3.68
N LYS A 72 1.99 14.38 2.94
CA LYS A 72 1.40 13.49 1.96
C LYS A 72 1.09 12.18 2.72
N ARG A 73 -0.03 12.25 3.44
CA ARG A 73 -0.47 11.12 4.25
C ARG A 73 -0.60 9.83 3.38
N TRP A 74 -1.72 9.74 2.64
CA TRP A 74 -1.92 8.62 1.74
C TRP A 74 -1.61 9.06 0.30
N GLU A 75 -1.36 8.05 -0.56
CA GLU A 75 -1.21 8.36 -1.97
C GLU A 75 -1.41 7.08 -2.79
N LEU A 76 -1.97 7.29 -4.00
CA LEU A 76 -2.19 6.19 -4.92
C LEU A 76 -0.83 5.72 -5.46
N CYS A 77 -0.75 4.39 -5.65
CA CYS A 77 0.44 3.77 -6.19
C CYS A 77 0.31 3.52 -7.68
N ASP A 78 1.50 3.38 -8.31
CA ASP A 78 1.50 3.05 -9.72
C ASP A 78 1.80 1.54 -9.84
N ILE A 79 0.69 0.81 -9.95
CA ILE A 79 0.74 -0.65 -10.07
C ILE A 79 0.54 -0.98 -11.56
N PRO A 80 1.32 -1.98 -12.05
CA PRO A 80 1.25 -2.44 -13.44
C PRO A 80 0.03 -3.32 -13.71
N ARG A 81 -0.64 -2.96 -14.82
CA ARG A 81 -1.78 -3.75 -15.28
C ARG A 81 -1.29 -5.09 -15.84
N CYS A 82 -2.08 -6.15 -15.56
CA CYS A 82 -1.75 -7.43 -16.20
C CYS A 82 -2.04 -7.32 -17.71
N THR A 83 -0.95 -7.20 -18.47
CA THR A 83 -1.04 -7.09 -19.93
C THR A 83 0.39 -7.25 -20.51
C1 AMH B . -7.50 7.40 3.24
C2 AMH B . -8.87 6.75 3.41
C3 AMH B . -9.58 6.62 2.05
C4 AMH B . -8.79 5.78 1.03
C5 AMH B . -7.38 6.38 0.92
C6 AMH B . -6.69 6.52 2.28
C7 AMH B . -9.43 5.84 -0.37
C8 AMH B . -6.74 7.53 4.58
N AMH B . -10.83 5.42 -0.34
O1 AMH B . -7.10 6.89 5.57
O2 AMH B . -5.79 8.30 4.64
H1 AMH B . -7.62 8.39 2.82
H21 AMH B . -9.49 7.31 4.10
H22 AMH B . -8.71 5.76 3.84
H31 AMH B . -10.57 6.21 2.20
H32 AMH B . -9.70 7.62 1.63
H4 AMH B . -8.73 4.74 1.37
H51 AMH B . -6.77 5.80 0.22
H52 AMH B . -7.48 7.37 0.48
H61 AMH B . -5.70 6.95 2.18
H62 AMH B . -6.58 5.55 2.75
H71 AMH B . -9.37 6.85 -0.78
H72 AMH B . -8.87 5.18 -1.06
HN1 AMH B . -11.14 5.24 -1.28
HN2 AMH B . -10.93 4.58 0.20
HN3 AMH B . -11.39 6.14 0.06
N THR A 1 6.68 -12.67 -8.46
CA THR A 1 5.96 -13.57 -7.60
C THR A 1 5.40 -12.64 -6.52
N SER A 2 4.48 -13.20 -5.72
CA SER A 2 3.89 -12.49 -4.59
C SER A 2 3.12 -11.21 -5.00
N GLU A 3 1.87 -11.46 -5.45
CA GLU A 3 0.92 -10.40 -5.83
C GLU A 3 1.59 -9.27 -6.64
N GLU A 4 2.35 -9.68 -7.66
CA GLU A 4 3.17 -8.71 -8.38
C GLU A 4 2.37 -7.72 -9.27
N CYS A 5 1.68 -8.27 -10.28
CA CYS A 5 0.92 -7.44 -11.22
C CYS A 5 -0.58 -7.59 -10.97
N MET A 6 -1.33 -6.54 -11.35
CA MET A 6 -2.80 -6.57 -11.22
C MET A 6 -3.41 -6.01 -12.50
N HIS A 7 -4.70 -6.33 -12.68
CA HIS A 7 -5.43 -5.79 -13.82
C HIS A 7 -5.75 -4.28 -13.67
N GLY A 8 -5.45 -3.71 -12.49
CA GLY A 8 -5.63 -2.26 -12.29
C GLY A 8 -6.37 -1.85 -11.01
N SER A 9 -6.81 -2.84 -10.20
CA SER A 9 -7.58 -2.53 -9.00
C SER A 9 -6.69 -2.48 -7.74
N GLY A 10 -5.89 -3.55 -7.60
CA GLY A 10 -5.05 -3.65 -6.42
C GLY A 10 -5.74 -4.44 -5.29
N GLU A 11 -6.97 -4.89 -5.60
CA GLU A 11 -7.81 -5.62 -4.64
C GLU A 11 -7.03 -6.68 -3.84
N ASN A 12 -6.39 -7.59 -4.60
CA ASN A 12 -5.62 -8.66 -3.96
C ASN A 12 -4.14 -8.26 -3.75
N TYR A 13 -3.78 -7.09 -4.34
CA TYR A 13 -2.40 -6.64 -4.26
C TYR A 13 -1.97 -6.33 -2.83
N ASP A 14 -0.89 -7.04 -2.47
CA ASP A 14 -0.09 -6.79 -1.29
C ASP A 14 1.21 -7.59 -1.51
N GLY A 15 1.88 -7.16 -2.59
CA GLY A 15 3.04 -7.88 -3.11
C GLY A 15 4.41 -7.39 -2.66
N LYS A 16 5.03 -6.61 -3.59
CA LYS A 16 6.45 -6.28 -3.40
C LYS A 16 6.89 -4.88 -3.84
N ILE A 17 5.98 -4.14 -4.50
CA ILE A 17 6.21 -2.77 -4.97
C ILE A 17 5.60 -1.83 -3.92
N SER A 18 6.32 -0.73 -3.66
CA SER A 18 5.93 0.26 -2.65
C SER A 18 6.20 1.69 -3.16
N LYS A 19 6.06 1.88 -4.49
CA LYS A 19 6.40 3.19 -5.04
C LYS A 19 5.12 3.94 -5.44
N THR A 20 4.98 5.15 -4.83
CA THR A 20 3.84 6.01 -5.06
C THR A 20 4.01 6.72 -6.42
N MET A 21 2.93 6.53 -7.19
CA MET A 21 2.79 6.91 -8.60
C MET A 21 3.29 8.33 -8.89
N SER A 22 2.94 9.24 -7.97
CA SER A 22 3.24 10.66 -8.16
C SER A 22 4.22 11.16 -7.10
N GLY A 23 5.00 10.23 -6.52
CA GLY A 23 5.87 10.74 -5.46
C GLY A 23 6.99 9.79 -4.97
N LEU A 24 6.78 9.34 -3.72
CA LEU A 24 7.79 8.72 -2.87
C LEU A 24 7.71 7.20 -2.87
N GLU A 25 8.46 6.64 -1.89
CA GLU A 25 8.45 5.23 -1.54
C GLU A 25 7.56 5.13 -0.28
N CYS A 26 6.92 3.96 -0.12
CA CYS A 26 6.02 3.74 0.99
C CYS A 26 6.73 3.30 2.29
N GLN A 27 6.02 3.75 3.34
CA GLN A 27 6.29 3.58 4.76
C GLN A 27 5.47 2.36 5.23
N ALA A 28 6.10 1.60 6.16
CA ALA A 28 5.52 0.35 6.65
C ALA A 28 4.18 0.52 7.40
N TRP A 29 3.34 -0.54 7.28
CA TRP A 29 2.01 -0.55 7.87
C TRP A 29 2.01 -0.72 9.40
N ASP A 30 3.20 -0.95 9.99
CA ASP A 30 3.26 -1.15 11.43
C ASP A 30 3.13 0.24 12.12
N SER A 31 4.07 0.52 13.03
CA SER A 31 4.11 1.84 13.65
C SER A 31 5.58 2.19 13.82
N GLN A 32 5.93 3.30 13.16
CA GLN A 32 7.31 3.71 13.07
C GLN A 32 7.42 5.25 13.05
N SER A 33 6.91 5.79 11.94
CA SER A 33 6.90 7.20 11.60
C SER A 33 6.08 7.26 10.30
N PRO A 34 5.69 8.49 9.84
CA PRO A 34 5.79 9.76 10.57
C PRO A 34 4.92 9.86 11.84
N HIS A 35 3.95 8.93 11.92
CA HIS A 35 3.07 8.89 13.07
C HIS A 35 2.35 7.54 13.04
N ALA A 36 1.77 7.18 14.20
CA ALA A 36 1.03 5.92 14.33
C ALA A 36 -0.33 6.01 13.62
N HIS A 37 -0.25 5.83 12.30
CA HIS A 37 -1.40 5.82 11.41
C HIS A 37 -2.25 4.53 11.66
N GLY A 38 -3.42 4.51 11.01
CA GLY A 38 -4.30 3.34 11.12
C GLY A 38 -3.84 2.23 10.16
N TYR A 39 -4.69 1.19 10.05
CA TYR A 39 -4.41 0.05 9.17
C TYR A 39 -3.14 -0.68 9.64
N ILE A 40 -3.19 -1.06 10.93
CA ILE A 40 -2.05 -1.68 11.58
C ILE A 40 -2.29 -3.20 11.57
N PRO A 41 -1.32 -3.99 11.02
CA PRO A 41 -1.49 -5.44 10.84
C PRO A 41 -1.99 -6.24 12.06
N SER A 42 -1.71 -5.68 13.25
CA SER A 42 -2.10 -6.30 14.51
C SER A 42 -3.62 -6.51 14.67
N LYS A 43 -4.39 -5.77 13.84
CA LYS A 43 -5.84 -5.83 13.89
C LYS A 43 -6.42 -6.61 12.70
N PHE A 44 -5.51 -7.23 11.92
CA PHE A 44 -5.95 -7.93 10.71
C PHE A 44 -5.53 -9.41 10.75
N PRO A 45 -6.53 -10.33 10.87
CA PRO A 45 -6.31 -11.73 10.54
C PRO A 45 -6.25 -11.98 9.01
N ASN A 46 -6.48 -10.87 8.26
CA ASN A 46 -6.41 -10.89 6.80
C ASN A 46 -4.92 -10.92 6.41
N LYS A 47 -4.67 -11.07 5.09
CA LYS A 47 -3.29 -11.10 4.62
C LYS A 47 -2.78 -9.70 4.25
N ASN A 48 -3.76 -8.77 4.13
CA ASN A 48 -3.55 -7.43 3.61
C ASN A 48 -2.19 -6.75 3.93
N LEU A 49 -2.17 -5.97 5.03
CA LEU A 49 -1.01 -5.18 5.37
C LEU A 49 0.23 -6.08 5.51
N LYS A 50 1.21 -5.70 4.68
CA LYS A 50 2.49 -6.41 4.63
C LYS A 50 3.52 -5.47 5.24
N LYS A 51 4.74 -5.49 4.66
CA LYS A 51 5.77 -4.56 5.12
C LYS A 51 5.31 -3.10 4.91
N ASN A 52 5.52 -2.65 3.67
CA ASN A 52 5.23 -1.29 3.24
C ASN A 52 4.60 -1.28 1.84
N TYR A 53 4.14 -2.49 1.44
CA TYR A 53 3.59 -2.68 0.11
C TYR A 53 2.12 -2.29 0.09
N CYS A 54 1.78 -1.66 -1.05
CA CYS A 54 0.45 -1.10 -1.27
C CYS A 54 -0.69 -2.09 -1.01
N ARG A 55 -1.87 -1.50 -0.79
CA ARG A 55 -3.08 -2.24 -0.52
C ARG A 55 -4.27 -1.42 -1.03
N ASN A 56 -5.40 -2.12 -0.89
CA ASN A 56 -6.76 -1.64 -1.10
C ASN A 56 -7.51 -2.03 0.19
N PRO A 57 -7.30 -1.28 1.32
CA PRO A 57 -8.04 -1.58 2.55
C PRO A 57 -9.51 -1.11 2.49
N ASP A 58 -9.64 0.12 1.96
CA ASP A 58 -10.93 0.77 1.75
C ASP A 58 -11.43 0.48 0.32
N ARG A 59 -10.47 -0.09 -0.45
CA ARG A 59 -10.64 -0.61 -1.79
C ARG A 59 -11.24 0.41 -2.77
N GLU A 60 -10.36 1.40 -2.92
CA GLU A 60 -10.39 2.51 -3.84
C GLU A 60 -10.07 1.96 -5.25
N LEU A 61 -9.73 2.91 -6.13
CA LEU A 61 -9.39 2.57 -7.50
C LEU A 61 -8.02 1.85 -7.57
N ARG A 62 -6.97 2.64 -7.31
CA ARG A 62 -5.57 2.21 -7.40
C ARG A 62 -5.00 1.97 -5.97
N PRO A 63 -4.20 0.87 -5.77
CA PRO A 63 -3.71 0.49 -4.43
C PRO A 63 -2.76 1.54 -3.85
N TRP A 64 -2.95 1.93 -2.58
CA TRP A 64 -2.08 2.93 -1.94
C TRP A 64 -1.36 2.34 -0.70
N CYS A 65 -0.45 3.18 -0.19
CA CYS A 65 0.26 2.95 1.06
C CYS A 65 0.64 4.34 1.58
N PHE A 66 1.05 4.36 2.86
CA PHE A 66 1.49 5.61 3.47
C PHE A 66 2.89 5.93 2.95
N THR A 67 3.23 7.22 2.90
CA THR A 67 4.54 7.62 2.38
C THR A 67 5.47 7.92 3.56
N THR A 68 6.74 8.17 3.18
CA THR A 68 7.76 8.49 4.16
C THR A 68 7.70 9.98 4.59
N ASP A 69 6.95 10.78 3.79
CA ASP A 69 6.89 12.22 4.06
C ASP A 69 5.86 12.51 5.18
N PRO A 70 6.23 13.42 6.14
CA PRO A 70 5.37 13.72 7.28
C PRO A 70 4.10 14.55 6.97
N ASN A 71 3.93 14.90 5.70
CA ASN A 71 2.74 15.67 5.29
C ASN A 71 1.93 14.86 4.26
N LYS A 72 2.66 14.13 3.39
CA LYS A 72 1.96 13.32 2.41
C LYS A 72 1.64 11.96 3.06
N ARG A 73 0.48 11.95 3.73
CA ARG A 73 0.00 10.76 4.42
C ARG A 73 -0.02 9.53 3.47
N TRP A 74 -1.11 9.43 2.69
CA TRP A 74 -1.29 8.30 1.78
C TRP A 74 -0.95 8.70 0.33
N GLU A 75 -0.79 7.64 -0.50
CA GLU A 75 -0.62 7.86 -1.93
C GLU A 75 -0.77 6.54 -2.71
N LEU A 76 -1.36 6.70 -3.91
CA LEU A 76 -1.59 5.58 -4.84
C LEU A 76 -0.25 5.14 -5.43
N CYS A 77 -0.03 3.82 -5.39
CA CYS A 77 1.15 3.16 -5.94
C CYS A 77 0.99 2.90 -7.43
N ASP A 78 2.15 2.59 -8.03
CA ASP A 78 2.16 2.14 -9.41
C ASP A 78 2.57 0.66 -9.37
N ILE A 79 1.61 -0.19 -9.79
CA ILE A 79 1.81 -1.63 -9.83
C ILE A 79 1.89 -2.00 -11.32
N PRO A 80 2.82 -2.92 -11.69
CA PRO A 80 2.87 -3.42 -13.07
C PRO A 80 1.52 -4.06 -13.44
N ARG A 81 0.96 -3.61 -14.57
CA ARG A 81 -0.33 -4.15 -14.96
C ARG A 81 -0.19 -5.55 -15.57
N CYS A 82 -1.02 -6.49 -15.07
CA CYS A 82 -1.13 -7.79 -15.74
C CYS A 82 -1.99 -7.51 -16.99
N THR A 83 -1.33 -7.38 -18.15
CA THR A 83 -2.06 -7.00 -19.35
C THR A 83 -1.25 -7.37 -20.60
C1 AMH B . -7.13 6.95 3.50
C2 AMH B . -8.42 6.12 3.33
C3 AMH B . -8.94 6.25 1.90
C4 AMH B . -7.95 5.60 0.93
C5 AMH B . -6.62 6.34 1.08
C6 AMH B . -6.10 6.39 2.52
C7 AMH B . -8.38 5.64 -0.56
C8 AMH B . -6.59 6.87 4.96
N AMH B . -9.04 6.90 -0.90
O1 AMH B . -5.42 7.17 5.19
O2 AMH B . -7.33 6.52 5.88
H1 AMH B . -7.32 7.99 3.29
H21 AMH B . -9.18 6.45 4.03
H22 AMH B . -8.17 5.08 3.52
H31 AMH B . -9.93 5.78 1.82
H32 AMH B . -9.06 7.30 1.68
H4 AMH B . -7.81 4.55 1.21
H51 AMH B . -5.89 5.90 0.40
H52 AMH B . -6.79 7.37 0.75
H61 AMH B . -5.20 7.00 2.56
H62 AMH B . -5.80 5.42 2.86
H71 AMH B . -7.51 5.50 -1.19
H72 AMH B . -9.08 4.81 -0.74
HN1 AMH B . -9.16 6.98 -1.89
HN2 AMH B . -9.95 6.93 -0.47
HN3 AMH B . -8.50 7.67 -0.57
N THR A 1 7.33 -13.39 -8.42
CA THR A 1 6.48 -13.08 -7.30
C THR A 1 5.12 -13.58 -7.79
N SER A 2 4.07 -13.31 -7.00
CA SER A 2 2.71 -13.68 -7.35
C SER A 2 1.88 -12.48 -6.92
N GLU A 3 0.67 -12.38 -7.49
CA GLU A 3 -0.24 -11.29 -7.18
C GLU A 3 0.44 -9.92 -7.34
N GLU A 4 1.22 -9.83 -8.45
CA GLU A 4 2.03 -8.64 -8.71
C GLU A 4 1.73 -7.97 -10.07
N CYS A 5 0.60 -8.38 -10.68
CA CYS A 5 0.09 -7.69 -11.87
C CYS A 5 -1.43 -7.86 -11.76
N MET A 6 -2.14 -6.74 -11.99
CA MET A 6 -3.58 -6.71 -11.74
C MET A 6 -4.31 -6.05 -12.92
N HIS A 7 -5.63 -5.91 -12.69
CA HIS A 7 -6.50 -5.20 -13.63
C HIS A 7 -6.35 -3.67 -13.44
N GLY A 8 -6.17 -3.27 -12.17
CA GLY A 8 -6.03 -1.83 -11.92
C GLY A 8 -5.93 -1.50 -10.42
N SER A 9 -6.86 -2.11 -9.66
CA SER A 9 -6.99 -1.87 -8.24
C SER A 9 -6.06 -2.80 -7.45
N GLY A 10 -6.41 -4.09 -7.48
CA GLY A 10 -5.56 -5.06 -6.79
C GLY A 10 -6.04 -5.36 -5.38
N GLU A 11 -7.27 -5.88 -5.37
CA GLU A 11 -7.88 -6.28 -4.12
C GLU A 11 -7.03 -7.35 -3.39
N ASN A 12 -6.30 -8.14 -4.21
CA ASN A 12 -5.40 -9.18 -3.69
C ASN A 12 -3.91 -8.86 -3.98
N TYR A 13 -3.65 -7.62 -4.45
CA TYR A 13 -2.25 -7.25 -4.74
C TYR A 13 -1.50 -7.02 -3.42
N ASP A 14 -0.51 -7.88 -3.15
CA ASP A 14 0.32 -7.70 -1.96
C ASP A 14 1.78 -8.11 -2.26
N GLY A 15 2.18 -7.82 -3.52
CA GLY A 15 3.48 -8.23 -4.03
C GLY A 15 4.67 -7.50 -3.39
N LYS A 16 5.20 -6.53 -4.16
CA LYS A 16 6.45 -5.88 -3.74
C LYS A 16 6.57 -4.37 -4.10
N ILE A 17 5.65 -3.85 -4.91
CA ILE A 17 5.75 -2.43 -5.29
C ILE A 17 5.20 -1.58 -4.12
N SER A 18 6.01 -0.56 -3.79
CA SER A 18 5.76 0.39 -2.72
C SER A 18 6.15 1.81 -3.20
N LYS A 19 5.74 2.15 -4.44
CA LYS A 19 6.11 3.45 -5.00
C LYS A 19 4.83 4.21 -5.35
N THR A 20 4.59 5.26 -4.55
CA THR A 20 3.40 6.07 -4.78
C THR A 20 3.63 7.03 -5.97
N MET A 21 2.72 6.86 -6.94
CA MET A 21 2.64 7.49 -8.25
C MET A 21 2.99 8.99 -8.27
N SER A 22 2.54 9.71 -7.23
CA SER A 22 2.76 11.15 -7.15
C SER A 22 3.24 11.52 -5.75
N GLY A 23 4.12 10.64 -5.24
CA GLY A 23 4.63 10.84 -3.89
C GLY A 23 6.04 10.26 -3.74
N LEU A 24 6.17 9.31 -2.80
CA LEU A 24 7.49 8.76 -2.46
C LEU A 24 7.36 7.23 -2.31
N GLU A 25 8.40 6.67 -1.66
CA GLU A 25 8.40 5.26 -1.28
C GLU A 25 7.40 5.12 -0.13
N CYS A 26 6.67 4.00 -0.13
CA CYS A 26 5.70 3.78 0.92
C CYS A 26 6.38 3.38 2.24
N GLN A 27 5.69 3.89 3.27
CA GLN A 27 5.96 3.72 4.67
C GLN A 27 5.09 2.54 5.12
N ALA A 28 5.73 1.65 5.92
CA ALA A 28 5.06 0.41 6.34
C ALA A 28 3.72 0.64 7.06
N TRP A 29 2.84 -0.35 6.88
CA TRP A 29 1.47 -0.28 7.38
C TRP A 29 1.28 -0.33 8.91
N ASP A 30 2.29 -0.77 9.71
CA ASP A 30 2.00 -0.85 11.15
C ASP A 30 2.21 0.52 11.82
N SER A 31 2.72 0.51 13.05
CA SER A 31 2.97 1.77 13.77
C SER A 31 4.47 1.99 13.81
N GLN A 32 4.88 3.06 13.09
CA GLN A 32 6.30 3.36 12.97
C GLN A 32 6.57 4.88 12.97
N SER A 33 6.34 5.54 11.82
CA SER A 33 6.65 6.96 11.65
C SER A 33 6.39 7.32 10.17
N PRO A 34 5.76 8.49 9.86
CA PRO A 34 5.65 9.65 10.75
C PRO A 34 4.60 9.64 11.87
N HIS A 35 3.66 8.67 11.81
CA HIS A 35 2.65 8.62 12.86
C HIS A 35 1.92 7.27 12.80
N ALA A 36 1.28 6.97 13.95
CA ALA A 36 0.51 5.74 14.11
C ALA A 36 -0.87 5.89 13.40
N HIS A 37 -0.78 5.89 12.06
CA HIS A 37 -1.97 5.97 11.22
C HIS A 37 -2.77 4.64 11.34
N GLY A 38 -3.99 4.66 10.76
CA GLY A 38 -4.83 3.47 10.81
C GLY A 38 -4.34 2.38 9.83
N TYR A 39 -5.13 1.28 9.79
CA TYR A 39 -4.85 0.13 8.93
C TYR A 39 -3.53 -0.56 9.36
N ILE A 40 -3.49 -0.82 10.67
CA ILE A 40 -2.31 -1.37 11.34
C ILE A 40 -2.42 -2.91 11.42
N PRO A 41 -1.61 -3.69 10.63
CA PRO A 41 -1.76 -5.15 10.59
C PRO A 41 -1.76 -5.92 11.91
N SER A 42 -1.14 -5.33 12.96
CA SER A 42 -1.15 -6.02 14.25
C SER A 42 -2.58 -6.12 14.86
N LYS A 43 -3.54 -5.45 14.20
CA LYS A 43 -4.93 -5.38 14.64
C LYS A 43 -5.84 -6.16 13.67
N PHE A 44 -5.19 -6.87 12.73
CA PHE A 44 -5.93 -7.63 11.73
C PHE A 44 -5.55 -9.12 11.85
N PRO A 45 -6.53 -9.99 12.24
CA PRO A 45 -6.35 -11.43 12.01
C PRO A 45 -6.35 -11.79 10.51
N ASN A 46 -6.77 -10.78 9.72
CA ASN A 46 -6.74 -10.85 8.26
C ASN A 46 -5.25 -10.78 7.82
N LYS A 47 -5.01 -10.57 6.53
CA LYS A 47 -3.64 -10.43 6.06
C LYS A 47 -3.61 -9.50 4.84
N ASN A 48 -4.51 -8.49 4.96
CA ASN A 48 -4.69 -7.46 3.96
C ASN A 48 -3.43 -6.58 3.87
N LEU A 49 -3.08 -5.94 5.00
CA LEU A 49 -1.89 -5.10 4.98
C LEU A 49 -0.66 -6.01 4.95
N LYS A 50 0.42 -5.46 4.36
CA LYS A 50 1.68 -6.17 4.27
C LYS A 50 2.76 -5.29 4.90
N LYS A 51 3.97 -5.34 4.31
CA LYS A 51 5.07 -4.50 4.77
C LYS A 51 4.71 -3.02 4.53
N ASN A 52 5.04 -2.55 3.31
CA ASN A 52 4.76 -1.19 2.85
C ASN A 52 4.17 -1.22 1.43
N TYR A 53 3.77 -2.43 1.01
CA TYR A 53 3.25 -2.61 -0.34
C TYR A 53 1.80 -2.11 -0.39
N CYS A 54 1.49 -1.40 -1.49
CA CYS A 54 0.19 -0.76 -1.67
C CYS A 54 -0.98 -1.78 -1.60
N ARG A 55 -2.09 -1.32 -0.99
CA ARG A 55 -3.29 -2.14 -0.82
C ARG A 55 -4.51 -1.29 -1.16
N ASN A 56 -5.69 -1.86 -0.83
CA ASN A 56 -6.96 -1.17 -1.10
C ASN A 56 -7.94 -1.43 0.08
N PRO A 57 -7.62 -0.92 1.30
CA PRO A 57 -8.52 -1.15 2.45
C PRO A 57 -9.96 -0.65 2.23
N ASP A 58 -10.00 0.61 1.74
CA ASP A 58 -11.25 1.30 1.41
C ASP A 58 -11.60 1.11 -0.08
N ARG A 59 -10.68 0.36 -0.72
CA ARG A 59 -10.67 0.04 -2.13
C ARG A 59 -10.91 1.24 -3.07
N GLU A 60 -9.81 2.00 -3.10
CA GLU A 60 -9.61 3.15 -3.95
C GLU A 60 -9.46 2.62 -5.39
N LEU A 61 -9.44 3.56 -6.36
CA LEU A 61 -9.27 3.15 -7.76
C LEU A 61 -7.91 2.44 -7.93
N ARG A 62 -6.86 3.24 -7.67
CA ARG A 62 -5.48 2.79 -7.73
C ARG A 62 -5.10 2.42 -6.26
N PRO A 63 -4.39 1.27 -6.05
CA PRO A 63 -4.04 0.83 -4.69
C PRO A 63 -3.02 1.81 -4.10
N TRP A 64 -3.17 2.12 -2.82
CA TRP A 64 -2.31 3.11 -2.17
C TRP A 64 -1.65 2.52 -0.91
N CYS A 65 -0.75 3.36 -0.39
CA CYS A 65 -0.09 3.11 0.89
C CYS A 65 0.34 4.49 1.39
N PHE A 66 0.71 4.53 2.68
CA PHE A 66 1.15 5.79 3.27
C PHE A 66 2.56 6.10 2.75
N THR A 67 2.88 7.39 2.60
CA THR A 67 4.21 7.73 2.11
C THR A 67 5.08 8.03 3.34
N THR A 68 6.39 8.19 3.06
CA THR A 68 7.31 8.56 4.12
C THR A 68 7.20 10.06 4.47
N ASP A 69 6.48 10.81 3.60
CA ASP A 69 6.33 12.25 3.82
C ASP A 69 5.11 12.49 4.75
N PRO A 70 5.32 13.21 5.90
CA PRO A 70 4.23 13.54 6.80
C PRO A 70 3.09 14.42 6.26
N ASN A 71 3.25 14.93 5.03
CA ASN A 71 2.24 15.81 4.43
C ASN A 71 1.38 14.98 3.48
N LYS A 72 2.10 14.18 2.68
CA LYS A 72 1.42 13.30 1.74
C LYS A 72 1.15 11.98 2.47
N ARG A 73 0.12 12.06 3.35
CA ARG A 73 -0.31 10.93 4.16
C ARG A 73 -0.40 9.65 3.30
N TRP A 74 -1.52 9.56 2.57
CA TRP A 74 -1.75 8.44 1.68
C TRP A 74 -1.39 8.85 0.25
N GLU A 75 -1.01 7.85 -0.56
CA GLU A 75 -0.82 8.15 -1.97
C GLU A 75 -0.96 6.87 -2.79
N LEU A 76 -1.55 7.10 -3.98
CA LEU A 76 -1.80 6.06 -4.96
C LEU A 76 -0.46 5.54 -5.51
N CYS A 77 -0.39 4.22 -5.68
CA CYS A 77 0.77 3.54 -6.24
C CYS A 77 0.52 3.13 -7.68
N ASP A 78 1.56 3.34 -8.53
CA ASP A 78 1.36 2.88 -9.90
C ASP A 78 1.84 1.41 -9.97
N ILE A 79 0.82 0.56 -9.81
CA ILE A 79 1.00 -0.88 -9.81
C ILE A 79 0.71 -1.39 -11.23
N PRO A 80 1.60 -2.30 -11.72
CA PRO A 80 1.57 -2.76 -13.11
C PRO A 80 0.34 -3.63 -13.46
N ARG A 81 -0.29 -3.21 -14.57
CA ARG A 81 -1.39 -4.00 -15.09
C ARG A 81 -0.78 -5.25 -15.76
N CYS A 82 -1.54 -6.37 -15.73
CA CYS A 82 -1.06 -7.57 -16.43
C CYS A 82 -1.12 -7.34 -17.95
N THR A 83 -0.01 -6.80 -18.48
CA THR A 83 0.11 -6.53 -19.91
C THR A 83 1.60 -6.27 -20.23
C1 AMH B . -7.54 7.22 3.33
C2 AMH B . -8.86 6.44 3.23
C3 AMH B . -9.51 6.71 1.87
C4 AMH B . -8.65 6.22 0.69
C5 AMH B . -7.24 6.80 0.83
C6 AMH B . -6.63 6.66 2.24
C7 AMH B . -9.27 6.65 -0.67
C8 AMH B . -6.89 7.10 4.74
N AMH B . -9.78 8.02 -0.61
O1 AMH B . -5.72 7.44 4.90
O2 AMH B . -7.57 6.69 5.69
H1 AMH B . -7.70 8.28 3.15
H21 AMH B . -9.53 6.75 4.01
H22 AMH B . -8.63 5.38 3.33
H31 AMH B . -10.50 6.28 1.83
H32 AMH B . -9.61 7.79 1.82
H4 AMH B . -8.59 5.12 0.72
H51 AMH B . -6.60 6.35 0.08
H52 AMH B . -7.33 7.86 0.62
H61 AMH B . -5.66 7.14 2.27
H62 AMH B . -6.45 5.62 2.47
H71 AMH B . -8.50 6.60 -1.46
H72 AMH B . -10.08 5.96 -0.92
HN1 AMH B . -9.15 8.61 -0.10
HN2 AMH B . -9.90 8.37 -1.53
HN3 AMH B . -10.67 8.01 -0.15
N THR A 1 7.32 -10.95 -7.11
CA THR A 1 6.99 -11.81 -8.22
C THR A 1 5.79 -12.70 -7.86
N SER A 2 4.77 -12.03 -7.29
CA SER A 2 3.60 -12.76 -6.82
C SER A 2 2.53 -11.73 -6.52
N GLU A 3 1.33 -11.94 -7.10
CA GLU A 3 0.19 -11.04 -6.89
C GLU A 3 0.60 -9.57 -7.13
N GLU A 4 1.34 -9.45 -8.26
CA GLU A 4 1.98 -8.20 -8.65
C GLU A 4 1.20 -7.42 -9.73
N CYS A 5 0.60 -8.15 -10.70
CA CYS A 5 -0.21 -7.48 -11.74
C CYS A 5 -1.68 -7.89 -11.57
N MET A 6 -2.53 -6.85 -11.69
CA MET A 6 -3.97 -6.95 -11.58
C MET A 6 -4.53 -6.20 -12.78
N HIS A 7 -5.88 -6.20 -12.88
CA HIS A 7 -6.53 -5.44 -13.93
C HIS A 7 -6.25 -3.93 -13.75
N GLY A 8 -6.25 -3.53 -12.45
CA GLY A 8 -5.97 -2.12 -12.16
C GLY A 8 -6.30 -1.72 -10.72
N SER A 9 -7.30 -2.44 -10.15
CA SER A 9 -7.85 -2.10 -8.84
C SER A 9 -6.86 -2.35 -7.70
N GLY A 10 -6.19 -3.51 -7.82
CA GLY A 10 -5.18 -3.86 -6.83
C GLY A 10 -5.74 -4.57 -5.60
N GLU A 11 -7.01 -5.02 -5.69
CA GLU A 11 -7.57 -5.71 -4.52
C GLU A 11 -6.74 -6.97 -4.18
N ASN A 12 -6.28 -7.64 -5.26
CA ASN A 12 -5.45 -8.83 -5.11
C ASN A 12 -3.96 -8.45 -5.27
N TYR A 13 -3.67 -7.16 -4.97
CA TYR A 13 -2.29 -6.71 -5.03
C TYR A 13 -1.59 -6.95 -3.68
N ASP A 14 -0.58 -7.84 -3.72
CA ASP A 14 0.30 -7.99 -2.56
C ASP A 14 1.62 -8.61 -3.02
N GLY A 15 2.38 -7.76 -3.75
CA GLY A 15 3.65 -8.15 -4.32
C GLY A 15 4.81 -7.34 -3.72
N LYS A 16 5.46 -6.56 -4.60
CA LYS A 16 6.69 -5.83 -4.21
C LYS A 16 6.66 -4.31 -4.49
N ILE A 17 5.63 -3.81 -5.18
CA ILE A 17 5.55 -2.37 -5.45
C ILE A 17 5.13 -1.65 -4.15
N SER A 18 5.94 -0.62 -3.86
CA SER A 18 5.78 0.25 -2.70
C SER A 18 6.22 1.67 -3.11
N LYS A 19 5.78 2.09 -4.31
CA LYS A 19 6.16 3.40 -4.80
C LYS A 19 4.89 4.09 -5.30
N THR A 20 4.66 5.30 -4.74
CA THR A 20 3.46 6.03 -5.09
C THR A 20 3.67 6.77 -6.42
N MET A 21 2.57 6.65 -7.20
CA MET A 21 2.43 7.09 -8.58
C MET A 21 2.93 8.53 -8.82
N SER A 22 2.78 9.36 -7.77
CA SER A 22 3.21 10.75 -7.86
C SER A 22 3.91 11.20 -6.57
N GLY A 23 4.79 10.31 -6.04
CA GLY A 23 5.45 10.78 -4.83
C GLY A 23 6.71 10.03 -4.40
N LEU A 24 6.49 9.05 -3.49
CA LEU A 24 7.60 8.52 -2.70
C LEU A 24 7.46 7.02 -2.46
N GLU A 25 8.48 6.51 -1.76
CA GLU A 25 8.48 5.14 -1.28
C GLU A 25 7.45 5.07 -0.13
N CYS A 26 6.63 4.01 -0.17
CA CYS A 26 5.64 3.85 0.89
C CYS A 26 6.30 3.45 2.21
N GLN A 27 5.59 3.96 3.23
CA GLN A 27 5.83 3.75 4.64
C GLN A 27 4.95 2.56 5.05
N ALA A 28 5.57 1.63 5.78
CA ALA A 28 4.91 0.38 6.14
C ALA A 28 3.63 0.57 6.96
N TRP A 29 2.73 -0.43 6.85
CA TRP A 29 1.44 -0.42 7.53
C TRP A 29 1.54 -0.61 9.07
N ASP A 30 2.78 -0.81 9.56
CA ASP A 30 2.99 -1.01 10.99
C ASP A 30 2.94 0.36 11.71
N SER A 31 3.86 0.57 12.67
CA SER A 31 3.92 1.83 13.40
C SER A 31 5.40 2.22 13.46
N GLN A 32 5.65 3.42 12.92
CA GLN A 32 7.01 3.86 12.69
C GLN A 32 7.16 5.40 12.82
N SER A 33 6.72 6.06 11.74
CA SER A 33 6.79 7.49 11.52
C SER A 33 6.30 7.66 10.07
N PRO A 34 5.57 8.76 9.73
CA PRO A 34 5.39 9.94 10.58
C PRO A 34 4.45 9.86 11.80
N HIS A 35 3.60 8.81 11.83
CA HIS A 35 2.69 8.68 12.97
C HIS A 35 1.98 7.33 12.91
N ALA A 36 1.45 6.94 14.08
CA ALA A 36 0.68 5.71 14.21
C ALA A 36 -0.71 5.87 13.56
N HIS A 37 -0.66 5.78 12.23
CA HIS A 37 -1.82 5.89 11.36
C HIS A 37 -2.76 4.67 11.52
N GLY A 38 -3.89 4.75 10.80
CA GLY A 38 -4.87 3.66 10.83
C GLY A 38 -4.45 2.51 9.91
N TYR A 39 -5.30 1.46 9.89
CA TYR A 39 -5.06 0.25 9.09
C TYR A 39 -3.79 -0.45 9.57
N ILE A 40 -3.82 -0.74 10.88
CA ILE A 40 -2.69 -1.34 11.58
C ILE A 40 -2.90 -2.87 11.59
N PRO A 41 -1.93 -3.65 11.00
CA PRO A 41 -2.08 -5.10 10.89
C PRO A 41 -2.48 -5.87 12.16
N SER A 42 -2.10 -5.28 13.31
CA SER A 42 -2.40 -5.84 14.62
C SER A 42 -3.91 -5.99 14.91
N LYS A 43 -4.72 -5.28 14.10
CA LYS A 43 -6.17 -5.29 14.26
C LYS A 43 -6.85 -6.16 13.20
N PHE A 44 -6.03 -6.84 12.39
CA PHE A 44 -6.55 -7.66 11.30
C PHE A 44 -6.09 -9.12 11.47
N PRO A 45 -7.05 -10.04 11.84
CA PRO A 45 -6.77 -11.47 11.67
C PRO A 45 -6.70 -11.88 10.18
N ASN A 46 -7.12 -10.90 9.34
CA ASN A 46 -7.03 -11.01 7.89
C ASN A 46 -5.53 -10.93 7.52
N LYS A 47 -5.22 -10.72 6.24
CA LYS A 47 -3.83 -10.58 5.83
C LYS A 47 -3.79 -9.58 4.66
N ASN A 48 -4.58 -8.53 4.91
CA ASN A 48 -4.73 -7.42 3.98
C ASN A 48 -3.43 -6.60 3.96
N LEU A 49 -3.11 -5.99 5.12
CA LEU A 49 -1.90 -5.19 5.19
C LEU A 49 -0.68 -6.11 5.12
N LYS A 50 0.43 -5.46 4.70
CA LYS A 50 1.71 -6.13 4.53
C LYS A 50 2.78 -5.19 5.13
N LYS A 51 3.99 -5.19 4.53
CA LYS A 51 5.00 -4.23 4.97
C LYS A 51 4.62 -2.84 4.41
N ASN A 52 5.26 -2.42 3.30
CA ASN A 52 4.95 -1.13 2.70
C ASN A 52 4.33 -1.30 1.32
N TYR A 53 3.93 -2.54 1.05
CA TYR A 53 3.27 -2.84 -0.21
C TYR A 53 1.82 -2.36 -0.12
N CYS A 54 1.46 -1.60 -1.17
CA CYS A 54 0.14 -0.98 -1.31
C CYS A 54 -1.01 -1.99 -1.16
N ARG A 55 -2.18 -1.48 -0.77
CA ARG A 55 -3.36 -2.31 -0.57
C ARG A 55 -4.62 -1.47 -0.88
N ASN A 56 -5.76 -2.11 -0.59
CA ASN A 56 -7.08 -1.55 -0.84
C ASN A 56 -7.98 -1.72 0.41
N PRO A 57 -7.56 -1.21 1.62
CA PRO A 57 -8.41 -1.34 2.81
C PRO A 57 -9.86 -0.84 2.65
N ASP A 58 -9.89 0.33 2.02
CA ASP A 58 -11.10 1.09 1.69
C ASP A 58 -11.39 0.99 0.18
N ARG A 59 -10.65 0.04 -0.43
CA ARG A 59 -10.64 -0.28 -1.84
C ARG A 59 -10.90 0.91 -2.77
N GLU A 60 -9.83 1.72 -2.73
CA GLU A 60 -9.62 2.88 -3.59
C GLU A 60 -9.48 2.34 -5.03
N LEU A 61 -9.57 3.29 -5.98
CA LEU A 61 -9.46 2.95 -7.39
C LEU A 61 -8.12 2.24 -7.69
N ARG A 62 -7.05 2.95 -7.31
CA ARG A 62 -5.68 2.47 -7.46
C ARG A 62 -5.24 2.03 -6.04
N PRO A 63 -4.44 0.92 -5.90
CA PRO A 63 -3.98 0.46 -4.59
C PRO A 63 -3.07 1.52 -3.97
N TRP A 64 -3.27 1.82 -2.67
CA TRP A 64 -2.51 2.90 -2.03
C TRP A 64 -1.76 2.40 -0.78
N CYS A 65 -0.88 3.29 -0.28
CA CYS A 65 -0.18 3.09 0.99
C CYS A 65 0.22 4.49 1.48
N PHE A 66 0.62 4.51 2.78
CA PHE A 66 1.06 5.75 3.38
C PHE A 66 2.46 6.07 2.86
N THR A 67 2.82 7.36 2.89
CA THR A 67 4.16 7.74 2.44
C THR A 67 4.99 8.12 3.67
N THR A 68 6.25 8.46 3.38
CA THR A 68 7.18 8.89 4.40
C THR A 68 6.99 10.40 4.73
N ASP A 69 6.24 11.08 3.85
CA ASP A 69 5.99 12.51 4.02
C ASP A 69 4.72 12.69 4.91
N PRO A 70 4.86 13.43 6.05
CA PRO A 70 3.69 13.76 6.88
C PRO A 70 2.56 14.57 6.20
N ASN A 71 2.86 15.09 4.99
CA ASN A 71 1.87 15.90 4.26
C ASN A 71 1.13 14.99 3.28
N LYS A 72 1.95 14.21 2.54
CA LYS A 72 1.37 13.25 1.59
C LYS A 72 1.06 11.97 2.39
N ARG A 73 0.01 12.08 3.24
CA ARG A 73 -0.40 10.99 4.12
C ARG A 73 -0.49 9.66 3.35
N TRP A 74 -1.60 9.55 2.59
CA TRP A 74 -1.86 8.40 1.75
C TRP A 74 -1.56 8.79 0.30
N GLU A 75 -1.25 7.77 -0.51
CA GLU A 75 -1.12 8.03 -1.92
C GLU A 75 -1.21 6.71 -2.70
N LEU A 76 -1.73 6.89 -3.92
CA LEU A 76 -1.92 5.81 -4.87
C LEU A 76 -0.57 5.33 -5.43
N CYS A 77 -0.45 4.00 -5.50
CA CYS A 77 0.68 3.30 -6.08
C CYS A 77 0.32 2.81 -7.47
N ASP A 78 1.23 2.99 -8.44
CA ASP A 78 0.88 2.40 -9.74
C ASP A 78 1.38 0.95 -9.74
N ILE A 79 0.39 0.07 -9.50
CA ILE A 79 0.63 -1.37 -9.53
C ILE A 79 0.40 -1.75 -10.99
N PRO A 80 1.35 -2.55 -11.55
CA PRO A 80 1.40 -2.80 -12.98
C PRO A 80 0.16 -3.55 -13.43
N ARG A 81 -0.58 -2.86 -14.30
CA ARG A 81 -1.75 -3.48 -14.89
C ARG A 81 -1.26 -4.65 -15.78
N CYS A 82 -2.00 -5.76 -15.75
CA CYS A 82 -1.58 -6.93 -16.51
C CYS A 82 -1.77 -6.69 -18.02
N THR A 83 -0.70 -6.16 -18.64
CA THR A 83 -0.70 -5.93 -20.07
C THR A 83 -0.25 -7.21 -20.80
C1 AMH B . -7.57 7.27 3.47
C2 AMH B . -8.89 6.49 3.39
C3 AMH B . -9.50 6.57 1.98
C4 AMH B . -8.60 5.91 0.93
C5 AMH B . -7.26 6.66 0.98
C6 AMH B . -6.64 6.73 2.39
C7 AMH B . -9.21 6.01 -0.49
C8 AMH B . -6.94 7.14 4.88
N AMH B . -10.57 5.45 -0.52
O1 AMH B . -7.65 6.94 5.86
O2 AMH B . -5.71 7.28 5.01
H1 AMH B . -7.75 8.33 3.29
H21 AMH B . -9.60 6.89 4.12
H22 AMH B . -8.68 5.46 3.62
H31 AMH B . -10.48 6.09 2.02
H32 AMH B . -9.65 7.61 1.71
H4 AMH B . -8.43 4.86 1.20
H51 AMH B . -6.57 6.19 0.28
H52 AMH B . -7.43 7.67 0.64
H61 AMH B . -5.76 7.35 2.42
H62 AMH B . -6.32 5.74 2.70
H71 AMH B . -9.25 7.05 -0.81
H72 AMH B . -8.59 5.46 -1.19
HN1 AMH B . -10.58 4.52 -0.13
HN2 AMH B . -11.19 6.04 -0.01
HN3 AMH B . -10.87 5.40 -1.47
N THR A 1 8.01 -13.86 -6.80
CA THR A 1 6.97 -12.89 -6.56
C THR A 1 5.72 -13.61 -7.07
N SER A 2 4.58 -12.91 -6.98
CA SER A 2 3.27 -13.35 -7.40
C SER A 2 2.34 -12.23 -6.95
N GLU A 3 1.06 -12.31 -7.37
CA GLU A 3 0.04 -11.31 -6.97
C GLU A 3 0.60 -9.88 -7.15
N GLU A 4 1.21 -9.74 -8.36
CA GLU A 4 1.98 -8.57 -8.71
C GLU A 4 1.32 -7.62 -9.72
N CYS A 5 0.46 -8.18 -10.62
CA CYS A 5 -0.21 -7.33 -11.61
C CYS A 5 -1.73 -7.50 -11.47
N MET A 6 -2.42 -6.39 -11.78
CA MET A 6 -3.88 -6.31 -11.70
C MET A 6 -4.38 -5.61 -12.96
N HIS A 7 -5.72 -5.63 -13.06
CA HIS A 7 -6.42 -4.84 -14.06
C HIS A 7 -6.53 -3.40 -13.53
N GLY A 8 -6.97 -3.32 -12.26
CA GLY A 8 -7.10 -2.02 -11.60
C GLY A 8 -7.85 -2.17 -10.26
N SER A 9 -7.16 -2.85 -9.32
CA SER A 9 -7.72 -3.03 -7.98
C SER A 9 -6.56 -3.20 -6.98
N GLY A 10 -6.23 -4.48 -6.77
CA GLY A 10 -5.12 -4.85 -5.89
C GLY A 10 -5.57 -5.44 -4.54
N GLU A 11 -6.85 -5.86 -4.46
CA GLU A 11 -7.25 -6.41 -3.16
C GLU A 11 -6.38 -7.61 -2.72
N ASN A 12 -6.04 -8.50 -3.67
CA ASN A 12 -5.15 -9.60 -3.32
C ASN A 12 -3.75 -9.36 -3.93
N TYR A 13 -3.38 -8.07 -3.97
CA TYR A 13 -2.05 -7.69 -4.43
C TYR A 13 -1.09 -7.63 -3.23
N ASP A 14 0.08 -8.27 -3.41
CA ASP A 14 1.16 -8.16 -2.44
C ASP A 14 2.53 -8.48 -3.09
N GLY A 15 2.61 -8.13 -4.39
CA GLY A 15 3.80 -8.38 -5.22
C GLY A 15 4.97 -7.39 -5.01
N LYS A 16 5.23 -7.12 -3.73
CA LYS A 16 6.40 -6.35 -3.29
C LYS A 16 6.51 -4.85 -3.71
N ILE A 17 5.84 -4.40 -4.78
CA ILE A 17 5.99 -2.98 -5.16
C ILE A 17 5.37 -2.08 -4.06
N SER A 18 6.13 -1.02 -3.72
CA SER A 18 5.70 -0.10 -2.65
C SER A 18 6.06 1.37 -2.96
N LYS A 19 6.07 1.72 -4.26
CA LYS A 19 6.48 3.08 -4.65
C LYS A 19 5.25 3.91 -5.10
N THR A 20 5.14 5.10 -4.48
CA THR A 20 4.04 6.02 -4.75
C THR A 20 4.24 6.70 -6.12
N MET A 21 3.17 6.54 -6.92
CA MET A 21 3.11 6.93 -8.33
C MET A 21 3.64 8.35 -8.61
N SER A 22 3.27 9.26 -7.71
CA SER A 22 3.60 10.67 -7.87
C SER A 22 4.58 11.14 -6.79
N GLY A 23 5.31 10.19 -6.18
CA GLY A 23 6.18 10.65 -5.11
C GLY A 23 7.30 9.68 -4.70
N LEU A 24 7.18 9.19 -3.45
CA LEU A 24 8.27 8.53 -2.73
C LEU A 24 8.08 7.01 -2.63
N GLU A 25 8.94 6.42 -1.78
CA GLU A 25 8.80 5.03 -1.38
C GLU A 25 7.84 5.05 -0.19
N CYS A 26 7.02 4.00 -0.09
CA CYS A 26 6.07 3.95 1.01
C CYS A 26 6.74 3.54 2.34
N GLN A 27 5.97 3.95 3.35
CA GLN A 27 6.18 3.77 4.77
C GLN A 27 5.38 2.52 5.19
N ALA A 28 6.04 1.70 6.02
CA ALA A 28 5.46 0.43 6.45
C ALA A 28 4.14 0.61 7.25
N TRP A 29 3.33 -0.47 7.19
CA TRP A 29 2.01 -0.48 7.80
C TRP A 29 2.02 -0.68 9.33
N ASP A 30 3.20 -1.01 9.90
CA ASP A 30 3.26 -1.24 11.35
C ASP A 30 3.26 0.11 12.11
N SER A 31 4.33 0.36 12.88
CA SER A 31 4.41 1.63 13.60
C SER A 31 5.88 2.05 13.64
N GLN A 32 6.10 3.16 12.93
CA GLN A 32 7.44 3.68 12.71
C GLN A 32 7.46 5.22 12.81
N SER A 33 6.91 5.82 11.75
CA SER A 33 6.82 7.26 11.54
C SER A 33 5.97 7.38 10.26
N PRO A 34 5.53 8.62 9.86
CA PRO A 34 5.65 9.86 10.61
C PRO A 34 4.80 9.91 11.91
N HIS A 35 3.83 8.99 11.97
CA HIS A 35 2.96 8.89 13.13
C HIS A 35 2.20 7.56 13.04
N ALA A 36 1.55 7.23 14.16
CA ALA A 36 0.76 6.00 14.24
C ALA A 36 -0.57 6.14 13.48
N HIS A 37 -0.43 5.98 12.15
CA HIS A 37 -1.56 6.02 11.22
C HIS A 37 -2.48 4.79 11.43
N GLY A 38 -3.61 4.85 10.70
CA GLY A 38 -4.58 3.75 10.75
C GLY A 38 -4.10 2.57 9.90
N TYR A 39 -4.93 1.51 9.93
CA TYR A 39 -4.66 0.27 9.19
C TYR A 39 -3.39 -0.40 9.72
N ILE A 40 -3.52 -0.78 11.01
CA ILE A 40 -2.41 -1.38 11.75
C ILE A 40 -2.60 -2.91 11.73
N PRO A 41 -1.59 -3.66 11.17
CA PRO A 41 -1.72 -5.11 11.01
C PRO A 41 -2.17 -5.92 12.23
N SER A 42 -1.86 -5.36 13.41
CA SER A 42 -2.20 -5.98 14.69
C SER A 42 -3.72 -6.15 14.91
N LYS A 43 -4.51 -5.47 14.07
CA LYS A 43 -5.96 -5.51 14.17
C LYS A 43 -6.59 -6.37 13.06
N PHE A 44 -5.72 -6.99 12.24
CA PHE A 44 -6.20 -7.77 11.11
C PHE A 44 -5.64 -9.20 11.16
N PRO A 45 -6.53 -10.21 11.38
CA PRO A 45 -6.17 -11.59 11.07
C PRO A 45 -6.17 -11.87 9.55
N ASN A 46 -6.66 -10.86 8.80
CA ASN A 46 -6.66 -10.92 7.35
C ASN A 46 -5.21 -10.65 6.87
N LYS A 47 -4.93 -11.02 5.62
CA LYS A 47 -3.58 -10.82 5.07
C LYS A 47 -3.52 -9.48 4.32
N ASN A 48 -4.22 -8.48 4.88
CA ASN A 48 -4.27 -7.18 4.23
C ASN A 48 -2.92 -6.45 4.37
N LEU A 49 -2.65 -5.89 5.57
CA LEU A 49 -1.40 -5.15 5.69
C LEU A 49 -0.20 -6.10 5.63
N LYS A 50 0.94 -5.47 5.27
CA LYS A 50 2.18 -6.20 5.06
C LYS A 50 3.32 -5.31 5.56
N LYS A 51 4.47 -5.35 4.84
CA LYS A 51 5.60 -4.49 5.17
C LYS A 51 5.21 -3.03 4.81
N ASN A 52 5.59 -2.58 3.61
CA ASN A 52 5.17 -1.27 3.10
C ASN A 52 4.39 -1.43 1.79
N TYR A 53 4.43 -2.68 1.28
CA TYR A 53 3.78 -3.07 0.02
C TYR A 53 2.35 -2.52 -0.04
N CYS A 54 2.03 -1.95 -1.22
CA CYS A 54 0.73 -1.31 -1.39
C CYS A 54 -0.42 -2.31 -1.18
N ARG A 55 -1.53 -1.76 -0.65
CA ARG A 55 -2.71 -2.56 -0.34
C ARG A 55 -3.97 -1.74 -0.67
N ASN A 56 -5.11 -2.36 -0.30
CA ASN A 56 -6.43 -1.83 -0.59
C ASN A 56 -7.37 -1.93 0.64
N PRO A 57 -6.97 -1.40 1.84
CA PRO A 57 -7.86 -1.50 3.01
C PRO A 57 -9.31 -1.00 2.81
N ASP A 58 -9.38 0.16 2.14
CA ASP A 58 -10.65 0.80 1.77
C ASP A 58 -11.04 0.44 0.32
N ARG A 59 -10.11 -0.31 -0.28
CA ARG A 59 -10.13 -0.81 -1.64
C ARG A 59 -10.42 0.27 -2.68
N GLU A 60 -9.38 1.12 -2.70
CA GLU A 60 -9.17 2.18 -3.66
C GLU A 60 -8.94 1.52 -5.02
N LEU A 61 -9.02 2.36 -6.08
CA LEU A 61 -8.85 1.87 -7.44
C LEU A 61 -7.42 1.29 -7.62
N ARG A 62 -6.44 2.19 -7.40
CA ARG A 62 -5.04 1.83 -7.50
C ARG A 62 -4.58 1.44 -6.07
N PRO A 63 -3.74 0.38 -5.93
CA PRO A 63 -3.24 -0.03 -4.61
C PRO A 63 -2.36 1.10 -4.05
N TRP A 64 -2.55 1.41 -2.76
CA TRP A 64 -1.83 2.55 -2.15
C TRP A 64 -1.12 2.11 -0.86
N CYS A 65 -0.33 3.07 -0.35
CA CYS A 65 0.32 2.91 0.95
C CYS A 65 0.65 4.32 1.44
N PHE A 66 1.01 4.38 2.74
CA PHE A 66 1.39 5.66 3.33
C PHE A 66 2.79 6.01 2.79
N THR A 67 3.07 7.32 2.69
CA THR A 67 4.36 7.71 2.14
C THR A 67 5.37 7.94 3.27
N THR A 68 6.63 8.15 2.85
CA THR A 68 7.69 8.43 3.80
C THR A 68 7.79 9.94 4.09
N ASP A 69 6.99 10.73 3.34
CA ASP A 69 7.00 12.18 3.53
C ASP A 69 6.14 12.50 4.78
N PRO A 70 6.63 13.41 5.67
CA PRO A 70 5.93 13.72 6.91
C PRO A 70 4.62 14.51 6.77
N ASN A 71 4.28 14.88 5.52
CA ASN A 71 3.06 15.64 5.25
C ASN A 71 2.14 14.86 4.30
N LYS A 72 2.74 14.09 3.38
CA LYS A 72 1.91 13.33 2.45
C LYS A 72 1.57 11.98 3.10
N ARG A 73 0.34 11.96 3.64
CA ARG A 73 -0.19 10.76 4.29
C ARG A 73 -0.22 9.56 3.31
N TRP A 74 -1.34 9.44 2.58
CA TRP A 74 -1.51 8.32 1.66
C TRP A 74 -1.12 8.73 0.23
N GLU A 75 -0.90 7.69 -0.60
CA GLU A 75 -0.65 7.93 -2.01
C GLU A 75 -0.78 6.59 -2.78
N LEU A 76 -1.33 6.74 -4.00
CA LEU A 76 -1.48 5.59 -4.89
C LEU A 76 -0.09 5.15 -5.37
N CYS A 77 0.06 3.83 -5.43
CA CYS A 77 1.30 3.24 -5.89
C CYS A 77 1.26 2.99 -7.40
N ASP A 78 2.48 2.84 -7.95
CA ASP A 78 2.56 2.47 -9.36
C ASP A 78 2.90 0.97 -9.41
N ILE A 79 1.85 0.21 -9.71
CA ILE A 79 1.90 -1.26 -9.77
C ILE A 79 1.67 -1.62 -11.24
N PRO A 80 2.37 -2.69 -11.71
CA PRO A 80 2.30 -3.10 -13.10
C PRO A 80 0.93 -3.69 -13.46
N ARG A 81 0.30 -3.06 -14.46
CA ARG A 81 -0.97 -3.61 -14.95
C ARG A 81 -0.64 -4.91 -15.71
N CYS A 82 -1.58 -5.89 -15.62
CA CYS A 82 -1.36 -7.13 -16.36
C CYS A 82 -1.52 -6.86 -17.87
N THR A 83 -0.40 -6.51 -18.50
CA THR A 83 -0.36 -6.22 -19.93
C THR A 83 1.10 -6.24 -20.41
C1 AMH B . -7.28 6.85 3.18
C2 AMH B . -8.56 6.03 3.05
C3 AMH B . -9.14 6.17 1.64
C4 AMH B . -8.18 5.62 0.57
C5 AMH B . -6.83 6.29 0.73
C6 AMH B . -6.28 6.28 2.17
C7 AMH B . -8.72 5.86 -0.87
C8 AMH B . -6.72 6.83 4.62
N AMH B . -9.36 7.15 -1.03
O1 AMH B . -7.44 6.49 5.56
O2 AMH B . -5.56 7.18 4.83
H1 AMH B . -7.48 7.89 2.92
H21 AMH B . -9.31 6.35 3.77
H22 AMH B . -8.31 4.98 3.23
H31 AMH B . -10.11 5.67 1.57
H32 AMH B . -9.30 7.23 1.48
H4 AMH B . -8.06 4.53 0.72
H51 AMH B . -6.12 5.83 0.05
H52 AMH B . -6.95 7.33 0.45
H61 AMH B . -5.34 6.81 2.22
H62 AMH B . -6.06 5.26 2.47
H71 AMH B . -7.90 5.79 -1.59
H72 AMH B . -9.45 5.07 -1.11
HN1 AMH B . -9.39 7.34 -2.02
HN2 AMH B . -10.29 7.13 -0.66
HN3 AMH B . -8.84 7.86 -0.57
N THR A 1 0.83 -13.13 -3.91
CA THR A 1 2.13 -13.73 -3.97
C THR A 1 2.90 -12.88 -4.97
N SER A 2 4.17 -13.25 -5.17
CA SER A 2 4.95 -12.55 -6.18
C SER A 2 4.38 -12.99 -7.55
N GLU A 3 3.76 -12.01 -8.22
CA GLU A 3 3.05 -12.23 -9.49
C GLU A 3 2.75 -10.83 -10.07
N GLU A 4 2.37 -10.00 -9.08
CA GLU A 4 2.20 -8.56 -9.16
C GLU A 4 1.92 -7.93 -10.54
N CYS A 5 0.73 -8.28 -11.05
CA CYS A 5 0.18 -7.60 -12.21
C CYS A 5 -1.31 -7.50 -11.89
N MET A 6 -1.87 -6.31 -12.12
CA MET A 6 -3.27 -6.09 -11.78
C MET A 6 -3.99 -5.55 -13.02
N HIS A 7 -5.31 -5.78 -12.97
CA HIS A 7 -6.20 -5.30 -14.00
C HIS A 7 -6.40 -3.77 -13.86
N GLY A 8 -6.41 -3.33 -12.59
CA GLY A 8 -6.58 -1.90 -12.35
C GLY A 8 -6.78 -1.57 -10.86
N SER A 9 -7.40 -2.53 -10.15
CA SER A 9 -7.70 -2.36 -8.73
C SER A 9 -6.65 -3.07 -7.87
N GLY A 10 -6.83 -4.40 -7.80
CA GLY A 10 -5.90 -5.19 -7.01
C GLY A 10 -6.24 -5.13 -5.53
N GLU A 11 -7.29 -5.91 -5.16
CA GLU A 11 -7.61 -6.00 -3.73
C GLU A 11 -6.40 -6.62 -3.02
N ASN A 12 -6.11 -7.87 -3.45
CA ASN A 12 -5.03 -8.62 -2.84
C ASN A 12 -3.73 -8.47 -3.63
N TYR A 13 -3.46 -7.22 -4.03
CA TYR A 13 -2.13 -7.01 -4.62
C TYR A 13 -1.10 -7.10 -3.46
N ASP A 14 -0.14 -8.02 -3.66
CA ASP A 14 1.06 -8.10 -2.86
C ASP A 14 2.14 -8.34 -3.92
N GLY A 15 3.39 -8.00 -3.58
CA GLY A 15 4.38 -8.16 -4.63
C GLY A 15 5.76 -7.75 -4.16
N LYS A 16 5.99 -6.43 -4.33
CA LYS A 16 7.26 -5.75 -4.05
C LYS A 16 7.12 -4.23 -4.31
N ILE A 17 6.17 -3.84 -5.20
CA ILE A 17 6.06 -2.41 -5.49
C ILE A 17 5.40 -1.71 -4.29
N SER A 18 6.12 -0.65 -3.87
CA SER A 18 5.73 0.16 -2.74
C SER A 18 6.09 1.64 -3.02
N LYS A 19 5.87 2.07 -4.27
CA LYS A 19 6.23 3.44 -4.66
C LYS A 19 4.95 4.20 -5.07
N THR A 20 4.82 5.38 -4.44
CA THR A 20 3.67 6.25 -4.68
C THR A 20 3.86 6.97 -6.02
N MET A 21 2.76 6.89 -6.80
CA MET A 21 2.69 7.34 -8.19
C MET A 21 3.28 8.74 -8.44
N SER A 22 3.09 9.59 -7.41
CA SER A 22 3.51 10.97 -7.50
C SER A 22 4.40 11.37 -6.32
N GLY A 23 5.21 10.41 -5.80
CA GLY A 23 5.98 10.86 -4.65
C GLY A 23 7.18 10.00 -4.24
N LEU A 24 6.93 9.08 -3.29
CA LEU A 24 8.05 8.45 -2.59
C LEU A 24 7.85 6.94 -2.37
N GLU A 25 8.87 6.40 -1.67
CA GLU A 25 8.81 5.03 -1.15
C GLU A 25 7.77 5.07 -0.01
N CYS A 26 6.95 4.03 0.02
CA CYS A 26 5.94 3.96 1.07
C CYS A 26 6.57 3.50 2.40
N GLN A 27 5.84 3.97 3.42
CA GLN A 27 6.08 3.76 4.83
C GLN A 27 5.31 2.49 5.21
N ALA A 28 6.00 1.63 5.99
CA ALA A 28 5.45 0.34 6.37
C ALA A 28 4.13 0.49 7.16
N TRP A 29 3.29 -0.56 7.01
CA TRP A 29 1.97 -0.59 7.63
C TRP A 29 1.99 -0.75 9.16
N ASP A 30 3.20 -0.98 9.72
CA ASP A 30 3.31 -1.17 11.17
C ASP A 30 3.11 0.18 11.90
N SER A 31 4.05 0.49 12.80
CA SER A 31 4.03 1.78 13.48
C SER A 31 5.48 2.20 13.67
N GLN A 32 5.77 3.37 13.08
CA GLN A 32 7.13 3.85 13.03
C GLN A 32 7.15 5.40 13.07
N SER A 33 6.61 5.94 11.98
CA SER A 33 6.53 7.36 11.68
C SER A 33 5.69 7.41 10.40
N PRO A 34 5.22 8.62 9.96
CA PRO A 34 5.30 9.89 10.69
C PRO A 34 4.48 9.95 11.99
N HIS A 35 3.56 8.96 12.10
CA HIS A 35 2.72 8.83 13.27
C HIS A 35 2.06 7.45 13.20
N ALA A 36 1.46 7.05 14.33
CA ALA A 36 0.76 5.77 14.42
C ALA A 36 -0.59 5.85 13.70
N HIS A 37 -0.48 5.76 12.37
CA HIS A 37 -1.64 5.76 11.47
C HIS A 37 -2.49 4.49 11.68
N GLY A 38 -3.67 4.50 11.04
CA GLY A 38 -4.53 3.32 11.11
C GLY A 38 -4.01 2.23 10.17
N TYR A 39 -4.79 1.13 10.10
CA TYR A 39 -4.43 0.01 9.23
C TYR A 39 -3.10 -0.65 9.67
N ILE A 40 -3.06 -0.97 10.98
CA ILE A 40 -1.85 -1.57 11.55
C ILE A 40 -2.07 -3.10 11.63
N PRO A 41 -1.16 -3.91 11.00
CA PRO A 41 -1.34 -5.36 10.91
C PRO A 41 -1.70 -6.11 12.22
N SER A 42 -1.25 -5.52 13.34
CA SER A 42 -1.50 -6.08 14.66
C SER A 42 -3.01 -6.18 15.02
N LYS A 43 -3.83 -5.47 14.23
CA LYS A 43 -5.27 -5.43 14.44
C LYS A 43 -6.01 -6.28 13.40
N PHE A 44 -5.23 -6.94 12.51
CA PHE A 44 -5.81 -7.69 11.42
C PHE A 44 -5.37 -9.16 11.47
N PRO A 45 -6.34 -10.08 11.76
CA PRO A 45 -6.19 -11.48 11.37
C PRO A 45 -6.38 -11.70 9.85
N ASN A 46 -6.69 -10.56 9.17
CA ASN A 46 -6.87 -10.54 7.73
C ASN A 46 -5.48 -10.71 7.07
N LYS A 47 -5.51 -10.81 5.72
CA LYS A 47 -4.29 -11.00 4.94
C LYS A 47 -3.80 -9.67 4.35
N ASN A 48 -4.62 -8.62 4.57
CA ASN A 48 -4.38 -7.31 3.99
C ASN A 48 -2.96 -6.73 4.20
N LEU A 49 -2.71 -6.06 5.33
CA LEU A 49 -1.44 -5.35 5.48
C LEU A 49 -0.21 -6.27 5.34
N LYS A 50 0.89 -5.59 4.98
CA LYS A 50 2.14 -6.27 4.68
C LYS A 50 3.27 -5.38 5.18
N LYS A 51 4.42 -5.44 4.47
CA LYS A 51 5.57 -4.58 4.80
C LYS A 51 5.19 -3.09 4.57
N ASN A 52 5.53 -2.59 3.37
CA ASN A 52 5.14 -1.26 2.94
C ASN A 52 4.40 -1.32 1.60
N TYR A 53 4.37 -2.54 1.04
CA TYR A 53 3.73 -2.83 -0.25
C TYR A 53 2.33 -2.21 -0.30
N CYS A 54 2.03 -1.62 -1.48
CA CYS A 54 0.73 -0.99 -1.64
C CYS A 54 -0.39 -2.03 -1.44
N ARG A 55 -1.47 -1.58 -0.81
CA ARG A 55 -2.59 -2.46 -0.54
C ARG A 55 -3.87 -1.74 -0.95
N ASN A 56 -4.99 -2.37 -0.56
CA ASN A 56 -6.30 -1.81 -0.84
C ASN A 56 -7.25 -2.16 0.33
N PRO A 57 -6.95 -1.63 1.57
CA PRO A 57 -7.80 -1.95 2.74
C PRO A 57 -9.28 -1.55 2.58
N ASP A 58 -9.39 -0.35 2.00
CA ASP A 58 -10.67 0.28 1.67
C ASP A 58 -11.02 0.02 0.18
N ARG A 59 -10.15 -0.83 -0.41
CA ARG A 59 -10.18 -1.30 -1.77
C ARG A 59 -10.69 -0.27 -2.78
N GLU A 60 -9.81 0.73 -2.85
CA GLU A 60 -9.85 1.82 -3.80
C GLU A 60 -9.41 1.20 -5.13
N LEU A 61 -9.33 2.06 -6.16
CA LEU A 61 -8.87 1.54 -7.44
C LEU A 61 -7.35 1.27 -7.33
N ARG A 62 -6.58 2.30 -7.69
CA ARG A 62 -5.13 2.19 -7.68
C ARG A 62 -4.64 1.89 -6.23
N PRO A 63 -3.85 0.80 -6.04
CA PRO A 63 -3.46 0.34 -4.69
C PRO A 63 -2.60 1.42 -4.02
N TRP A 64 -2.92 1.71 -2.74
CA TRP A 64 -2.24 2.80 -2.04
C TRP A 64 -1.48 2.30 -0.79
N CYS A 65 -0.62 3.20 -0.30
CA CYS A 65 0.10 2.99 0.97
C CYS A 65 0.44 4.39 1.50
N PHE A 66 0.88 4.40 2.79
CA PHE A 66 1.29 5.64 3.41
C PHE A 66 2.68 5.99 2.87
N THR A 67 2.98 7.30 2.80
CA THR A 67 4.26 7.70 2.23
C THR A 67 5.27 7.92 3.37
N THR A 68 6.53 8.10 2.94
CA THR A 68 7.59 8.37 3.90
C THR A 68 7.70 9.88 4.19
N ASP A 69 6.92 10.68 3.43
CA ASP A 69 6.95 12.12 3.64
C ASP A 69 6.11 12.45 4.89
N PRO A 70 6.63 13.34 5.78
CA PRO A 70 5.95 13.63 7.04
C PRO A 70 4.66 14.46 6.92
N ASN A 71 4.31 14.84 5.68
CA ASN A 71 3.09 15.62 5.44
C ASN A 71 2.14 14.87 4.51
N LYS A 72 2.70 14.05 3.60
CA LYS A 72 1.84 13.30 2.70
C LYS A 72 1.51 11.94 3.35
N ARG A 73 0.27 11.90 3.88
CA ARG A 73 -0.26 10.70 4.52
C ARG A 73 -0.32 9.52 3.52
N TRP A 74 -1.50 9.36 2.89
CA TRP A 74 -1.69 8.27 1.94
C TRP A 74 -1.36 8.70 0.51
N GLU A 75 -1.17 7.68 -0.35
CA GLU A 75 -0.98 7.98 -1.77
C GLU A 75 -1.13 6.69 -2.60
N LEU A 76 -1.71 6.90 -3.80
CA LEU A 76 -1.90 5.83 -4.77
C LEU A 76 -0.54 5.47 -5.39
N CYS A 77 -0.24 4.17 -5.40
CA CYS A 77 0.97 3.66 -6.01
C CYS A 77 0.81 3.49 -7.52
N ASP A 78 1.95 3.12 -8.14
CA ASP A 78 1.93 2.75 -9.55
C ASP A 78 2.45 1.31 -9.63
N ILE A 79 1.49 0.42 -9.98
CA ILE A 79 1.69 -1.02 -10.00
C ILE A 79 1.55 -1.49 -11.49
N PRO A 80 2.32 -2.55 -11.86
CA PRO A 80 2.24 -3.13 -13.20
C PRO A 80 0.83 -3.62 -13.62
N ARG A 81 0.40 -3.10 -14.79
CA ARG A 81 -0.85 -3.56 -15.37
C ARG A 81 -0.60 -4.96 -15.97
N CYS A 82 -1.62 -5.83 -15.94
CA CYS A 82 -1.46 -7.14 -16.58
C CYS A 82 -1.55 -7.01 -18.12
N THR A 83 -0.42 -6.54 -18.69
CA THR A 83 -0.29 -6.39 -20.14
C THR A 83 0.74 -7.42 -20.64
C1 AMH B . -7.38 6.81 3.43
C2 AMH B . -8.71 6.06 3.37
C3 AMH B . -9.32 6.13 1.97
C4 AMH B . -8.41 5.38 0.97
C5 AMH B . -7.04 6.05 1.01
C6 AMH B . -6.43 6.12 2.42
C7 AMH B . -8.93 5.39 -0.47
C8 AMH B . -6.77 6.79 4.85
N AMH B . -10.38 5.34 -0.56
O1 AMH B . -7.43 6.35 5.80
O2 AMH B . -5.64 7.24 5.04
H1 AMH B . -7.52 7.85 3.13
H21 AMH B . -9.42 6.47 4.09
H22 AMH B . -8.52 5.02 3.62
H31 AMH B . -10.31 5.69 2.00
H32 AMH B . -9.40 7.17 1.65
H4 AMH B . -8.31 4.34 1.30
H51 AMH B . -6.36 5.54 0.32
H52 AMH B . -7.17 7.06 0.63
H61 AMH B . -5.49 6.63 2.41
H62 AMH B . -6.24 5.12 2.79
H71 AMH B . -8.57 6.29 -0.99
H72 AMH B . -8.52 4.52 -0.99
HN1 AMH B . -10.64 5.19 -1.50
HN2 AMH B . -10.73 4.60 0.01
HN3 AMH B . -10.77 6.21 -0.24
N THR A 1 3.83 -17.22 -8.57
CA THR A 1 4.25 -16.99 -7.21
C THR A 1 3.80 -15.57 -6.86
N SER A 2 4.46 -14.65 -7.59
CA SER A 2 4.04 -13.26 -7.53
C SER A 2 2.73 -13.17 -8.32
N GLU A 3 2.00 -12.08 -8.02
CA GLU A 3 0.71 -11.75 -8.61
C GLU A 3 0.71 -10.25 -8.98
N GLU A 4 1.93 -9.76 -9.23
CA GLU A 4 2.13 -8.33 -9.49
C GLU A 4 1.69 -7.84 -10.88
N CYS A 5 0.35 -7.82 -11.03
CA CYS A 5 -0.31 -7.18 -12.16
C CYS A 5 -1.77 -7.05 -11.74
N MET A 6 -2.30 -5.83 -11.87
CA MET A 6 -3.68 -5.60 -11.43
C MET A 6 -4.47 -5.04 -12.60
N HIS A 7 -5.78 -5.36 -12.50
CA HIS A 7 -6.73 -4.81 -13.46
C HIS A 7 -6.99 -3.34 -13.10
N GLY A 8 -7.04 -3.08 -11.77
CA GLY A 8 -7.28 -1.71 -11.33
C GLY A 8 -6.95 -1.48 -9.84
N SER A 9 -7.85 -1.99 -8.97
CA SER A 9 -7.81 -1.70 -7.54
C SER A 9 -6.99 -2.69 -6.69
N GLY A 10 -6.86 -3.93 -7.16
CA GLY A 10 -6.01 -4.89 -6.43
C GLY A 10 -6.38 -5.10 -4.95
N GLU A 11 -7.69 -5.35 -4.75
CA GLU A 11 -8.11 -5.59 -3.37
C GLU A 11 -7.46 -6.89 -2.79
N ASN A 12 -7.10 -7.82 -3.70
CA ASN A 12 -6.46 -9.06 -3.21
C ASN A 12 -4.91 -9.00 -3.34
N TYR A 13 -4.44 -7.94 -4.04
CA TYR A 13 -3.02 -7.77 -4.33
C TYR A 13 -2.20 -7.42 -3.08
N ASP A 14 -1.19 -8.28 -2.80
CA ASP A 14 -0.22 -8.01 -1.76
C ASP A 14 1.14 -8.55 -2.24
N GLY A 15 1.66 -7.90 -3.30
CA GLY A 15 2.92 -8.31 -3.89
C GLY A 15 4.07 -7.55 -3.25
N LYS A 16 4.67 -6.66 -4.07
CA LYS A 16 5.86 -5.92 -3.60
C LYS A 16 5.87 -4.43 -3.99
N ILE A 17 5.00 -3.99 -4.93
CA ILE A 17 5.05 -2.58 -5.32
C ILE A 17 4.43 -1.71 -4.22
N SER A 18 5.18 -0.62 -3.91
CA SER A 18 4.81 0.33 -2.87
C SER A 18 5.10 1.81 -3.25
N LYS A 19 5.25 2.07 -4.56
CA LYS A 19 5.62 3.43 -4.98
C LYS A 19 4.35 4.21 -5.40
N THR A 20 4.13 5.36 -4.74
CA THR A 20 2.97 6.20 -5.04
C THR A 20 3.13 6.83 -6.44
N MET A 21 2.01 6.71 -7.20
CA MET A 21 1.96 7.11 -8.59
C MET A 21 2.62 8.47 -8.86
N SER A 22 2.24 9.45 -8.02
CA SER A 22 2.72 10.81 -8.18
C SER A 22 3.63 11.26 -7.04
N GLY A 23 4.41 10.32 -6.45
CA GLY A 23 5.22 10.84 -5.34
C GLY A 23 6.40 9.98 -4.88
N LEU A 24 6.16 9.20 -3.82
CA LEU A 24 7.27 8.60 -3.06
C LEU A 24 7.05 7.11 -2.80
N GLU A 25 8.10 6.51 -2.21
CA GLU A 25 7.98 5.14 -1.73
C GLU A 25 7.13 5.23 -0.44
N CYS A 26 6.17 4.30 -0.34
CA CYS A 26 5.28 4.33 0.82
C CYS A 26 5.96 3.84 2.10
N GLN A 27 5.28 4.30 3.16
CA GLN A 27 5.55 4.05 4.55
C GLN A 27 4.69 2.84 4.94
N ALA A 28 5.33 1.95 5.73
CA ALA A 28 4.68 0.70 6.10
C ALA A 28 3.38 0.91 6.91
N TRP A 29 2.49 -0.10 6.84
CA TRP A 29 1.20 -0.11 7.49
C TRP A 29 1.30 -0.29 9.03
N ASP A 30 2.54 -0.45 9.53
CA ASP A 30 2.76 -0.62 10.96
C ASP A 30 2.74 0.77 11.64
N SER A 31 3.62 0.96 12.64
CA SER A 31 3.72 2.24 13.34
C SER A 31 5.21 2.58 13.39
N GLN A 32 5.50 3.76 12.82
CA GLN A 32 6.86 4.18 12.60
C GLN A 32 7.03 5.70 12.70
N SER A 33 6.63 6.34 11.59
CA SER A 33 6.72 7.76 11.32
C SER A 33 6.30 7.87 9.85
N PRO A 34 5.60 8.98 9.43
CA PRO A 34 5.41 10.20 10.21
C PRO A 34 4.40 10.17 11.38
N HIS A 35 3.50 9.16 11.38
CA HIS A 35 2.54 9.09 12.49
C HIS A 35 1.76 7.78 12.44
N ALA A 36 1.25 7.42 13.64
CA ALA A 36 0.44 6.22 13.81
C ALA A 36 -0.96 6.40 13.20
N HIS A 37 -0.98 6.22 11.88
CA HIS A 37 -2.17 6.29 11.05
C HIS A 37 -3.12 5.10 11.32
N GLY A 38 -4.29 5.17 10.63
CA GLY A 38 -5.28 4.10 10.72
C GLY A 38 -4.87 2.91 9.85
N TYR A 39 -5.73 1.87 9.89
CA TYR A 39 -5.49 0.62 9.15
C TYR A 39 -4.27 -0.09 9.74
N ILE A 40 -4.50 -0.50 11.00
CA ILE A 40 -3.46 -1.11 11.83
C ILE A 40 -3.53 -2.64 11.65
N PRO A 41 -2.46 -3.27 11.10
CA PRO A 41 -2.45 -4.72 10.86
C PRO A 41 -2.85 -5.60 12.06
N SER A 42 -2.55 -5.07 13.26
CA SER A 42 -2.87 -5.74 14.52
C SER A 42 -4.38 -5.98 14.75
N LYS A 43 -5.19 -5.31 13.91
CA LYS A 43 -6.64 -5.38 14.03
C LYS A 43 -7.26 -6.22 12.90
N PHE A 44 -6.38 -6.82 12.07
CA PHE A 44 -6.85 -7.59 10.94
C PHE A 44 -6.30 -9.02 10.98
N PRO A 45 -7.20 -10.03 11.16
CA PRO A 45 -6.86 -11.41 10.82
C PRO A 45 -6.84 -11.66 9.29
N ASN A 46 -7.28 -10.60 8.56
CA ASN A 46 -7.27 -10.60 7.10
C ASN A 46 -5.79 -10.46 6.67
N LYS A 47 -5.51 -10.76 5.39
CA LYS A 47 -4.15 -10.64 4.88
C LYS A 47 -3.89 -9.24 4.29
N ASN A 48 -4.89 -8.36 4.50
CA ASN A 48 -4.88 -7.02 3.91
C ASN A 48 -3.55 -6.25 4.11
N LEU A 49 -3.29 -5.72 5.31
CA LEU A 49 -2.07 -4.92 5.44
C LEU A 49 -0.82 -5.84 5.43
N LYS A 50 0.28 -5.21 4.99
CA LYS A 50 1.57 -5.89 4.88
C LYS A 50 2.64 -4.92 5.39
N LYS A 51 3.82 -4.93 4.73
CA LYS A 51 4.84 -3.94 5.08
C LYS A 51 4.41 -2.59 4.52
N ASN A 52 4.89 -2.18 3.33
CA ASN A 52 4.46 -0.90 2.76
C ASN A 52 3.68 -1.09 1.46
N TYR A 53 3.73 -2.35 0.97
CA TYR A 53 3.07 -2.73 -0.27
C TYR A 53 1.63 -2.21 -0.30
N CYS A 54 1.29 -1.61 -1.46
CA CYS A 54 -0.02 -1.00 -1.58
C CYS A 54 -1.14 -2.01 -1.44
N ARG A 55 -2.23 -1.50 -0.84
CA ARG A 55 -3.40 -2.33 -0.58
C ARG A 55 -4.61 -1.47 -0.92
N ASN A 56 -5.80 -2.00 -0.59
CA ASN A 56 -6.98 -1.20 -0.87
C ASN A 56 -8.07 -1.43 0.18
N PRO A 57 -7.77 -1.12 1.48
CA PRO A 57 -8.72 -1.47 2.55
C PRO A 57 -10.18 -0.97 2.39
N ASP A 58 -10.28 0.18 1.71
CA ASP A 58 -11.54 0.87 1.41
C ASP A 58 -11.83 0.84 -0.11
N ARG A 59 -11.14 -0.11 -0.73
CA ARG A 59 -11.06 -0.43 -2.15
C ARG A 59 -11.39 0.73 -3.11
N GLU A 60 -10.43 1.67 -3.04
CA GLU A 60 -10.27 2.85 -3.88
C GLU A 60 -10.03 2.37 -5.32
N LEU A 61 -10.07 3.33 -6.26
CA LEU A 61 -9.86 3.00 -7.67
C LEU A 61 -8.55 2.20 -7.89
N ARG A 62 -7.46 2.83 -7.41
CA ARG A 62 -6.11 2.27 -7.44
C ARG A 62 -5.81 1.86 -5.99
N PRO A 63 -4.99 0.78 -5.77
CA PRO A 63 -4.50 0.49 -4.42
C PRO A 63 -3.57 1.62 -3.99
N TRP A 64 -3.67 1.95 -2.69
CA TRP A 64 -2.93 3.06 -2.12
C TRP A 64 -2.14 2.57 -0.89
N CYS A 65 -1.39 3.54 -0.35
CA CYS A 65 -0.65 3.35 0.89
C CYS A 65 -0.34 4.75 1.43
N PHE A 66 0.10 4.75 2.71
CA PHE A 66 0.50 6.00 3.34
C PHE A 66 1.92 6.31 2.83
N THR A 67 2.18 7.60 2.57
CA THR A 67 3.46 7.96 1.99
C THR A 67 4.48 8.21 3.11
N THR A 68 5.72 8.46 2.67
CA THR A 68 6.79 8.75 3.61
C THR A 68 6.84 10.25 3.95
N ASP A 69 6.07 11.04 3.17
CA ASP A 69 6.02 12.49 3.40
C ASP A 69 5.09 12.79 4.61
N PRO A 70 5.62 13.51 5.64
CA PRO A 70 4.78 14.04 6.72
C PRO A 70 3.60 14.97 6.35
N ASN A 71 3.44 15.28 5.06
CA ASN A 71 2.34 16.13 4.61
C ASN A 71 1.39 15.31 3.72
N LYS A 72 1.96 14.51 2.82
CA LYS A 72 1.11 13.70 1.96
C LYS A 72 0.80 12.38 2.70
N ARG A 73 -0.38 12.42 3.37
CA ARG A 73 -0.85 11.26 4.12
C ARG A 73 -0.96 9.99 3.21
N TRP A 74 -2.10 9.90 2.48
CA TRP A 74 -2.30 8.74 1.60
C TRP A 74 -1.98 9.10 0.14
N GLU A 75 -1.78 8.04 -0.66
CA GLU A 75 -1.62 8.24 -2.10
C GLU A 75 -1.79 6.92 -2.84
N LEU A 76 -2.31 7.07 -4.06
CA LEU A 76 -2.53 5.96 -4.98
C LEU A 76 -1.16 5.46 -5.48
N CYS A 77 -1.10 4.14 -5.68
CA CYS A 77 0.13 3.48 -6.13
C CYS A 77 0.26 3.37 -7.64
N ASP A 78 1.53 3.10 -8.00
CA ASP A 78 1.98 2.95 -9.37
C ASP A 78 2.14 1.45 -9.65
N ILE A 79 0.96 0.83 -9.85
CA ILE A 79 0.93 -0.62 -10.02
C ILE A 79 0.78 -0.99 -11.51
N PRO A 80 1.59 -2.00 -11.96
CA PRO A 80 1.53 -2.47 -13.34
C PRO A 80 0.17 -3.09 -13.68
N ARG A 81 -0.40 -2.53 -14.77
CA ARG A 81 -1.66 -3.03 -15.28
C ARG A 81 -1.40 -4.41 -15.92
N CYS A 82 -2.37 -5.34 -15.74
CA CYS A 82 -2.22 -6.64 -16.42
C CYS A 82 -2.38 -6.47 -17.94
N THR A 83 -1.22 -6.29 -18.60
CA THR A 83 -1.16 -6.15 -20.04
C THR A 83 0.30 -6.28 -20.49
C1 AMH B . -7.84 7.48 3.12
C2 AMH B . -9.23 6.86 3.30
C3 AMH B . -9.94 6.77 1.94
C4 AMH B . -9.17 5.89 0.94
C5 AMH B . -7.75 6.45 0.80
C6 AMH B . -7.04 6.60 2.16
C7 AMH B . -9.82 5.87 -0.47
C8 AMH B . -7.07 7.60 4.47
N AMH B . -11.28 5.74 -0.39
O1 AMH B . -7.45 6.98 5.46
O2 AMH B . -6.09 8.33 4.52
H1 AMH B . -7.93 8.49 2.71
H21 AMH B . -9.82 7.44 4.00
H22 AMH B . -9.08 5.86 3.71
H31 AMH B . -10.94 6.39 2.10
H32 AMH B . -10.01 7.76 1.52
H4 AMH B . -9.12 4.86 1.32
H51 AMH B . -7.16 5.86 0.11
H52 AMH B . -7.85 7.45 0.36
H61 AMH B . -6.04 7.00 2.06
H62 AMH B . -6.96 5.62 2.63
H71 AMH B . -9.56 6.78 -1.01
H72 AMH B . -9.43 5.02 -1.02
HN1 AMH B . -11.63 5.53 -1.29
HN2 AMH B . -11.53 5.02 0.25
HN3 AMH B . -11.67 6.62 -0.08
N THR A 1 0.50 -15.97 -6.13
CA THR A 1 0.92 -16.11 -4.75
C THR A 1 0.99 -14.71 -4.11
N SER A 2 1.94 -13.95 -4.69
CA SER A 2 2.17 -12.56 -4.37
C SER A 2 2.07 -11.87 -5.73
N GLU A 3 0.85 -11.37 -5.97
CA GLU A 3 0.56 -10.83 -7.30
C GLU A 3 1.17 -9.42 -7.42
N GLU A 4 2.08 -9.31 -8.41
CA GLU A 4 2.81 -8.07 -8.65
C GLU A 4 2.01 -7.09 -9.53
N CYS A 5 1.44 -7.64 -10.63
CA CYS A 5 0.69 -6.80 -11.56
C CYS A 5 -0.80 -6.98 -11.26
N MET A 6 -1.58 -5.92 -11.57
CA MET A 6 -3.02 -5.99 -11.31
C MET A 6 -3.82 -5.85 -12.60
N HIS A 7 -5.04 -6.43 -12.49
CA HIS A 7 -6.07 -6.34 -13.51
C HIS A 7 -6.54 -4.88 -13.65
N GLY A 8 -6.46 -4.16 -12.51
CA GLY A 8 -6.80 -2.74 -12.47
C GLY A 8 -7.57 -2.33 -11.20
N SER A 9 -7.28 -3.04 -10.10
CA SER A 9 -7.95 -2.76 -8.82
C SER A 9 -6.94 -2.74 -7.67
N GLY A 10 -6.33 -3.93 -7.50
CA GLY A 10 -5.37 -4.14 -6.42
C GLY A 10 -6.03 -4.76 -5.19
N GLU A 11 -7.27 -5.24 -5.42
CA GLU A 11 -8.06 -5.88 -4.37
C GLU A 11 -7.25 -7.01 -3.69
N ASN A 12 -6.52 -7.73 -4.57
CA ASN A 12 -5.56 -8.73 -4.10
C ASN A 12 -4.17 -8.32 -4.58
N TYR A 13 -3.78 -7.08 -4.19
CA TYR A 13 -2.40 -6.70 -4.46
C TYR A 13 -1.58 -7.23 -3.27
N ASP A 14 -0.65 -8.16 -3.57
CA ASP A 14 0.21 -8.66 -2.50
C ASP A 14 1.61 -9.02 -3.01
N GLY A 15 2.11 -8.13 -3.88
CA GLY A 15 3.43 -8.28 -4.45
C GLY A 15 4.47 -7.61 -3.56
N LYS A 16 5.32 -6.81 -4.24
CA LYS A 16 6.49 -6.20 -3.60
C LYS A 16 6.75 -4.73 -3.99
N ILE A 17 5.89 -4.14 -4.86
CA ILE A 17 6.08 -2.74 -5.21
C ILE A 17 5.63 -1.88 -3.99
N SER A 18 6.44 -0.84 -3.74
CA SER A 18 6.27 0.07 -2.61
C SER A 18 6.56 1.54 -3.02
N LYS A 19 6.18 1.92 -4.27
CA LYS A 19 6.47 3.28 -4.73
C LYS A 19 5.16 3.97 -5.13
N THR A 20 4.93 5.12 -4.47
CA THR A 20 3.73 5.90 -4.75
C THR A 20 3.94 6.76 -5.99
N MET A 21 2.98 6.58 -6.91
CA MET A 21 2.90 7.14 -8.26
C MET A 21 3.34 8.61 -8.39
N SER A 22 2.90 9.40 -7.40
CA SER A 22 3.16 10.83 -7.37
C SER A 22 4.10 11.21 -6.23
N GLY A 23 3.84 10.55 -5.08
CA GLY A 23 4.57 10.81 -3.85
C GLY A 23 6.03 10.30 -3.85
N LEU A 24 6.30 9.34 -2.94
CA LEU A 24 7.66 8.89 -2.68
C LEU A 24 7.64 7.36 -2.44
N GLU A 25 8.69 6.91 -1.71
CA GLU A 25 8.79 5.53 -1.25
C GLU A 25 7.70 5.33 -0.19
N CYS A 26 7.15 4.11 -0.17
CA CYS A 26 6.15 3.82 0.84
C CYS A 26 6.81 3.53 2.20
N GLN A 27 6.09 4.08 3.18
CA GLN A 27 6.32 3.97 4.60
C GLN A 27 5.42 2.80 5.05
N ALA A 28 6.06 1.92 5.84
CA ALA A 28 5.45 0.66 6.22
C ALA A 28 4.16 0.78 7.05
N TRP A 29 3.30 -0.25 6.91
CA TRP A 29 2.05 -0.32 7.65
C TRP A 29 2.26 -0.63 9.14
N ASP A 30 3.53 -0.92 9.54
CA ASP A 30 3.80 -1.20 10.94
C ASP A 30 3.69 0.13 11.73
N SER A 31 4.29 0.15 12.93
CA SER A 31 4.31 1.37 13.74
C SER A 31 5.77 1.78 13.81
N GLN A 32 6.05 2.87 13.05
CA GLN A 32 7.42 3.33 12.90
C GLN A 32 7.47 4.87 12.87
N SER A 33 6.98 5.45 11.75
CA SER A 33 7.05 6.90 11.59
C SER A 33 6.26 7.23 10.32
N PRO A 34 5.97 8.54 10.05
CA PRO A 34 6.15 9.68 10.96
C PRO A 34 5.23 9.68 12.20
N HIS A 35 4.26 8.74 12.18
CA HIS A 35 3.33 8.61 13.28
C HIS A 35 2.69 7.22 13.19
N ALA A 36 2.24 6.73 14.37
CA ALA A 36 1.54 5.45 14.42
C ALA A 36 0.11 5.64 13.86
N HIS A 37 0.07 5.56 12.53
CA HIS A 37 -1.16 5.66 11.76
C HIS A 37 -2.00 4.37 11.94
N GLY A 38 -3.23 4.42 11.40
CA GLY A 38 -4.09 3.23 11.46
C GLY A 38 -3.64 2.20 10.40
N TYR A 39 -4.46 1.14 10.27
CA TYR A 39 -4.17 0.05 9.31
C TYR A 39 -2.82 -0.60 9.67
N ILE A 40 -2.82 -1.28 10.83
CA ILE A 40 -1.58 -1.83 11.36
C ILE A 40 -1.67 -3.38 11.36
N PRO A 41 -0.63 -4.08 10.80
CA PRO A 41 -0.63 -5.55 10.74
C PRO A 41 -0.93 -6.30 12.05
N SER A 42 -0.72 -5.60 13.18
CA SER A 42 -0.98 -6.16 14.49
C SER A 42 -2.45 -6.62 14.69
N LYS A 43 -3.34 -6.03 13.86
CA LYS A 43 -4.76 -6.34 13.94
C LYS A 43 -5.22 -7.21 12.75
N PHE A 44 -4.26 -7.55 11.87
CA PHE A 44 -4.60 -8.33 10.69
C PHE A 44 -3.66 -9.55 10.55
N PRO A 45 -4.19 -10.76 10.87
CA PRO A 45 -3.50 -11.99 10.47
C PRO A 45 -3.60 -12.25 8.94
N ASN A 46 -4.36 -11.36 8.28
CA ASN A 46 -4.57 -11.39 6.85
C ASN A 46 -3.26 -11.02 6.12
N LYS A 47 -3.27 -11.27 4.79
CA LYS A 47 -2.08 -10.96 4.00
C LYS A 47 -2.10 -9.51 3.49
N ASN A 48 -3.09 -8.74 4.00
CA ASN A 48 -3.21 -7.33 3.66
C ASN A 48 -2.00 -6.53 4.21
N LEU A 49 -2.18 -5.70 5.25
CA LEU A 49 -1.06 -4.87 5.70
C LEU A 49 0.18 -5.71 5.99
N LYS A 50 1.27 -5.30 5.31
CA LYS A 50 2.55 -5.96 5.45
C LYS A 50 3.58 -4.86 5.77
N LYS A 51 4.76 -4.92 5.13
CA LYS A 51 5.76 -3.86 5.36
C LYS A 51 5.31 -2.59 4.61
N ASN A 52 6.01 -2.22 3.52
CA ASN A 52 5.66 -0.99 2.80
C ASN A 52 5.05 -1.27 1.43
N TYR A 53 4.66 -2.55 1.26
CA TYR A 53 4.01 -2.93 0.01
C TYR A 53 2.55 -2.43 0.05
N CYS A 54 2.14 -1.84 -1.09
CA CYS A 54 0.80 -1.28 -1.26
C CYS A 54 -0.29 -2.33 -0.93
N ARG A 55 -1.55 -1.84 -0.76
CA ARG A 55 -2.77 -2.62 -0.50
C ARG A 55 -3.97 -1.77 -0.96
N ASN A 56 -5.16 -2.36 -0.74
CA ASN A 56 -6.46 -1.75 -1.05
C ASN A 56 -7.37 -1.83 0.21
N PRO A 57 -6.99 -1.19 1.35
CA PRO A 57 -7.82 -1.32 2.56
C PRO A 57 -9.27 -0.86 2.38
N ASP A 58 -9.37 0.37 1.83
CA ASP A 58 -10.64 1.00 1.52
C ASP A 58 -11.01 0.78 0.03
N ARG A 59 -10.14 -0.01 -0.62
CA ARG A 59 -10.21 -0.41 -2.02
C ARG A 59 -10.73 0.68 -2.98
N GLU A 60 -9.76 1.59 -3.17
CA GLU A 60 -9.78 2.73 -4.06
C GLU A 60 -9.63 2.23 -5.52
N LEU A 61 -9.02 3.11 -6.34
CA LEU A 61 -8.74 2.80 -7.74
C LEU A 61 -7.50 1.88 -7.86
N ARG A 62 -6.33 2.50 -7.56
CA ARG A 62 -5.02 1.84 -7.63
C ARG A 62 -4.43 1.73 -6.20
N PRO A 63 -3.87 0.53 -5.83
CA PRO A 63 -3.46 0.23 -4.44
C PRO A 63 -2.51 1.28 -3.85
N TRP A 64 -2.74 1.67 -2.59
CA TRP A 64 -1.90 2.68 -1.94
C TRP A 64 -1.16 2.11 -0.72
N CYS A 65 -0.33 3.01 -0.18
CA CYS A 65 0.41 2.83 1.07
C CYS A 65 0.80 4.25 1.52
N PHE A 66 1.27 4.33 2.77
CA PHE A 66 1.67 5.64 3.29
C PHE A 66 3.01 6.00 2.64
N THR A 67 3.34 7.31 2.59
CA THR A 67 4.63 7.70 2.00
C THR A 67 5.56 8.07 3.14
N THR A 68 6.85 8.24 2.77
CA THR A 68 7.82 8.68 3.75
C THR A 68 7.68 10.19 4.08
N ASP A 69 6.81 10.89 3.32
CA ASP A 69 6.62 12.32 3.54
C ASP A 69 5.46 12.55 4.55
N PRO A 70 5.70 13.40 5.59
CA PRO A 70 4.71 13.63 6.64
C PRO A 70 3.50 14.50 6.25
N ASN A 71 3.44 14.90 4.97
CA ASN A 71 2.31 15.70 4.48
C ASN A 71 1.52 14.85 3.49
N LYS A 72 2.26 14.12 2.63
CA LYS A 72 1.58 13.22 1.70
C LYS A 72 1.44 11.87 2.42
N ARG A 73 0.55 11.90 3.43
CA ARG A 73 0.33 10.74 4.28
C ARG A 73 0.11 9.46 3.46
N TRP A 74 -1.07 9.38 2.81
CA TRP A 74 -1.37 8.25 1.94
C TRP A 74 -1.06 8.61 0.47
N GLU A 75 -0.71 7.59 -0.33
CA GLU A 75 -0.58 7.84 -1.76
C GLU A 75 -0.65 6.53 -2.56
N LEU A 76 -1.28 6.68 -3.75
CA LEU A 76 -1.46 5.55 -4.67
C LEU A 76 -0.10 5.09 -5.24
N CYS A 77 0.01 3.77 -5.38
CA CYS A 77 1.18 3.10 -5.93
C CYS A 77 1.12 3.00 -7.44
N ASP A 78 2.34 3.01 -8.03
CA ASP A 78 2.40 2.78 -9.48
C ASP A 78 2.72 1.30 -9.67
N ILE A 79 1.62 0.54 -9.84
CA ILE A 79 1.74 -0.89 -10.02
C ILE A 79 1.66 -1.20 -11.52
N PRO A 80 2.51 -2.16 -11.99
CA PRO A 80 2.44 -2.65 -13.36
C PRO A 80 1.07 -3.30 -13.67
N ARG A 81 0.49 -2.85 -14.79
CA ARG A 81 -0.77 -3.43 -15.24
C ARG A 81 -0.46 -4.83 -15.80
N CYS A 82 -1.38 -5.79 -15.54
CA CYS A 82 -1.18 -7.12 -16.12
C CYS A 82 -1.56 -7.09 -17.61
N THR A 83 -0.64 -6.49 -18.40
CA THR A 83 -0.83 -6.33 -19.83
C THR A 83 0.55 -6.50 -20.50
C1 AMH B . -7.49 7.28 3.66
C2 AMH B . -8.65 6.35 3.33
C3 AMH B . -8.99 6.47 1.85
C4 AMH B . -7.84 5.94 0.99
C5 AMH B . -6.56 6.72 1.37
C6 AMH B . -6.26 6.81 2.87
C7 AMH B . -8.22 6.15 -0.48
C8 AMH B . -7.25 7.26 5.18
N AMH B . -7.11 5.77 -1.34
O1 AMH B . -6.66 6.33 5.69
O2 AMH B . -7.63 8.21 5.86
H1 AMH B . -7.70 8.31 3.37
H21 AMH B . -9.52 6.60 3.94
H22 AMH B . -8.33 5.32 3.55
H31 AMH B . -9.92 5.96 1.64
H32 AMH B . -9.14 7.53 1.62
H4 AMH B . -7.70 4.86 1.19
H51 AMH B . -5.70 6.30 0.83
H52 AMH B . -6.73 7.73 1.00
H61 AMH B . -5.45 7.52 3.07
H62 AMH B . -5.92 5.86 3.24
H71 AMH B . -9.08 5.53 -0.72
H72 AMH B . -8.45 7.20 -0.65
HN1 AMH B . -6.22 6.07 -0.97
HN2 AMH B . -7.10 4.77 -1.43
HN3 AMH B . -7.24 6.17 -2.24
N THR A 1 4.87 -14.67 -12.46
CA THR A 1 4.29 -15.21 -11.26
C THR A 1 3.35 -14.10 -10.82
N SER A 2 2.57 -14.36 -9.76
CA SER A 2 1.71 -13.30 -9.24
C SER A 2 2.60 -12.32 -8.45
N GLU A 3 1.90 -11.36 -7.84
CA GLU A 3 2.54 -10.38 -6.96
C GLU A 3 3.61 -9.57 -7.68
N GLU A 4 3.16 -9.06 -8.84
CA GLU A 4 4.02 -8.24 -9.68
C GLU A 4 3.14 -7.26 -10.44
N CYS A 5 2.32 -7.86 -11.33
CA CYS A 5 1.36 -7.08 -12.11
C CYS A 5 -0.03 -7.42 -11.60
N MET A 6 -0.89 -6.39 -11.67
CA MET A 6 -2.28 -6.47 -11.25
C MET A 6 -3.11 -5.87 -12.39
N HIS A 7 -4.40 -6.24 -12.33
CA HIS A 7 -5.34 -5.68 -13.29
C HIS A 7 -5.65 -4.20 -12.98
N GLY A 8 -5.69 -3.89 -11.67
CA GLY A 8 -5.99 -2.50 -11.33
C GLY A 8 -5.80 -2.14 -9.85
N SER A 9 -6.67 -2.73 -9.00
CA SER A 9 -6.75 -2.33 -7.59
C SER A 9 -5.88 -3.15 -6.63
N GLY A 10 -5.41 -4.33 -7.08
CA GLY A 10 -4.54 -5.09 -6.18
C GLY A 10 -5.18 -5.44 -4.82
N GLU A 11 -6.46 -5.85 -4.95
CA GLU A 11 -7.26 -6.20 -3.78
C GLU A 11 -6.49 -7.15 -2.83
N ASN A 12 -6.02 -8.28 -3.43
CA ASN A 12 -5.27 -9.28 -2.66
C ASN A 12 -3.76 -9.26 -3.00
N TYR A 13 -3.32 -8.13 -3.59
CA TYR A 13 -1.92 -7.96 -3.94
C TYR A 13 -1.13 -7.49 -2.70
N ASP A 14 -0.18 -8.32 -2.24
CA ASP A 14 0.65 -7.97 -1.10
C ASP A 14 2.12 -8.28 -1.47
N GLY A 15 2.46 -7.91 -2.72
CA GLY A 15 3.73 -8.33 -3.32
C GLY A 15 5.00 -7.59 -2.92
N LYS A 16 5.30 -6.51 -3.68
CA LYS A 16 6.62 -5.87 -3.49
C LYS A 16 6.66 -4.35 -3.77
N ILE A 17 5.85 -3.91 -4.76
CA ILE A 17 5.84 -2.49 -5.10
C ILE A 17 5.24 -1.73 -3.89
N SER A 18 6.04 -0.70 -3.54
CA SER A 18 5.85 0.24 -2.43
C SER A 18 6.27 1.64 -2.91
N LYS A 19 5.81 2.01 -4.13
CA LYS A 19 6.19 3.31 -4.69
C LYS A 19 4.92 3.99 -5.21
N THR A 20 4.70 5.20 -4.67
CA THR A 20 3.50 5.97 -4.99
C THR A 20 3.67 6.69 -6.33
N MET A 21 2.57 6.55 -7.11
CA MET A 21 2.40 6.97 -8.50
C MET A 21 2.97 8.35 -8.81
N SER A 22 2.83 9.25 -7.84
CA SER A 22 3.28 10.62 -8.03
C SER A 22 4.16 11.09 -6.87
N GLY A 23 4.94 10.17 -6.25
CA GLY A 23 5.67 10.72 -5.10
C GLY A 23 6.85 9.92 -4.54
N LEU A 24 6.51 9.06 -3.56
CA LEU A 24 7.54 8.55 -2.66
C LEU A 24 7.47 7.04 -2.45
N GLU A 25 8.47 6.61 -1.65
CA GLU A 25 8.52 5.24 -1.18
C GLU A 25 7.50 5.14 -0.03
N CYS A 26 6.83 3.98 0.03
CA CYS A 26 5.87 3.78 1.10
C CYS A 26 6.55 3.41 2.43
N GLN A 27 5.88 3.93 3.47
CA GLN A 27 6.17 3.75 4.87
C GLN A 27 5.36 2.51 5.30
N ALA A 28 6.03 1.62 6.05
CA ALA A 28 5.43 0.36 6.45
C ALA A 28 4.14 0.52 7.25
N TRP A 29 3.28 -0.52 7.18
CA TRP A 29 1.96 -0.49 7.80
C TRP A 29 1.95 -0.63 9.35
N ASP A 30 3.12 -0.60 9.99
CA ASP A 30 3.18 -0.73 11.44
C ASP A 30 2.86 0.65 12.09
N SER A 31 3.68 1.02 13.09
CA SER A 31 3.55 2.31 13.77
C SER A 31 4.97 2.75 14.12
N GLN A 32 5.43 3.72 13.33
CA GLN A 32 6.81 4.16 13.34
C GLN A 32 6.95 5.69 13.26
N SER A 33 6.85 6.16 12.02
CA SER A 33 7.02 7.54 11.63
C SER A 33 6.85 7.52 10.10
N PRO A 34 6.23 8.57 9.49
CA PRO A 34 5.86 9.83 10.14
C PRO A 34 4.69 9.86 11.13
N HIS A 35 3.93 8.76 11.21
CA HIS A 35 2.76 8.80 12.10
C HIS A 35 2.21 7.39 12.35
N ALA A 36 1.67 7.24 13.57
CA ALA A 36 0.99 6.00 13.97
C ALA A 36 -0.43 6.01 13.36
N HIS A 37 -0.42 5.81 12.04
CA HIS A 37 -1.63 5.82 11.22
C HIS A 37 -2.53 4.59 11.51
N GLY A 38 -3.72 4.65 10.90
CA GLY A 38 -4.66 3.53 11.01
C GLY A 38 -4.26 2.41 10.05
N TYR A 39 -5.01 1.29 10.13
CA TYR A 39 -4.73 0.11 9.30
C TYR A 39 -3.39 -0.52 9.72
N ILE A 40 -3.38 -0.99 10.99
CA ILE A 40 -2.18 -1.57 11.57
C ILE A 40 -2.40 -3.10 11.65
N PRO A 41 -1.45 -3.91 11.09
CA PRO A 41 -1.63 -5.36 10.99
C PRO A 41 -1.94 -6.08 12.32
N SER A 42 -1.56 -5.42 13.42
CA SER A 42 -1.81 -5.95 14.76
C SER A 42 -3.31 -6.12 15.08
N LYS A 43 -4.16 -5.49 14.25
CA LYS A 43 -5.61 -5.55 14.43
C LYS A 43 -6.25 -6.46 13.39
N PHE A 44 -5.41 -7.05 12.51
CA PHE A 44 -5.95 -7.87 11.43
C PHE A 44 -5.36 -9.30 11.46
N PRO A 45 -6.24 -10.30 11.77
CA PRO A 45 -5.96 -11.67 11.35
C PRO A 45 -6.23 -11.86 9.82
N ASN A 46 -6.78 -10.79 9.22
CA ASN A 46 -7.04 -10.77 7.79
C ASN A 46 -5.70 -10.63 7.04
N LYS A 47 -5.66 -11.18 5.81
CA LYS A 47 -4.42 -11.11 5.04
C LYS A 47 -4.44 -9.81 4.22
N ASN A 48 -4.25 -8.69 4.95
CA ASN A 48 -4.23 -7.38 4.32
C ASN A 48 -2.85 -6.70 4.45
N LEU A 49 -2.63 -5.92 5.54
CA LEU A 49 -1.38 -5.18 5.63
C LEU A 49 -0.16 -6.12 5.60
N LYS A 50 0.94 -5.53 5.08
CA LYS A 50 2.19 -6.26 4.92
C LYS A 50 3.32 -5.32 5.37
N LYS A 51 4.46 -5.37 4.65
CA LYS A 51 5.58 -4.47 4.96
C LYS A 51 5.17 -3.00 4.68
N ASN A 52 5.52 -2.53 3.48
CA ASN A 52 5.17 -1.19 3.01
C ASN A 52 4.53 -1.28 1.62
N TYR A 53 4.20 -2.53 1.24
CA TYR A 53 3.64 -2.78 -0.08
C TYR A 53 2.22 -2.19 -0.13
N CYS A 54 1.91 -1.70 -1.34
CA CYS A 54 0.60 -1.09 -1.56
C CYS A 54 -0.53 -2.12 -1.37
N ARG A 55 -1.51 -1.73 -0.56
CA ARG A 55 -2.67 -2.57 -0.27
C ARG A 55 -3.92 -1.77 -0.61
N ASN A 56 -5.07 -2.28 -0.12
CA ASN A 56 -6.30 -1.56 -0.40
C ASN A 56 -7.36 -1.83 0.69
N PRO A 57 -7.10 -1.35 1.94
CA PRO A 57 -8.05 -1.56 3.04
C PRO A 57 -9.51 -1.12 2.76
N ASP A 58 -9.60 0.07 2.15
CA ASP A 58 -10.89 0.67 1.76
C ASP A 58 -11.20 0.37 0.28
N ARG A 59 -10.25 -0.37 -0.32
CA ARG A 59 -10.22 -0.79 -1.70
C ARG A 59 -10.59 0.30 -2.71
N GLU A 60 -9.63 1.25 -2.71
CA GLU A 60 -9.51 2.37 -3.62
C GLU A 60 -9.26 1.81 -5.04
N LEU A 61 -9.38 2.71 -6.03
CA LEU A 61 -9.20 2.30 -7.42
C LEU A 61 -7.84 1.60 -7.66
N ARG A 62 -6.80 2.33 -7.27
CA ARG A 62 -5.41 1.90 -7.34
C ARG A 62 -5.00 1.55 -5.88
N PRO A 63 -4.17 0.48 -5.65
CA PRO A 63 -3.72 0.15 -4.29
C PRO A 63 -2.76 1.24 -3.81
N TRP A 64 -2.89 1.58 -2.52
CA TRP A 64 -2.12 2.67 -1.94
C TRP A 64 -1.38 2.18 -0.68
N CYS A 65 -0.55 3.11 -0.19
CA CYS A 65 0.16 2.92 1.07
C CYS A 65 0.52 4.32 1.57
N PHE A 66 0.91 4.35 2.87
CA PHE A 66 1.30 5.61 3.48
C PHE A 66 2.71 5.96 2.99
N THR A 67 3.04 7.27 2.96
CA THR A 67 4.36 7.66 2.47
C THR A 67 5.28 8.01 3.66
N THR A 68 6.53 8.33 3.28
CA THR A 68 7.54 8.73 4.24
C THR A 68 7.46 10.24 4.58
N ASP A 69 6.57 10.96 3.86
CA ASP A 69 6.44 12.39 4.07
C ASP A 69 5.39 12.67 5.18
N PRO A 70 5.79 13.42 6.25
CA PRO A 70 4.85 13.93 7.24
C PRO A 70 3.64 14.78 6.77
N ASN A 71 3.56 15.05 5.46
CA ASN A 71 2.44 15.81 4.91
C ASN A 71 1.61 14.92 3.98
N LYS A 72 2.32 14.16 3.13
CA LYS A 72 1.59 13.28 2.22
C LYS A 72 1.32 11.94 2.94
N ARG A 73 0.17 11.95 3.63
CA ARG A 73 -0.28 10.75 4.35
C ARG A 73 -0.32 9.50 3.43
N TRP A 74 -1.45 9.38 2.70
CA TRP A 74 -1.65 8.25 1.80
C TRP A 74 -1.32 8.65 0.34
N GLU A 75 -1.07 7.60 -0.46
CA GLU A 75 -0.91 7.83 -1.89
C GLU A 75 -0.99 6.48 -2.64
N LEU A 76 -1.58 6.59 -3.85
CA LEU A 76 -1.77 5.46 -4.75
C LEU A 76 -0.40 5.02 -5.30
N CYS A 77 -0.29 3.71 -5.59
CA CYS A 77 0.89 3.11 -6.20
C CYS A 77 0.62 2.76 -7.66
N ASP A 78 1.55 3.16 -8.56
CA ASP A 78 1.30 2.75 -9.95
C ASP A 78 1.90 1.35 -10.16
N ILE A 79 1.04 0.38 -9.80
CA ILE A 79 1.40 -1.02 -9.87
C ILE A 79 1.38 -1.46 -11.35
N PRO A 80 2.38 -2.28 -11.77
CA PRO A 80 2.45 -2.82 -13.13
C PRO A 80 1.12 -3.42 -13.62
N ARG A 81 0.67 -2.94 -14.79
CA ARG A 81 -0.58 -3.48 -15.34
C ARG A 81 -0.29 -4.86 -15.95
N CYS A 82 -1.21 -5.80 -15.66
CA CYS A 82 -1.12 -7.10 -16.34
C CYS A 82 -1.71 -6.94 -17.75
N THR A 83 -0.92 -6.25 -18.59
CA THR A 83 -1.32 -5.95 -19.96
C THR A 83 -0.10 -6.19 -20.86
C1 AMH B . -7.42 6.84 3.44
C2 AMH B . -8.72 6.02 3.36
C3 AMH B . -9.36 6.19 1.98
C4 AMH B . -8.46 5.65 0.85
C5 AMH B . -7.08 6.28 0.98
C6 AMH B . -6.48 6.24 2.40
C7 AMH B . -9.06 5.94 -0.55
C8 AMH B . -6.82 6.81 4.87
N AMH B . -9.68 7.27 -0.63
O1 AMH B . -5.66 7.16 5.05
O2 AMH B . -7.52 6.47 5.83
H1 AMH B . -7.62 7.89 3.20
H21 AMH B . -9.44 6.35 4.11
H22 AMH B . -8.48 4.97 3.53
H31 AMH B . -10.34 5.71 1.94
H32 AMH B . -9.51 7.26 1.85
H4 AMH B . -8.36 4.56 0.97
H51 AMH B . -6.40 5.81 0.27
H52 AMH B . -7.18 7.32 0.71
H61 AMH B . -5.53 6.75 2.42
H62 AMH B . -6.28 5.22 2.70
H71 AMH B . -8.28 5.88 -1.31
H72 AMH B . -9.82 5.18 -0.78
HN1 AMH B . -9.77 7.48 -1.62
HN2 AMH B . -10.58 7.24 -0.21
HN3 AMH B . -9.10 7.95 -0.19
N THR A 1 3.12 -17.12 -2.79
CA THR A 1 2.95 -16.66 -4.14
C THR A 1 2.70 -15.17 -3.96
N SER A 2 2.47 -14.47 -5.07
CA SER A 2 2.22 -13.04 -5.04
C SER A 2 1.69 -12.69 -6.44
N GLU A 3 1.21 -11.45 -6.60
CA GLU A 3 0.79 -10.97 -7.91
C GLU A 3 1.64 -9.73 -8.19
N GLU A 4 2.67 -9.96 -9.03
CA GLU A 4 3.62 -8.90 -9.32
C GLU A 4 3.04 -7.84 -10.27
N CYS A 5 2.10 -8.30 -11.12
CA CYS A 5 1.38 -7.40 -12.03
C CYS A 5 -0.09 -7.56 -11.66
N MET A 6 -0.85 -6.46 -11.84
CA MET A 6 -2.25 -6.43 -11.42
C MET A 6 -3.18 -6.12 -12.59
N HIS A 7 -4.44 -6.49 -12.31
CA HIS A 7 -5.54 -6.24 -13.23
C HIS A 7 -5.90 -4.74 -13.29
N GLY A 8 -5.59 -4.04 -12.19
CA GLY A 8 -5.84 -2.60 -12.14
C GLY A 8 -6.15 -2.07 -10.73
N SER A 9 -6.70 -2.97 -9.89
CA SER A 9 -7.12 -2.58 -8.55
C SER A 9 -6.03 -2.84 -7.50
N GLY A 10 -5.61 -4.12 -7.50
CA GLY A 10 -4.61 -4.57 -6.54
C GLY A 10 -5.25 -5.04 -5.23
N GLU A 11 -6.53 -5.45 -5.37
CA GLU A 11 -7.27 -5.90 -4.19
C GLU A 11 -6.55 -7.04 -3.44
N ASN A 12 -5.90 -7.93 -4.23
CA ASN A 12 -5.14 -9.04 -3.65
C ASN A 12 -3.63 -8.79 -3.78
N TYR A 13 -3.29 -7.55 -4.19
CA TYR A 13 -1.90 -7.24 -4.46
C TYR A 13 -0.97 -7.26 -3.23
N ASP A 14 0.01 -8.17 -3.41
CA ASP A 14 1.23 -8.20 -2.63
C ASP A 14 2.29 -8.67 -3.65
N GLY A 15 3.53 -8.17 -3.44
CA GLY A 15 4.59 -8.54 -4.36
C GLY A 15 5.89 -7.87 -3.92
N LYS A 16 6.12 -6.67 -4.51
CA LYS A 16 7.38 -5.96 -4.23
C LYS A 16 7.27 -4.44 -4.47
N ILE A 17 6.31 -4.01 -5.30
CA ILE A 17 6.19 -2.58 -5.59
C ILE A 17 5.53 -1.88 -4.39
N SER A 18 6.23 -0.82 -3.93
CA SER A 18 5.75 0.00 -2.83
C SER A 18 6.13 1.48 -3.02
N LYS A 19 6.29 1.86 -4.31
CA LYS A 19 6.71 3.24 -4.60
C LYS A 19 5.47 4.03 -5.08
N THR A 20 5.24 5.12 -4.32
CA THR A 20 4.10 5.97 -4.63
C THR A 20 4.32 6.69 -5.97
N MET A 21 3.24 6.66 -6.77
CA MET A 21 3.11 7.13 -8.16
C MET A 21 3.92 8.40 -8.48
N SER A 22 4.06 9.25 -7.46
CA SER A 22 4.89 10.43 -7.63
C SER A 22 5.67 10.62 -6.33
N GLY A 23 4.92 10.95 -5.26
CA GLY A 23 5.39 11.20 -3.90
C GLY A 23 6.78 10.63 -3.54
N LEU A 24 6.77 9.58 -2.69
CA LEU A 24 8.00 9.01 -2.17
C LEU A 24 7.85 7.48 -2.18
N GLU A 25 8.77 6.82 -1.45
CA GLU A 25 8.68 5.39 -1.21
C GLU A 25 7.70 5.24 -0.04
N CYS A 26 6.96 4.13 -0.04
CA CYS A 26 6.01 3.94 1.04
C CYS A 26 6.70 3.48 2.34
N GLN A 27 6.02 3.94 3.40
CA GLN A 27 6.31 3.68 4.80
C GLN A 27 5.52 2.42 5.18
N ALA A 28 6.21 1.52 5.90
CA ALA A 28 5.61 0.25 6.31
C ALA A 28 4.33 0.45 7.16
N TRP A 29 3.37 -0.46 6.91
CA TRP A 29 2.02 -0.37 7.47
C TRP A 29 1.87 -0.48 9.01
N ASP A 30 2.90 -0.93 9.77
CA ASP A 30 2.63 -1.06 11.21
C ASP A 30 2.83 0.29 11.91
N SER A 31 3.35 0.24 13.16
CA SER A 31 3.59 1.47 13.91
C SER A 31 5.10 1.70 13.90
N GLN A 32 5.46 2.80 13.21
CA GLN A 32 6.87 3.11 13.00
C GLN A 32 7.14 4.64 13.10
N SER A 33 6.84 5.37 12.01
CA SER A 33 7.09 6.81 11.89
C SER A 33 6.89 7.16 10.39
N PRO A 34 6.08 8.21 10.03
CA PRO A 34 5.67 9.35 10.86
C PRO A 34 4.84 9.12 12.14
N HIS A 35 3.59 8.67 11.96
CA HIS A 35 2.71 8.47 13.11
C HIS A 35 2.01 7.11 12.95
N ALA A 36 1.49 6.62 14.10
CA ALA A 36 0.77 5.35 14.13
C ALA A 36 -0.63 5.49 13.51
N HIS A 37 -0.60 5.54 12.17
CA HIS A 37 -1.79 5.65 11.35
C HIS A 37 -2.61 4.33 11.42
N GLY A 38 -3.81 4.39 10.80
CA GLY A 38 -4.66 3.20 10.78
C GLY A 38 -4.13 2.14 9.81
N TYR A 39 -4.81 0.97 9.87
CA TYR A 39 -4.47 -0.19 9.03
C TYR A 39 -3.09 -0.78 9.44
N ILE A 40 -3.04 -1.17 10.73
CA ILE A 40 -1.82 -1.66 11.35
C ILE A 40 -1.86 -3.22 11.41
N PRO A 41 -1.01 -3.95 10.61
CA PRO A 41 -1.10 -5.40 10.54
C PRO A 41 -1.08 -6.20 11.86
N SER A 42 -0.47 -5.62 12.91
CA SER A 42 -0.46 -6.33 14.19
C SER A 42 -1.86 -6.48 14.81
N LYS A 43 -2.86 -5.84 14.17
CA LYS A 43 -4.24 -5.83 14.62
C LYS A 43 -5.13 -6.64 13.66
N PHE A 44 -4.47 -7.31 12.69
CA PHE A 44 -5.19 -8.08 11.69
C PHE A 44 -4.72 -9.54 11.72
N PRO A 45 -5.63 -10.49 12.09
CA PRO A 45 -5.39 -11.90 11.76
C PRO A 45 -5.45 -12.17 10.24
N ASN A 46 -5.92 -11.14 9.52
CA ASN A 46 -5.98 -11.13 8.06
C ASN A 46 -4.53 -11.09 7.52
N LYS A 47 -4.37 -10.82 6.22
CA LYS A 47 -3.03 -10.70 5.64
C LYS A 47 -3.09 -9.66 4.52
N ASN A 48 -3.91 -8.64 4.83
CA ASN A 48 -4.14 -7.49 3.98
C ASN A 48 -2.88 -6.62 3.96
N LEU A 49 -2.55 -6.06 5.14
CA LEU A 49 -1.35 -5.22 5.20
C LEU A 49 -0.13 -6.14 5.18
N LYS A 50 0.99 -5.51 4.77
CA LYS A 50 2.24 -6.24 4.61
C LYS A 50 3.37 -5.35 5.14
N LYS A 51 4.53 -5.42 4.43
CA LYS A 51 5.66 -4.55 4.76
C LYS A 51 5.21 -3.09 4.52
N ASN A 52 5.44 -2.63 3.28
CA ASN A 52 5.03 -1.28 2.85
C ASN A 52 4.20 -1.34 1.55
N TYR A 53 4.11 -2.56 0.98
CA TYR A 53 3.43 -2.84 -0.28
C TYR A 53 2.06 -2.13 -0.37
N CYS A 54 1.80 -1.61 -1.57
CA CYS A 54 0.54 -0.92 -1.81
C CYS A 54 -0.65 -1.88 -1.65
N ARG A 55 -1.66 -1.44 -0.88
CA ARG A 55 -2.85 -2.24 -0.62
C ARG A 55 -4.10 -1.44 -0.98
N ASN A 56 -5.24 -2.08 -0.63
CA ASN A 56 -6.56 -1.56 -0.93
C ASN A 56 -7.50 -1.71 0.31
N PRO A 57 -7.12 -1.16 1.52
CA PRO A 57 -7.98 -1.34 2.69
C PRO A 57 -9.43 -0.82 2.53
N ASP A 58 -9.49 0.37 1.91
CA ASP A 58 -10.75 1.03 1.57
C ASP A 58 -11.10 0.76 0.09
N ARG A 59 -10.28 -0.15 -0.47
CA ARG A 59 -10.29 -0.59 -1.86
C ARG A 59 -10.66 0.49 -2.87
N GLU A 60 -9.66 1.39 -2.88
CA GLU A 60 -9.58 2.48 -3.83
C GLU A 60 -9.16 1.83 -5.15
N LEU A 61 -9.15 2.65 -6.21
CA LEU A 61 -8.80 2.12 -7.52
C LEU A 61 -7.33 1.66 -7.53
N ARG A 62 -6.44 2.66 -7.62
CA ARG A 62 -5.02 2.38 -7.67
C ARG A 62 -4.58 1.93 -6.24
N PRO A 63 -3.74 0.86 -6.14
CA PRO A 63 -3.29 0.36 -4.84
C PRO A 63 -2.39 1.45 -4.21
N TRP A 64 -2.64 1.76 -2.93
CA TRP A 64 -1.91 2.85 -2.27
C TRP A 64 -1.23 2.36 -0.98
N CYS A 65 -0.32 3.21 -0.49
CA CYS A 65 0.33 2.96 0.80
C CYS A 65 0.70 4.34 1.37
N PHE A 66 1.02 4.32 2.67
CA PHE A 66 1.40 5.55 3.36
C PHE A 66 2.82 5.92 2.91
N THR A 67 3.13 7.23 2.93
CA THR A 67 4.46 7.67 2.53
C THR A 67 5.29 7.93 3.78
N THR A 68 6.59 8.13 3.54
CA THR A 68 7.50 8.44 4.64
C THR A 68 7.38 9.92 5.06
N ASP A 69 6.72 10.72 4.19
CA ASP A 69 6.56 12.14 4.50
C ASP A 69 5.32 12.34 5.40
N PRO A 70 5.50 12.98 6.59
CA PRO A 70 4.38 13.26 7.49
C PRO A 70 3.24 14.17 6.96
N ASN A 71 3.44 14.75 5.77
CA ASN A 71 2.43 15.65 5.19
C ASN A 71 1.61 14.86 4.18
N LYS A 72 2.36 14.09 3.37
CA LYS A 72 1.71 13.25 2.37
C LYS A 72 1.45 11.90 3.04
N ARG A 73 0.33 11.89 3.78
CA ARG A 73 -0.10 10.71 4.50
C ARG A 73 -0.13 9.47 3.58
N TRP A 74 -1.20 9.41 2.77
CA TRP A 74 -1.37 8.32 1.82
C TRP A 74 -0.98 8.79 0.41
N GLU A 75 -0.64 7.80 -0.44
CA GLU A 75 -0.39 8.10 -1.84
C GLU A 75 -0.61 6.82 -2.65
N LEU A 76 -1.18 7.04 -3.86
CA LEU A 76 -1.42 5.92 -4.77
C LEU A 76 -0.07 5.48 -5.34
N CYS A 77 0.07 4.17 -5.53
CA CYS A 77 1.29 3.59 -6.10
C CYS A 77 1.16 3.40 -7.60
N ASP A 78 2.35 3.27 -8.22
CA ASP A 78 2.37 2.92 -9.64
C ASP A 78 2.83 1.46 -9.71
N ILE A 79 1.86 0.61 -10.11
CA ILE A 79 2.04 -0.84 -10.19
C ILE A 79 1.97 -1.20 -11.69
N PRO A 80 2.78 -2.22 -12.10
CA PRO A 80 2.72 -2.72 -13.47
C PRO A 80 1.41 -3.50 -13.71
N ARG A 81 0.66 -2.97 -14.69
CA ARG A 81 -0.57 -3.63 -15.10
C ARG A 81 -0.19 -4.86 -15.92
N CYS A 82 -0.82 -6.02 -15.62
CA CYS A 82 -0.60 -7.19 -16.46
C CYS A 82 -1.06 -6.86 -17.89
N THR A 83 -0.05 -6.70 -18.76
CA THR A 83 -0.26 -6.24 -20.12
C THR A 83 0.74 -6.96 -21.04
C1 AMH B . -7.15 6.90 3.56
C2 AMH B . -8.44 6.10 3.37
C3 AMH B . -9.06 6.42 2.02
C4 AMH B . -8.16 6.01 0.84
C5 AMH B . -6.78 6.63 1.05
C6 AMH B . -6.19 6.43 2.46
C7 AMH B . -8.71 6.46 -0.52
C8 AMH B . -6.55 6.70 4.97
N AMH B . -9.37 7.77 -0.42
O1 AMH B . -5.37 6.99 5.18
O2 AMH B . -7.25 6.28 5.89
H1 AMH B . -7.34 7.97 3.44
H21 AMH B . -9.16 6.34 4.16
H22 AMH B . -8.20 5.03 3.42
H31 AMH B . -10.04 5.96 1.92
H32 AMH B . -9.19 7.50 2.00
H4 AMH B . -8.06 4.91 0.84
H51 AMH B . -6.09 6.23 0.29
H52 AMH B . -6.89 7.69 0.88
H61 AMH B . -5.26 6.96 2.54
H62 AMH B . -5.98 5.39 2.62
H71 AMH B . -7.89 6.53 -1.25
H72 AMH B . -9.43 5.72 -0.88
HN1 AMH B . -8.83 8.39 0.16
HN2 AMH B . -9.45 8.16 -1.33
HN3 AMH B . -10.28 7.66 -0.02
N THR A 1 5.27 -10.47 -10.36
CA THR A 1 5.88 -11.72 -9.98
C THR A 1 4.85 -12.44 -9.10
N SER A 2 5.34 -13.25 -8.14
CA SER A 2 4.49 -13.99 -7.22
C SER A 2 3.49 -13.07 -6.50
N GLU A 3 2.19 -13.38 -6.73
CA GLU A 3 1.08 -12.62 -6.13
C GLU A 3 1.18 -11.12 -6.45
N GLU A 4 1.87 -10.84 -7.57
CA GLU A 4 2.25 -9.48 -7.88
C GLU A 4 2.09 -9.14 -9.35
N CYS A 5 1.06 -8.29 -9.50
CA CYS A 5 0.70 -7.57 -10.71
C CYS A 5 -0.65 -6.92 -10.44
N MET A 6 -1.03 -6.00 -11.33
CA MET A 6 -2.31 -5.30 -11.22
C MET A 6 -3.17 -5.59 -12.46
N HIS A 7 -4.36 -6.12 -12.14
CA HIS A 7 -5.40 -6.17 -13.16
C HIS A 7 -5.91 -4.73 -13.39
N GLY A 8 -5.91 -4.00 -12.25
CA GLY A 8 -6.33 -2.60 -12.23
C GLY A 8 -5.99 -1.97 -10.88
N SER A 9 -6.59 -2.54 -9.81
CA SER A 9 -6.41 -1.98 -8.46
C SER A 9 -5.48 -2.79 -7.55
N GLY A 10 -5.10 -3.99 -8.00
CA GLY A 10 -4.16 -4.79 -7.21
C GLY A 10 -4.78 -5.28 -5.89
N GLU A 11 -6.11 -5.45 -5.95
CA GLU A 11 -6.84 -5.89 -4.76
C GLU A 11 -6.31 -7.24 -4.22
N ASN A 12 -5.96 -8.13 -5.17
CA ASN A 12 -5.46 -9.46 -4.81
C ASN A 12 -3.91 -9.50 -4.79
N TYR A 13 -3.29 -8.33 -5.06
CA TYR A 13 -1.84 -8.23 -5.03
C TYR A 13 -1.42 -8.20 -3.54
N ASP A 14 -0.44 -9.06 -3.18
CA ASP A 14 -0.15 -9.21 -1.75
C ASP A 14 0.73 -8.10 -1.14
N GLY A 15 1.69 -7.64 -1.95
CA GLY A 15 2.63 -6.62 -1.50
C GLY A 15 4.08 -7.03 -1.79
N LYS A 16 4.61 -6.43 -2.88
CA LYS A 16 6.02 -6.62 -3.27
C LYS A 16 6.67 -5.28 -3.71
N ILE A 17 5.82 -4.28 -4.09
CA ILE A 17 6.24 -2.95 -4.52
C ILE A 17 5.62 -1.94 -3.53
N SER A 18 6.46 -0.94 -3.17
CA SER A 18 6.05 0.08 -2.20
C SER A 18 6.40 1.51 -2.67
N LYS A 19 6.58 1.69 -4.00
CA LYS A 19 6.97 3.02 -4.47
C LYS A 19 5.73 3.78 -4.95
N THR A 20 5.54 4.95 -4.30
CA THR A 20 4.40 5.78 -4.65
C THR A 20 4.61 6.38 -6.04
N MET A 21 3.49 6.31 -6.79
CA MET A 21 3.41 6.68 -8.20
C MET A 21 4.01 8.06 -8.50
N SER A 22 3.72 8.99 -7.58
CA SER A 22 4.15 10.37 -7.77
C SER A 22 5.16 10.79 -6.69
N GLY A 23 5.75 9.79 -6.00
CA GLY A 23 6.69 10.20 -4.96
C GLY A 23 7.73 9.14 -4.56
N LEU A 24 7.68 8.81 -3.26
CA LEU A 24 8.76 8.12 -2.56
C LEU A 24 8.49 6.62 -2.31
N GLU A 25 9.53 6.00 -1.74
CA GLU A 25 9.39 4.64 -1.24
C GLU A 25 8.61 4.78 0.08
N CYS A 26 7.60 3.91 0.21
CA CYS A 26 6.72 3.98 1.37
C CYS A 26 7.35 3.42 2.66
N GLN A 27 6.64 3.87 3.71
CA GLN A 27 6.84 3.62 5.12
C GLN A 27 6.05 2.34 5.47
N ALA A 28 6.70 1.51 6.30
CA ALA A 28 6.13 0.21 6.68
C ALA A 28 4.81 0.36 7.44
N TRP A 29 3.93 -0.65 7.25
CA TRP A 29 2.59 -0.64 7.82
C TRP A 29 2.51 -0.82 9.34
N ASP A 30 3.64 -0.93 10.07
CA ASP A 30 3.49 -1.08 11.53
C ASP A 30 3.49 0.33 12.15
N SER A 31 4.29 0.52 13.22
CA SER A 31 4.40 1.82 13.86
C SER A 31 5.88 2.15 14.01
N GLN A 32 6.22 3.25 13.32
CA GLN A 32 7.59 3.69 13.22
C GLN A 32 7.66 5.22 13.24
N SER A 33 7.03 5.76 12.20
CA SER A 33 6.95 7.19 11.88
C SER A 33 6.05 7.21 10.63
N PRO A 34 5.65 8.43 10.15
CA PRO A 34 5.74 9.71 10.86
C PRO A 34 4.89 9.79 12.15
N HIS A 35 3.95 8.83 12.24
CA HIS A 35 3.07 8.72 13.39
C HIS A 35 2.42 7.35 13.29
N ALA A 36 1.90 6.88 14.44
CA ALA A 36 1.16 5.63 14.46
C ALA A 36 -0.18 5.85 13.72
N HIS A 37 -0.22 5.27 12.51
CA HIS A 37 -1.38 5.33 11.64
C HIS A 37 -2.24 4.06 11.86
N GLY A 38 -3.25 3.90 10.97
CA GLY A 38 -4.12 2.72 11.03
C GLY A 38 -3.61 1.62 10.09
N TYR A 39 -4.42 0.55 9.97
CA TYR A 39 -4.11 -0.59 9.10
C TYR A 39 -2.72 -1.20 9.45
N ILE A 40 -2.62 -1.58 10.74
CA ILE A 40 -1.35 -2.13 11.25
C ILE A 40 -1.48 -3.65 11.28
N PRO A 41 -0.53 -4.39 10.63
CA PRO A 41 -0.66 -5.84 10.42
C PRO A 41 -0.81 -6.65 11.72
N SER A 42 -0.34 -6.02 12.80
CA SER A 42 -0.37 -6.57 14.14
C SER A 42 -1.81 -6.75 14.70
N LYS A 43 -2.79 -6.20 13.95
CA LYS A 43 -4.20 -6.31 14.29
C LYS A 43 -4.93 -7.24 13.30
N PHE A 44 -4.16 -7.81 12.35
CA PHE A 44 -4.77 -8.63 11.31
C PHE A 44 -4.22 -10.07 11.39
N PRO A 45 -5.11 -11.06 11.73
CA PRO A 45 -4.79 -12.46 11.46
C PRO A 45 -4.77 -12.76 9.93
N ASN A 46 -5.27 -11.76 9.17
CA ASN A 46 -5.24 -11.77 7.72
C ASN A 46 -3.77 -11.59 7.28
N LYS A 47 -3.55 -11.31 5.98
CA LYS A 47 -2.19 -11.08 5.52
C LYS A 47 -2.22 -10.03 4.39
N ASN A 48 -3.18 -9.11 4.62
CA ASN A 48 -3.42 -7.97 3.73
C ASN A 48 -2.16 -7.09 3.69
N LEU A 49 -1.93 -6.34 4.79
CA LEU A 49 -0.75 -5.48 4.84
C LEU A 49 0.51 -6.35 4.73
N LYS A 50 1.66 -5.66 4.58
CA LYS A 50 2.91 -6.40 4.46
C LYS A 50 4.00 -5.54 5.11
N LYS A 51 5.19 -5.52 4.48
CA LYS A 51 6.26 -4.67 5.03
C LYS A 51 5.84 -3.19 4.91
N ASN A 52 6.03 -2.66 3.69
CA ASN A 52 5.63 -1.31 3.30
C ASN A 52 4.80 -1.37 2.00
N TYR A 53 4.93 -2.53 1.33
CA TYR A 53 4.29 -2.80 0.05
C TYR A 53 2.79 -2.45 0.05
N CYS A 54 2.40 -1.80 -1.04
CA CYS A 54 1.06 -1.27 -1.21
C CYS A 54 -0.06 -2.32 -1.16
N ARG A 55 -1.23 -1.83 -0.73
CA ARG A 55 -2.43 -2.65 -0.59
C ARG A 55 -3.66 -1.80 -0.90
N ASN A 56 -4.82 -2.44 -0.60
CA ASN A 56 -6.14 -1.91 -0.88
C ASN A 56 -7.06 -2.10 0.35
N PRO A 57 -6.70 -1.52 1.55
CA PRO A 57 -7.54 -1.75 2.74
C PRO A 57 -9.00 -1.29 2.58
N ASP A 58 -9.10 -0.08 2.00
CA ASP A 58 -10.38 0.56 1.67
C ASP A 58 -10.71 0.31 0.18
N ARG A 59 -9.80 -0.48 -0.43
CA ARG A 59 -9.78 -0.84 -1.83
C ARG A 59 -10.05 0.34 -2.78
N GLU A 60 -8.98 1.16 -2.73
CA GLU A 60 -8.80 2.33 -3.56
C GLU A 60 -8.60 1.83 -5.00
N LEU A 61 -8.79 2.80 -5.92
CA LEU A 61 -8.68 2.55 -7.35
C LEU A 61 -7.33 1.89 -7.69
N ARG A 62 -6.28 2.53 -7.16
CA ARG A 62 -4.89 2.09 -7.29
C ARG A 62 -4.44 1.67 -5.87
N PRO A 63 -3.54 0.63 -5.75
CA PRO A 63 -3.07 0.20 -4.44
C PRO A 63 -2.13 1.29 -3.87
N TRP A 64 -2.29 1.59 -2.56
CA TRP A 64 -1.50 2.65 -1.92
C TRP A 64 -0.76 2.12 -0.69
N CYS A 65 0.09 3.03 -0.17
CA CYS A 65 0.84 2.80 1.07
C CYS A 65 1.06 4.18 1.70
N PHE A 66 1.50 4.13 2.97
CA PHE A 66 1.85 5.35 3.69
C PHE A 66 3.25 5.76 3.24
N THR A 67 3.45 7.06 2.99
CA THR A 67 4.74 7.45 2.44
C THR A 67 5.73 7.75 3.58
N THR A 68 6.98 8.02 3.13
CA THR A 68 8.05 8.40 4.04
C THR A 68 8.06 9.92 4.27
N ASP A 69 7.27 10.64 3.44
CA ASP A 69 7.17 12.09 3.55
C ASP A 69 6.13 12.44 4.64
N PRO A 70 6.55 13.19 5.70
CA PRO A 70 5.59 13.74 6.67
C PRO A 70 4.49 14.66 6.13
N ASN A 71 4.56 14.99 4.82
CA ASN A 71 3.56 15.84 4.18
C ASN A 71 2.77 15.04 3.13
N LYS A 72 3.01 13.72 3.09
CA LYS A 72 2.23 12.84 2.23
C LYS A 72 1.89 11.59 3.06
N ARG A 73 0.69 11.63 3.66
CA ARG A 73 0.28 10.49 4.49
C ARG A 73 0.11 9.23 3.62
N TRP A 74 -1.06 9.14 2.95
CA TRP A 74 -1.30 8.03 2.02
C TRP A 74 -0.95 8.52 0.59
N GLU A 75 -0.51 7.57 -0.26
CA GLU A 75 -0.27 7.92 -1.67
C GLU A 75 -0.37 6.63 -2.50
N LEU A 76 -0.94 6.80 -3.71
CA LEU A 76 -1.11 5.68 -4.63
C LEU A 76 0.27 5.22 -5.15
N CYS A 77 0.38 3.89 -5.28
CA CYS A 77 1.58 3.24 -5.79
C CYS A 77 1.44 2.93 -7.26
N ASP A 78 2.56 2.45 -7.83
CA ASP A 78 2.56 1.94 -9.19
C ASP A 78 3.09 0.49 -9.14
N ILE A 79 2.16 -0.42 -9.48
CA ILE A 79 2.39 -1.86 -9.45
C ILE A 79 2.33 -2.32 -10.92
N PRO A 80 3.21 -3.29 -11.29
CA PRO A 80 3.28 -3.77 -12.67
C PRO A 80 1.94 -4.41 -13.12
N ARG A 81 1.43 -3.90 -14.25
CA ARG A 81 0.17 -4.43 -14.77
C ARG A 81 0.33 -5.92 -15.13
N CYS A 82 -0.79 -6.65 -14.97
CA CYS A 82 -0.82 -8.07 -15.32
C CYS A 82 -0.87 -8.28 -16.84
N THR A 83 0.23 -7.89 -17.51
CA THR A 83 0.34 -8.05 -18.95
C THR A 83 1.82 -8.34 -19.28
C1 AMH B . -7.41 6.68 3.58
C2 AMH B . -8.55 5.71 3.30
C3 AMH B . -9.01 5.91 1.86
C4 AMH B . -7.91 5.49 0.87
C5 AMH B . -6.62 6.26 1.20
C6 AMH B . -6.22 6.27 2.70
C7 AMH B . -8.36 5.76 -0.59
C8 AMH B . -7.10 6.65 5.08
N AMH B . -9.08 7.03 -0.73
O1 AMH B . -7.56 7.51 5.81
O2 AMH B . -6.37 5.78 5.53
H1 AMH B . -7.67 7.71 3.32
H21 AMH B . -9.38 5.90 3.97
H22 AMH B . -8.18 4.69 3.45
H31 AMH B . -9.93 5.35 1.68
H32 AMH B . -9.22 6.96 1.75
H4 AMH B . -7.72 4.41 0.99
H51 AMH B . -5.81 5.87 0.57
H52 AMH B . -6.80 7.29 0.92
H61 AMH B . -5.41 6.98 2.88
H62 AMH B . -5.86 5.29 3.00
H71 AMH B . -7.49 5.79 -1.25
H72 AMH B . -9.02 4.94 -0.92
HN1 AMH B . -9.07 7.25 -1.71
HN2 AMH B . -10.02 6.92 -0.43
HN3 AMH B . -8.63 7.76 -0.21
N THR A 1 5.15 -13.76 -10.81
CA THR A 1 4.94 -14.80 -9.85
C THR A 1 5.27 -14.32 -8.42
N SER A 2 4.73 -13.13 -8.13
CA SER A 2 4.90 -12.49 -6.83
C SER A 2 3.88 -11.34 -6.73
N GLU A 3 2.70 -11.67 -7.30
CA GLU A 3 1.52 -10.81 -7.31
C GLU A 3 1.89 -9.36 -7.70
N GLU A 4 2.70 -9.34 -8.78
CA GLU A 4 3.28 -8.10 -9.27
C GLU A 4 2.35 -7.32 -10.20
N CYS A 5 1.56 -8.05 -11.01
CA CYS A 5 0.63 -7.37 -11.93
C CYS A 5 -0.80 -7.66 -11.49
N MET A 6 -1.64 -6.61 -11.66
CA MET A 6 -3.05 -6.66 -11.26
C MET A 6 -3.89 -6.28 -12.48
N HIS A 7 -5.21 -6.52 -12.32
CA HIS A 7 -6.15 -6.11 -13.35
C HIS A 7 -6.20 -4.57 -13.43
N GLY A 8 -6.05 -3.96 -12.24
CA GLY A 8 -6.05 -2.50 -12.14
C GLY A 8 -6.56 -1.98 -10.80
N SER A 9 -7.31 -2.86 -10.09
CA SER A 9 -7.93 -2.48 -8.82
C SER A 9 -6.98 -2.68 -7.64
N GLY A 10 -6.38 -3.88 -7.62
CA GLY A 10 -5.42 -4.21 -6.56
C GLY A 10 -6.06 -4.90 -5.35
N GLU A 11 -7.33 -5.29 -5.50
CA GLU A 11 -8.01 -5.95 -4.37
C GLU A 11 -7.25 -7.21 -3.89
N ASN A 12 -6.74 -7.97 -4.87
CA ASN A 12 -6.02 -9.21 -4.56
C ASN A 12 -4.49 -8.98 -4.46
N TYR A 13 -4.10 -7.70 -4.54
CA TYR A 13 -2.69 -7.36 -4.48
C TYR A 13 -2.12 -7.40 -3.06
N ASP A 14 -0.92 -8.03 -2.99
CA ASP A 14 -0.08 -8.01 -1.80
C ASP A 14 1.38 -8.34 -2.22
N GLY A 15 1.75 -7.82 -3.41
CA GLY A 15 3.03 -8.17 -4.01
C GLY A 15 4.23 -7.47 -3.35
N LYS A 16 4.79 -6.53 -4.13
CA LYS A 16 6.06 -5.90 -3.73
C LYS A 16 6.20 -4.40 -4.09
N ILE A 17 5.37 -3.89 -5.02
CA ILE A 17 5.48 -2.46 -5.37
C ILE A 17 4.96 -1.63 -4.18
N SER A 18 5.77 -0.60 -3.87
CA SER A 18 5.46 0.32 -2.77
C SER A 18 5.89 1.76 -3.10
N LYS A 19 5.66 2.17 -4.37
CA LYS A 19 6.05 3.52 -4.78
C LYS A 19 4.79 4.26 -5.22
N THR A 20 4.64 5.47 -4.62
CA THR A 20 3.48 6.30 -4.89
C THR A 20 3.67 6.98 -6.25
N MET A 21 2.60 6.82 -7.05
CA MET A 21 2.52 7.20 -8.46
C MET A 21 3.00 8.63 -8.78
N SER A 22 2.95 9.50 -7.76
CA SER A 22 3.39 10.87 -7.97
C SER A 22 4.23 11.36 -6.78
N GLY A 23 5.03 10.47 -6.16
CA GLY A 23 5.77 11.00 -5.01
C GLY A 23 6.94 10.20 -4.47
N LEU A 24 6.61 9.31 -3.50
CA LEU A 24 7.63 8.75 -2.62
C LEU A 24 7.55 7.22 -2.47
N GLU A 25 8.55 6.74 -1.72
CA GLU A 25 8.59 5.37 -1.24
C GLU A 25 7.58 5.31 -0.10
N CYS A 26 6.75 4.26 -0.10
CA CYS A 26 5.75 4.14 0.94
C CYS A 26 6.37 3.64 2.26
N GLN A 27 5.66 4.12 3.29
CA GLN A 27 5.90 3.88 4.69
C GLN A 27 5.09 2.64 5.09
N ALA A 28 5.77 1.76 5.85
CA ALA A 28 5.17 0.49 6.23
C ALA A 28 3.90 0.66 7.09
N TRP A 29 3.00 -0.33 6.93
CA TRP A 29 1.73 -0.39 7.65
C TRP A 29 1.92 -0.73 9.14
N ASP A 30 3.18 -0.89 9.59
CA ASP A 30 3.43 -1.19 10.99
C ASP A 30 3.17 0.09 11.81
N SER A 31 4.12 0.43 12.70
CA SER A 31 4.05 1.69 13.42
C SER A 31 5.49 2.15 13.60
N GLN A 32 5.76 3.32 13.01
CA GLN A 32 7.12 3.82 12.95
C GLN A 32 7.13 5.37 13.01
N SER A 33 6.66 5.93 11.90
CA SER A 33 6.61 7.36 11.62
C SER A 33 5.81 7.45 10.31
N PRO A 34 5.37 8.67 9.89
CA PRO A 34 5.46 9.93 10.63
C PRO A 34 4.65 9.98 11.95
N HIS A 35 3.71 9.02 12.05
CA HIS A 35 2.88 8.90 13.23
C HIS A 35 2.20 7.53 13.15
N ALA A 36 1.61 7.13 14.30
CA ALA A 36 0.90 5.86 14.39
C ALA A 36 -0.48 5.98 13.68
N HIS A 37 -0.38 5.88 12.35
CA HIS A 37 -1.52 5.92 11.45
C HIS A 37 -2.43 4.69 11.65
N GLY A 38 -3.62 4.78 11.04
CA GLY A 38 -4.54 3.65 11.07
C GLY A 38 -4.08 2.58 10.07
N TYR A 39 -4.84 1.47 10.02
CA TYR A 39 -4.54 0.37 9.11
C TYR A 39 -3.19 -0.30 9.45
N ILE A 40 -3.21 -1.02 10.60
CA ILE A 40 -2.00 -1.71 11.07
C ILE A 40 -2.33 -3.22 11.13
N PRO A 41 -1.44 -4.07 10.55
CA PRO A 41 -1.76 -5.49 10.37
C PRO A 41 -2.07 -6.30 11.65
N SER A 42 -1.62 -5.75 12.79
CA SER A 42 -1.88 -6.42 14.07
C SER A 42 -3.37 -6.40 14.47
N LYS A 43 -4.16 -5.60 13.73
CA LYS A 43 -5.59 -5.48 13.99
C LYS A 43 -6.40 -6.29 12.96
N PHE A 44 -5.66 -6.93 12.04
CA PHE A 44 -6.31 -7.69 10.97
C PHE A 44 -5.82 -9.15 11.05
N PRO A 45 -6.74 -10.10 11.42
CA PRO A 45 -6.43 -11.51 11.18
C PRO A 45 -6.26 -11.72 9.67
N ASN A 46 -7.15 -11.01 8.94
CA ASN A 46 -7.09 -10.90 7.48
C ASN A 46 -5.69 -10.34 7.13
N LYS A 47 -5.08 -10.82 6.04
CA LYS A 47 -3.72 -10.37 5.75
C LYS A 47 -3.75 -9.41 4.56
N ASN A 48 -4.32 -8.24 4.89
CA ASN A 48 -4.41 -7.13 3.96
C ASN A 48 -3.09 -6.35 3.99
N LEU A 49 -2.81 -5.74 5.16
CA LEU A 49 -1.58 -4.97 5.28
C LEU A 49 -0.39 -5.94 5.44
N LYS A 50 0.68 -5.63 4.68
CA LYS A 50 1.92 -6.38 4.75
C LYS A 50 2.99 -5.40 5.28
N LYS A 51 4.11 -5.26 4.54
CA LYS A 51 5.14 -4.32 4.99
C LYS A 51 4.77 -2.90 4.54
N ASN A 52 5.26 -2.46 3.37
CA ASN A 52 4.87 -1.14 2.85
C ASN A 52 4.10 -1.27 1.54
N TYR A 53 4.06 -2.52 1.04
CA TYR A 53 3.39 -2.84 -0.21
C TYR A 53 1.94 -2.33 -0.19
N CYS A 54 1.61 -1.63 -1.29
CA CYS A 54 0.32 -0.97 -1.39
C CYS A 54 -0.86 -1.95 -1.25
N ARG A 55 -2.02 -1.37 -0.90
CA ARG A 55 -3.21 -2.19 -0.70
C ARG A 55 -4.44 -1.39 -1.08
N ASN A 56 -5.53 -2.15 -0.89
CA ASN A 56 -6.91 -1.73 -1.02
C ASN A 56 -7.58 -2.13 0.31
N PRO A 57 -7.34 -1.36 1.42
CA PRO A 57 -8.08 -1.59 2.66
C PRO A 57 -9.54 -1.09 2.58
N ASP A 58 -9.62 0.13 2.01
CA ASP A 58 -10.88 0.82 1.75
C ASP A 58 -11.18 0.83 0.25
N ARG A 59 -10.46 -0.08 -0.43
CA ARG A 59 -10.54 -0.41 -1.84
C ARG A 59 -11.09 0.72 -2.74
N GLU A 60 -10.14 1.64 -2.94
CA GLU A 60 -10.22 2.80 -3.80
C GLU A 60 -10.10 2.32 -5.27
N LEU A 61 -9.54 3.24 -6.10
CA LEU A 61 -9.27 2.95 -7.50
C LEU A 61 -8.00 2.05 -7.63
N ARG A 62 -6.83 2.71 -7.50
CA ARG A 62 -5.52 2.07 -7.62
C ARG A 62 -4.87 2.01 -6.21
N PRO A 63 -4.25 0.84 -5.85
CA PRO A 63 -3.83 0.56 -4.47
C PRO A 63 -2.96 1.66 -3.84
N TRP A 64 -3.27 2.06 -2.59
CA TRP A 64 -2.51 3.12 -1.92
C TRP A 64 -1.72 2.57 -0.72
N CYS A 65 -0.88 3.49 -0.20
CA CYS A 65 -0.11 3.28 1.02
C CYS A 65 0.26 4.66 1.56
N PHE A 66 0.71 4.65 2.83
CA PHE A 66 1.15 5.88 3.48
C PHE A 66 2.54 6.22 2.96
N THR A 67 2.90 7.52 3.02
CA THR A 67 4.23 7.93 2.56
C THR A 67 5.08 8.22 3.79
N THR A 68 6.38 8.47 3.51
CA THR A 68 7.32 8.79 4.56
C THR A 68 7.23 10.27 4.97
N ASP A 69 6.54 11.07 4.13
CA ASP A 69 6.47 12.50 4.40
C ASP A 69 5.36 12.81 5.45
N PRO A 70 5.73 13.56 6.52
CA PRO A 70 4.75 14.00 7.53
C PRO A 70 3.53 14.83 7.10
N ASN A 71 3.46 15.19 5.80
CA ASN A 71 2.32 15.96 5.29
C ASN A 71 1.57 15.15 4.23
N LYS A 72 2.34 14.42 3.40
CA LYS A 72 1.70 13.61 2.40
C LYS A 72 1.36 12.26 3.06
N ARG A 73 0.20 12.27 3.73
CA ARG A 73 -0.25 11.09 4.45
C ARG A 73 -0.33 9.84 3.54
N TRP A 74 -1.40 9.77 2.73
CA TRP A 74 -1.59 8.66 1.81
C TRP A 74 -1.28 9.07 0.36
N GLU A 75 -1.20 8.03 -0.49
CA GLU A 75 -1.05 8.26 -1.92
C GLU A 75 -1.23 6.91 -2.68
N LEU A 76 -1.74 7.06 -3.92
CA LEU A 76 -1.93 5.93 -4.81
C LEU A 76 -0.55 5.47 -5.32
N CYS A 77 -0.43 4.14 -5.45
CA CYS A 77 0.78 3.51 -5.97
C CYS A 77 0.68 3.28 -7.46
N ASP A 78 1.88 3.13 -8.07
CA ASP A 78 1.91 2.81 -9.49
C ASP A 78 2.17 1.30 -9.63
N ILE A 79 1.03 0.57 -9.71
CA ILE A 79 1.09 -0.88 -9.87
C ILE A 79 0.93 -1.15 -11.39
N PRO A 80 1.75 -2.09 -11.92
CA PRO A 80 1.69 -2.44 -13.33
C PRO A 80 0.48 -3.36 -13.62
N ARG A 81 -0.30 -2.93 -14.63
CA ARG A 81 -1.43 -3.78 -15.01
C ARG A 81 -0.87 -5.01 -15.74
N CYS A 82 -1.60 -6.14 -15.59
CA CYS A 82 -1.25 -7.33 -16.36
C CYS A 82 -1.58 -7.03 -17.84
N THR A 83 -0.53 -7.09 -18.66
CA THR A 83 -0.62 -6.80 -20.07
C THR A 83 0.18 -7.88 -20.83
C1 AMH B . -7.32 7.50 3.85
C2 AMH B . -8.64 6.72 3.86
C3 AMH B . -9.25 6.63 2.46
C4 AMH B . -8.33 5.87 1.50
C5 AMH B . -7.00 6.62 1.46
C6 AMH B . -6.37 6.84 2.85
C7 AMH B . -8.86 5.78 0.06
C8 AMH B . -6.69 7.54 5.26
N AMH B . -10.30 5.58 0.00
O1 AMH B . -5.47 7.64 5.39
O2 AMH B . -7.41 7.50 6.26
H1 AMH B . -7.50 8.53 3.55
H21 AMH B . -9.34 7.16 4.55
H22 AMH B . -8.39 5.72 4.22
H31 AMH B . -10.22 6.14 2.54
H32 AMH B . -9.41 7.65 2.08
H4 AMH B . -8.17 4.86 1.89
H51 AMH B . -6.30 6.12 0.78
H52 AMH B . -7.20 7.61 1.03
H61 AMH B . -5.49 7.47 2.80
H62 AMH B . -6.05 5.89 3.27
H71 AMH B . -8.61 6.70 -0.47
H72 AMH B . -8.37 4.93 -0.44
HN1 AMH B . -10.54 4.75 0.53
HN2 AMH B . -10.77 6.37 0.39
HN3 AMH B . -10.58 5.47 -0.95
N THR A 1 7.62 -10.20 -9.12
CA THR A 1 6.65 -10.98 -9.84
C THR A 1 5.53 -11.53 -8.93
N SER A 2 5.98 -12.06 -7.76
CA SER A 2 5.10 -12.67 -6.76
C SER A 2 3.87 -11.81 -6.39
N GLU A 3 2.75 -12.13 -7.07
CA GLU A 3 1.45 -11.49 -6.83
C GLU A 3 1.51 -9.98 -7.14
N GLU A 4 2.43 -9.66 -8.08
CA GLU A 4 2.74 -8.25 -8.37
C GLU A 4 2.06 -7.68 -9.62
N CYS A 5 1.37 -8.52 -10.44
CA CYS A 5 0.66 -7.95 -11.60
C CYS A 5 -0.86 -8.08 -11.37
N MET A 6 -1.55 -6.97 -11.71
CA MET A 6 -3.00 -6.86 -11.50
C MET A 6 -3.65 -6.31 -12.78
N HIS A 7 -4.97 -6.09 -12.63
CA HIS A 7 -5.75 -5.41 -13.66
C HIS A 7 -5.45 -3.89 -13.62
N GLY A 8 -5.15 -3.43 -12.38
CA GLY A 8 -4.81 -2.02 -12.18
C GLY A 8 -5.23 -1.51 -10.79
N SER A 9 -6.35 -2.08 -10.29
CA SER A 9 -6.92 -1.62 -9.02
C SER A 9 -6.39 -2.43 -7.83
N GLY A 10 -6.19 -3.73 -8.09
CA GLY A 10 -5.60 -4.58 -7.05
C GLY A 10 -6.44 -4.67 -5.76
N GLU A 11 -7.63 -5.26 -5.95
CA GLU A 11 -8.55 -5.47 -4.83
C GLU A 11 -7.93 -6.44 -3.79
N ASN A 12 -7.63 -7.66 -4.31
CA ASN A 12 -7.07 -8.74 -3.49
C ASN A 12 -5.53 -8.76 -3.59
N TYR A 13 -4.99 -7.74 -4.28
CA TYR A 13 -3.55 -7.61 -4.49
C TYR A 13 -2.81 -7.60 -3.14
N ASP A 14 -1.89 -8.60 -3.05
CA ASP A 14 -1.10 -8.77 -1.85
C ASP A 14 0.40 -8.86 -2.12
N GLY A 15 0.80 -8.51 -3.37
CA GLY A 15 2.19 -8.55 -3.73
C GLY A 15 3.00 -7.46 -3.05
N LYS A 16 4.05 -7.15 -3.80
CA LYS A 16 5.22 -6.45 -3.24
C LYS A 16 5.44 -4.98 -3.65
N ILE A 17 4.68 -4.43 -4.61
CA ILE A 17 4.97 -3.04 -4.98
C ILE A 17 4.51 -2.12 -3.84
N SER A 18 5.43 -1.19 -3.51
CA SER A 18 5.33 -0.19 -2.44
C SER A 18 5.68 1.23 -2.98
N LYS A 19 5.54 1.41 -4.31
CA LYS A 19 5.97 2.67 -4.92
C LYS A 19 4.78 3.59 -5.25
N THR A 20 4.84 4.81 -4.65
CA THR A 20 3.78 5.78 -4.90
C THR A 20 3.98 6.33 -6.33
N MET A 21 2.86 6.27 -7.07
CA MET A 21 2.79 6.56 -8.51
C MET A 21 3.48 7.86 -8.91
N SER A 22 3.39 8.83 -7.99
CA SER A 22 3.92 10.16 -8.27
C SER A 22 5.09 10.51 -7.36
N GLY A 23 5.78 9.48 -6.80
CA GLY A 23 6.89 9.94 -5.96
C GLY A 23 7.65 8.92 -5.10
N LEU A 24 7.09 8.82 -3.88
CA LEU A 24 7.73 8.26 -2.72
C LEU A 24 7.71 6.73 -2.70
N GLU A 25 8.37 6.26 -1.63
CA GLU A 25 8.38 4.85 -1.29
C GLU A 25 7.48 4.76 -0.06
N CYS A 26 6.63 3.74 -0.03
CA CYS A 26 5.71 3.61 1.09
C CYS A 26 6.46 3.22 2.38
N GLN A 27 5.83 3.77 3.44
CA GLN A 27 6.19 3.57 4.82
C GLN A 27 5.37 2.34 5.26
N ALA A 28 6.04 1.45 6.01
CA ALA A 28 5.39 0.21 6.40
C ALA A 28 4.14 0.47 7.25
N TRP A 29 3.18 -0.47 7.15
CA TRP A 29 1.88 -0.34 7.82
C TRP A 29 1.95 -0.45 9.35
N ASP A 30 3.15 -0.52 9.95
CA ASP A 30 3.29 -0.65 11.39
C ASP A 30 3.12 0.73 12.09
N SER A 31 3.95 0.96 13.13
CA SER A 31 3.95 2.22 13.87
C SER A 31 5.42 2.55 14.12
N GLN A 32 5.84 3.60 13.39
CA GLN A 32 7.23 3.96 13.27
C GLN A 32 7.44 5.48 13.26
N SER A 33 7.17 6.05 12.08
CA SER A 33 7.29 7.44 11.69
C SER A 33 6.92 7.44 10.19
N PRO A 34 6.39 8.58 9.66
CA PRO A 34 6.26 9.87 10.34
C PRO A 34 5.23 10.00 11.48
N HIS A 35 4.31 9.02 11.55
CA HIS A 35 3.33 9.08 12.64
C HIS A 35 2.59 7.74 12.73
N ALA A 36 2.14 7.46 13.97
CA ALA A 36 1.38 6.26 14.27
C ALA A 36 -0.05 6.36 13.71
N HIS A 37 -0.13 6.12 12.39
CA HIS A 37 -1.39 6.11 11.66
C HIS A 37 -2.24 4.88 12.09
N GLY A 38 -3.51 4.89 11.61
CA GLY A 38 -4.41 3.76 11.90
C GLY A 38 -4.06 2.58 10.98
N TYR A 39 -4.99 1.61 10.85
CA TYR A 39 -4.74 0.44 9.98
C TYR A 39 -3.58 -0.36 10.63
N ILE A 40 -3.89 -0.86 11.84
CA ILE A 40 -2.90 -1.46 12.73
C ILE A 40 -2.72 -2.97 12.44
N PRO A 41 -1.53 -3.38 11.90
CA PRO A 41 -1.31 -4.77 11.47
C PRO A 41 -1.56 -5.87 12.51
N SER A 42 -1.52 -5.45 13.79
CA SER A 42 -1.78 -6.35 14.91
C SER A 42 -3.21 -6.94 14.88
N LYS A 43 -4.07 -6.27 14.09
CA LYS A 43 -5.46 -6.67 13.95
C LYS A 43 -5.69 -7.37 12.59
N PHE A 44 -4.61 -7.48 11.80
CA PHE A 44 -4.70 -8.06 10.47
C PHE A 44 -3.72 -9.24 10.29
N PRO A 45 -4.16 -10.45 10.73
CA PRO A 45 -3.52 -11.68 10.27
C PRO A 45 -3.71 -11.88 8.75
N ASN A 46 -4.67 -11.06 8.23
CA ASN A 46 -4.91 -10.93 6.81
C ASN A 46 -3.61 -10.43 6.15
N LYS A 47 -3.50 -10.68 4.83
CA LYS A 47 -2.26 -10.39 4.12
C LYS A 47 -2.17 -8.91 3.66
N ASN A 48 -3.21 -8.14 4.03
CA ASN A 48 -3.25 -6.73 3.66
C ASN A 48 -2.11 -5.92 4.33
N LEU A 49 -2.35 -5.43 5.56
CA LEU A 49 -1.32 -4.61 6.18
C LEU A 49 -0.20 -5.55 6.63
N LYS A 50 0.91 -5.48 5.86
CA LYS A 50 2.05 -6.34 6.08
C LYS A 50 3.35 -5.52 6.20
N LYS A 51 4.07 -5.34 5.06
CA LYS A 51 5.29 -4.52 5.10
C LYS A 51 4.88 -3.09 4.74
N ASN A 52 5.34 -2.60 3.57
CA ASN A 52 4.98 -1.29 3.04
C ASN A 52 4.29 -1.43 1.68
N TYR A 53 3.94 -2.69 1.38
CA TYR A 53 3.31 -3.01 0.12
C TYR A 53 1.92 -2.36 0.02
N CYS A 54 1.66 -1.79 -1.17
CA CYS A 54 0.35 -1.20 -1.43
C CYS A 54 -0.72 -2.29 -1.39
N ARG A 55 -1.91 -1.86 -0.94
CA ARG A 55 -3.13 -2.66 -0.74
C ARG A 55 -4.29 -1.76 -1.21
N ASN A 56 -5.52 -2.24 -0.94
CA ASN A 56 -6.69 -1.42 -1.22
C ASN A 56 -7.75 -1.61 -0.12
N PRO A 57 -7.42 -1.27 1.16
CA PRO A 57 -8.31 -1.60 2.29
C PRO A 57 -9.75 -1.03 2.18
N ASP A 58 -9.79 0.22 1.66
CA ASP A 58 -11.06 0.94 1.45
C ASP A 58 -11.55 0.73 0.00
N ARG A 59 -10.66 0.06 -0.75
CA ARG A 59 -10.75 -0.26 -2.16
C ARG A 59 -11.03 0.96 -3.05
N GLU A 60 -9.99 1.80 -2.97
CA GLU A 60 -9.78 3.00 -3.78
C GLU A 60 -9.56 2.49 -5.22
N LEU A 61 -9.58 3.43 -6.18
CA LEU A 61 -9.39 3.04 -7.57
C LEU A 61 -8.08 2.23 -7.75
N ARG A 62 -6.98 2.94 -7.45
CA ARG A 62 -5.62 2.42 -7.55
C ARG A 62 -5.18 1.97 -6.13
N PRO A 63 -4.35 0.89 -6.01
CA PRO A 63 -3.89 0.40 -4.71
C PRO A 63 -2.89 1.41 -4.11
N TRP A 64 -3.01 1.66 -2.80
CA TRP A 64 -2.18 2.67 -2.13
C TRP A 64 -1.54 2.10 -0.84
N CYS A 65 -0.73 2.99 -0.24
CA CYS A 65 -0.09 2.78 1.06
C CYS A 65 0.31 4.17 1.58
N PHE A 66 0.69 4.19 2.88
CA PHE A 66 1.13 5.43 3.50
C PHE A 66 2.54 5.74 2.97
N THR A 67 2.84 7.04 2.82
CA THR A 67 4.14 7.42 2.28
C THR A 67 5.12 7.67 3.44
N THR A 68 6.36 7.96 3.02
CA THR A 68 7.44 8.25 3.95
C THR A 68 7.54 9.77 4.22
N ASP A 69 6.74 10.56 3.46
CA ASP A 69 6.80 12.01 3.64
C ASP A 69 5.93 12.43 4.85
N PRO A 70 6.49 13.26 5.77
CA PRO A 70 5.72 13.76 6.92
C PRO A 70 4.41 14.53 6.70
N ASN A 71 4.07 14.81 5.43
CA ASN A 71 2.84 15.55 5.14
C ASN A 71 1.92 14.73 4.22
N LYS A 72 2.54 13.92 3.33
CA LYS A 72 1.73 13.13 2.42
C LYS A 72 1.38 11.80 3.10
N ARG A 73 0.18 11.80 3.70
CA ARG A 73 -0.31 10.61 4.38
C ARG A 73 -0.36 9.39 3.41
N TRP A 74 -1.43 9.35 2.60
CA TRP A 74 -1.61 8.26 1.64
C TRP A 74 -1.21 8.70 0.22
N GLU A 75 -1.02 7.67 -0.64
CA GLU A 75 -0.76 7.94 -2.05
C GLU A 75 -0.99 6.66 -2.85
N LEU A 76 -1.57 6.88 -4.05
CA LEU A 76 -1.82 5.79 -4.98
C LEU A 76 -0.48 5.29 -5.52
N CYS A 77 -0.35 3.97 -5.57
CA CYS A 77 0.84 3.30 -6.08
C CYS A 77 0.71 3.03 -7.57
N ASP A 78 1.90 2.80 -8.17
CA ASP A 78 1.91 2.39 -9.58
C ASP A 78 2.26 0.90 -9.60
N ILE A 79 1.23 0.13 -9.98
CA ILE A 79 1.30 -1.33 -10.03
C ILE A 79 1.30 -1.73 -11.52
N PRO A 80 2.15 -2.72 -11.89
CA PRO A 80 2.25 -3.19 -13.28
C PRO A 80 1.04 -4.06 -13.65
N ARG A 81 0.43 -3.69 -14.79
CA ARG A 81 -0.68 -4.49 -15.29
C ARG A 81 -0.13 -5.83 -15.80
N CYS A 82 -0.94 -6.89 -15.64
CA CYS A 82 -0.54 -8.19 -16.20
C CYS A 82 -0.61 -8.13 -17.74
N THR A 83 0.52 -7.74 -18.32
CA THR A 83 0.65 -7.63 -19.77
C THR A 83 2.14 -7.54 -20.14
C1 AMH B . -7.40 6.86 3.29
C2 AMH B . -8.70 6.08 3.20
C3 AMH B . -9.40 6.40 1.89
C4 AMH B . -8.59 5.95 0.67
C5 AMH B . -7.18 6.52 0.78
C6 AMH B . -6.52 6.36 2.15
C7 AMH B . -9.26 6.40 -0.65
C8 AMH B . -6.71 6.71 4.67
N AMH B . -9.79 7.76 -0.52
O1 AMH B . -7.30 6.17 5.61
O2 AMH B . -5.58 7.16 4.83
H1 AMH B . -7.58 7.93 3.16
H21 AMH B . -9.37 6.33 4.04
H22 AMH B . -8.47 5.01 3.23
H31 AMH B . -10.41 5.98 1.87
H32 AMH B . -9.51 7.50 1.89
H4 AMH B . -8.54 4.84 0.68
H51 AMH B . -6.56 6.09 -0.01
H52 AMH B . -7.26 7.59 0.58
H61 AMH B . -5.56 6.86 2.18
H62 AMH B . -6.31 5.32 2.36
H71 AMH B . -8.53 6.39 -1.47
H72 AMH B . -10.07 5.70 -0.90
HN1 AMH B . -9.15 8.35 -0.04
HN2 AMH B . -9.96 8.14 -1.44
HN3 AMH B . -10.66 7.72 -0.03
N THR A 1 -3.47 -11.94 -4.72
CA THR A 1 -3.01 -12.98 -3.81
C THR A 1 -1.58 -13.44 -4.21
N SER A 2 -0.59 -12.60 -3.85
CA SER A 2 0.83 -12.82 -4.12
C SER A 2 1.12 -12.61 -5.62
N GLU A 3 0.88 -11.35 -6.04
CA GLU A 3 0.99 -11.01 -7.46
C GLU A 3 1.27 -9.50 -7.56
N GLU A 4 1.97 -9.15 -8.66
CA GLU A 4 2.43 -7.77 -8.88
C GLU A 4 1.46 -6.90 -9.70
N CYS A 5 1.12 -7.40 -10.90
CA CYS A 5 0.22 -6.66 -11.79
C CYS A 5 -1.22 -7.11 -11.52
N MET A 6 -2.16 -6.17 -11.75
CA MET A 6 -3.59 -6.49 -11.56
C MET A 6 -4.37 -6.04 -12.80
N HIS A 7 -5.69 -6.30 -12.67
CA HIS A 7 -6.65 -5.90 -13.70
C HIS A 7 -6.73 -4.37 -13.80
N GLY A 8 -6.46 -3.70 -12.65
CA GLY A 8 -6.47 -2.24 -12.66
C GLY A 8 -6.69 -1.61 -11.27
N SER A 9 -7.74 -2.10 -10.60
CA SER A 9 -8.21 -1.49 -9.36
C SER A 9 -7.41 -1.92 -8.11
N GLY A 10 -6.63 -2.99 -8.28
CA GLY A 10 -5.79 -3.40 -7.16
C GLY A 10 -6.54 -4.02 -5.97
N GLU A 11 -7.77 -4.48 -6.24
CA GLU A 11 -8.58 -5.09 -5.18
C GLU A 11 -7.88 -6.35 -4.60
N ASN A 12 -7.19 -7.04 -5.53
CA ASN A 12 -6.45 -8.27 -5.21
C ASN A 12 -4.92 -7.99 -5.24
N TYR A 13 -4.58 -6.69 -5.10
CA TYR A 13 -3.17 -6.33 -5.16
C TYR A 13 -2.43 -6.63 -3.84
N ASP A 14 -1.43 -7.53 -4.00
CA ASP A 14 -0.47 -7.81 -2.94
C ASP A 14 0.81 -8.38 -3.60
N GLY A 15 1.69 -7.43 -3.97
CA GLY A 15 2.95 -7.76 -4.61
C GLY A 15 4.10 -7.10 -3.84
N LYS A 16 4.76 -6.15 -4.55
CA LYS A 16 5.93 -5.47 -3.99
C LYS A 16 5.97 -3.96 -4.29
N ILE A 17 5.04 -3.49 -5.15
CA ILE A 17 4.99 -2.06 -5.46
C ILE A 17 4.43 -1.32 -4.24
N SER A 18 5.13 -0.22 -3.90
CA SER A 18 4.72 0.64 -2.79
C SER A 18 5.17 2.09 -3.06
N LYS A 19 4.96 2.51 -4.32
CA LYS A 19 5.37 3.85 -4.72
C LYS A 19 4.10 4.58 -5.17
N THR A 20 3.96 5.82 -4.63
CA THR A 20 2.83 6.64 -5.01
C THR A 20 3.05 7.05 -6.47
N MET A 21 1.93 6.97 -7.19
CA MET A 21 1.79 7.12 -8.63
C MET A 21 2.65 8.23 -9.24
N SER A 22 2.88 9.28 -8.45
CA SER A 22 3.74 10.35 -8.92
C SER A 22 4.37 11.09 -7.75
N GLY A 23 4.93 10.32 -6.78
CA GLY A 23 5.48 11.06 -5.65
C GLY A 23 6.55 10.38 -4.79
N LEU A 24 6.08 9.45 -3.92
CA LEU A 24 6.95 9.00 -2.82
C LEU A 24 6.95 7.48 -2.62
N GLU A 25 7.95 7.07 -1.81
CA GLU A 25 8.01 5.71 -1.30
C GLU A 25 7.00 5.69 -0.13
N CYS A 26 6.14 4.66 -0.11
CA CYS A 26 5.17 4.61 0.97
C CYS A 26 5.80 4.17 2.30
N GLN A 27 5.09 4.61 3.34
CA GLN A 27 5.34 4.34 4.73
C GLN A 27 4.54 3.07 5.07
N ALA A 28 5.21 2.17 5.82
CA ALA A 28 4.62 0.88 6.14
C ALA A 28 3.33 0.99 6.98
N TRP A 29 2.50 -0.05 6.88
CA TRP A 29 1.19 -0.10 7.53
C TRP A 29 1.24 -0.31 9.07
N ASP A 30 2.45 -0.26 9.67
CA ASP A 30 2.58 -0.45 11.11
C ASP A 30 2.20 0.86 11.86
N SER A 31 3.05 1.24 12.84
CA SER A 31 2.87 2.48 13.59
C SER A 31 4.27 2.96 13.93
N GLN A 32 4.63 4.04 13.22
CA GLN A 32 6.00 4.54 13.21
C GLN A 32 6.06 6.08 13.23
N SER A 33 5.87 6.63 12.02
CA SER A 33 5.96 8.04 11.73
C SER A 33 5.60 8.14 10.23
N PRO A 34 4.94 9.23 9.77
CA PRO A 34 4.69 10.45 10.55
C PRO A 34 3.61 10.42 11.65
N HIS A 35 2.79 9.34 11.66
CA HIS A 35 1.76 9.26 12.69
C HIS A 35 1.18 7.84 12.72
N ALA A 36 0.68 7.48 13.93
CA ALA A 36 0.05 6.19 14.14
C ALA A 36 -1.36 6.15 13.52
N HIS A 37 -1.32 6.01 12.18
CA HIS A 37 -2.51 5.95 11.35
C HIS A 37 -3.28 4.62 11.60
N GLY A 38 -4.50 4.56 11.02
CA GLY A 38 -5.30 3.35 11.12
C GLY A 38 -4.86 2.32 10.08
N TYR A 39 -5.67 1.25 9.92
CA TYR A 39 -5.36 0.19 8.94
C TYR A 39 -4.00 -0.47 9.30
N ILE A 40 -3.97 -0.97 10.56
CA ILE A 40 -2.74 -1.56 11.10
C ILE A 40 -2.92 -3.09 11.09
N PRO A 41 -1.93 -3.85 10.53
CA PRO A 41 -2.07 -5.30 10.37
C PRO A 41 -2.39 -6.08 11.66
N SER A 42 -2.02 -5.46 12.80
CA SER A 42 -2.28 -6.04 14.11
C SER A 42 -3.77 -6.23 14.41
N LYS A 43 -4.62 -5.55 13.61
CA LYS A 43 -6.06 -5.61 13.76
C LYS A 43 -6.72 -6.49 12.69
N PHE A 44 -5.86 -7.11 11.85
CA PHE A 44 -6.38 -7.92 10.75
C PHE A 44 -5.84 -9.36 10.85
N PRO A 45 -6.76 -10.34 11.06
CA PRO A 45 -6.44 -11.74 10.74
C PRO A 45 -6.46 -11.99 9.20
N ASN A 46 -6.86 -10.93 8.47
CA ASN A 46 -6.89 -10.95 7.02
C ASN A 46 -5.43 -10.84 6.51
N LYS A 47 -5.22 -11.24 5.24
CA LYS A 47 -3.88 -11.19 4.66
C LYS A 47 -3.78 -9.91 3.82
N ASN A 48 -4.13 -8.79 4.48
CA ASN A 48 -4.10 -7.49 3.81
C ASN A 48 -2.76 -6.78 4.08
N LEU A 49 -2.76 -5.85 5.06
CA LEU A 49 -1.60 -5.01 5.32
C LEU A 49 -0.34 -5.86 5.60
N LYS A 50 0.76 -5.38 4.99
CA LYS A 50 2.05 -6.03 5.13
C LYS A 50 3.09 -4.95 5.45
N LYS A 51 4.13 -4.83 4.59
CA LYS A 51 5.15 -3.80 4.77
C LYS A 51 4.53 -2.43 4.44
N ASN A 52 4.84 -1.92 3.24
CA ASN A 52 4.28 -0.66 2.75
C ASN A 52 3.43 -0.89 1.49
N TYR A 53 3.54 -2.13 0.98
CA TYR A 53 2.85 -2.56 -0.24
C TYR A 53 1.37 -2.15 -0.20
N CYS A 54 0.99 -1.41 -1.26
CA CYS A 54 -0.35 -0.85 -1.40
C CYS A 54 -1.45 -1.93 -1.26
N ARG A 55 -2.64 -1.44 -0.87
CA ARG A 55 -3.88 -2.20 -0.65
C ARG A 55 -5.00 -1.27 -1.13
N ASN A 56 -6.24 -1.75 -0.92
CA ASN A 56 -7.40 -0.93 -1.23
C ASN A 56 -8.48 -1.19 -0.16
N PRO A 57 -8.21 -0.78 1.12
CA PRO A 57 -9.13 -1.10 2.22
C PRO A 57 -10.57 -0.60 2.04
N ASP A 58 -10.65 0.64 1.52
CA ASP A 58 -11.92 1.30 1.22
C ASP A 58 -12.25 1.11 -0.28
N ARG A 59 -11.32 0.37 -0.93
CA ARG A 59 -11.28 0.06 -2.33
C ARG A 59 -11.63 1.24 -3.25
N GLU A 60 -10.64 2.15 -3.20
CA GLU A 60 -10.52 3.34 -4.02
C GLU A 60 -10.27 2.87 -5.45
N LEU A 61 -10.28 3.83 -6.40
CA LEU A 61 -10.06 3.48 -7.79
C LEU A 61 -8.74 2.70 -7.99
N ARG A 62 -7.65 3.37 -7.58
CA ARG A 62 -6.30 2.83 -7.66
C ARG A 62 -5.90 2.39 -6.23
N PRO A 63 -5.07 1.30 -6.09
CA PRO A 63 -4.57 0.87 -4.77
C PRO A 63 -3.65 1.94 -4.18
N TRP A 64 -3.73 2.13 -2.84
CA TRP A 64 -2.95 3.17 -2.17
C TRP A 64 -2.20 2.62 -0.93
N CYS A 65 -1.38 3.54 -0.40
CA CYS A 65 -0.63 3.35 0.84
C CYS A 65 -0.37 4.75 1.42
N PHE A 66 0.08 4.76 2.69
CA PHE A 66 0.42 6.02 3.35
C PHE A 66 1.82 6.43 2.89
N THR A 67 2.09 7.75 2.92
CA THR A 67 3.41 8.23 2.49
C THR A 67 4.24 8.60 3.71
N THR A 68 5.51 8.88 3.41
CA THR A 68 6.46 9.28 4.44
C THR A 68 6.35 10.79 4.76
N ASP A 69 5.61 11.51 3.88
CA ASP A 69 5.51 12.95 4.07
C ASP A 69 4.50 13.26 5.20
N PRO A 70 4.91 14.10 6.20
CA PRO A 70 4.01 14.52 7.29
C PRO A 70 2.70 15.24 6.94
N ASN A 71 2.48 15.52 5.64
CA ASN A 71 1.25 16.19 5.20
C ASN A 71 0.50 15.30 4.21
N LYS A 72 1.26 14.61 3.34
CA LYS A 72 0.60 13.74 2.38
C LYS A 72 0.37 12.38 3.04
N ARG A 73 -0.73 12.35 3.80
CA ARG A 73 -1.09 11.14 4.53
C ARG A 73 -1.25 9.92 3.59
N TRP A 74 -2.42 9.84 2.91
CA TRP A 74 -2.66 8.74 1.97
C TRP A 74 -2.30 9.19 0.54
N GLU A 75 -1.99 8.19 -0.31
CA GLU A 75 -1.78 8.51 -1.72
C GLU A 75 -1.85 7.24 -2.58
N LEU A 76 -2.41 7.46 -3.79
CA LEU A 76 -2.56 6.38 -4.74
C LEU A 76 -1.19 5.93 -5.26
N CYS A 77 -1.06 4.60 -5.33
CA CYS A 77 0.08 3.92 -5.89
C CYS A 77 -0.18 3.72 -7.36
N ASP A 78 0.87 3.28 -8.07
CA ASP A 78 0.60 2.82 -9.44
C ASP A 78 1.05 1.35 -9.53
N ILE A 79 0.02 0.49 -9.62
CA ILE A 79 0.22 -0.95 -9.74
C ILE A 79 0.02 -1.25 -11.24
N PRO A 80 0.96 -2.06 -11.81
CA PRO A 80 1.00 -2.31 -13.24
C PRO A 80 -0.22 -3.13 -13.72
N ARG A 81 -0.75 -2.67 -14.85
CA ARG A 81 -1.83 -3.39 -15.50
C ARG A 81 -1.24 -4.68 -16.09
N CYS A 82 -1.90 -5.82 -15.83
CA CYS A 82 -1.40 -7.07 -16.44
C CYS A 82 -1.67 -7.05 -17.96
N THR A 83 -0.64 -6.60 -18.69
CA THR A 83 -0.70 -6.53 -20.14
C THR A 83 0.74 -6.29 -20.68
C1 AMH B . -8.66 7.22 3.35
C2 AMH B . -9.90 6.39 3.06
C3 AMH B . -10.40 6.75 1.67
C4 AMH B . -9.40 6.31 0.59
C5 AMH B . -8.03 6.92 0.90
C6 AMH B . -7.56 6.80 2.37
C7 AMH B . -9.90 6.76 -0.81
C8 AMH B . -8.26 6.99 4.83
N AMH B . -10.21 8.19 -0.79
O1 AMH B . -7.44 6.13 5.10
O2 AMH B . -8.77 7.68 5.70
H1 AMH B . -8.85 8.29 3.23
H21 AMH B . -10.67 6.60 3.79
H22 AMH B . -9.62 5.33 3.13
H31 AMH B . -11.38 6.30 1.49
H32 AMH B . -10.52 7.83 1.64
H4 AMH B . -9.32 5.21 0.60
H51 AMH B . -7.28 6.50 0.23
H52 AMH B . -8.10 7.98 0.70
H61 AMH B . -6.69 7.43 2.55
H62 AMH B . -7.26 5.79 2.59
H71 AMH B . -9.14 6.57 -1.56
H72 AMH B . -10.79 6.19 -1.09
HN1 AMH B . -9.58 8.69 -0.19
HN2 AMH B . -10.14 8.56 -1.71
HN3 AMH B . -11.15 8.32 -0.47
N THR A 1 6.35 -12.09 -6.77
CA THR A 1 5.83 -12.65 -5.55
C THR A 1 4.31 -12.53 -5.73
N SER A 2 3.58 -12.51 -4.62
CA SER A 2 2.12 -12.47 -4.59
C SER A 2 1.51 -11.46 -5.59
N GLU A 3 0.70 -12.04 -6.50
CA GLU A 3 -0.08 -11.29 -7.47
C GLU A 3 0.68 -10.09 -8.08
N GLU A 4 1.89 -10.36 -8.61
CA GLU A 4 2.73 -9.24 -9.06
C GLU A 4 2.30 -8.54 -10.38
N CYS A 5 0.98 -8.52 -10.65
CA CYS A 5 0.43 -7.79 -11.77
C CYS A 5 -1.09 -7.74 -11.55
N MET A 6 -1.65 -6.55 -11.82
CA MET A 6 -3.08 -6.32 -11.59
C MET A 6 -3.68 -5.64 -12.82
N HIS A 7 -5.02 -5.51 -12.73
CA HIS A 7 -5.77 -4.72 -13.69
C HIS A 7 -5.66 -3.24 -13.25
N GLY A 8 -5.96 -3.05 -11.95
CA GLY A 8 -5.86 -1.72 -11.35
C GLY A 8 -6.63 -1.66 -10.02
N SER A 9 -6.37 -2.69 -9.19
CA SER A 9 -7.03 -2.81 -7.89
C SER A 9 -6.02 -3.22 -6.81
N GLY A 10 -5.59 -4.48 -6.92
CA GLY A 10 -4.60 -5.00 -5.97
C GLY A 10 -5.23 -5.32 -4.60
N GLU A 11 -6.50 -5.77 -4.70
CA GLU A 11 -7.25 -6.15 -3.51
C GLU A 11 -6.49 -7.24 -2.71
N ASN A 12 -5.97 -8.23 -3.46
CA ASN A 12 -5.22 -9.33 -2.84
C ASN A 12 -3.69 -9.05 -2.82
N TYR A 13 -3.26 -8.22 -3.77
CA TYR A 13 -1.85 -7.92 -4.01
C TYR A 13 -1.00 -7.53 -2.79
N ASP A 14 -0.09 -8.46 -2.43
CA ASP A 14 0.98 -8.14 -1.48
C ASP A 14 2.27 -8.83 -1.97
N GLY A 15 2.75 -8.30 -3.10
CA GLY A 15 3.90 -8.85 -3.80
C GLY A 15 5.23 -8.18 -3.42
N LYS A 16 5.63 -7.20 -4.27
CA LYS A 16 6.96 -6.61 -4.08
C LYS A 16 7.12 -5.11 -4.36
N ILE A 17 6.12 -4.47 -4.99
CA ILE A 17 6.21 -3.05 -5.34
C ILE A 17 5.60 -2.20 -4.20
N SER A 18 6.31 -1.09 -3.88
CA SER A 18 5.85 -0.18 -2.82
C SER A 18 6.24 1.30 -3.10
N LYS A 19 6.31 1.66 -4.40
CA LYS A 19 6.75 3.01 -4.74
C LYS A 19 5.55 3.83 -5.25
N THR A 20 5.40 5.01 -4.63
CA THR A 20 4.28 5.88 -4.94
C THR A 20 4.49 6.58 -6.30
N MET A 21 3.40 6.51 -7.08
CA MET A 21 3.33 6.96 -8.46
C MET A 21 3.84 8.41 -8.66
N SER A 22 3.53 9.26 -7.66
CA SER A 22 3.92 10.66 -7.73
C SER A 22 4.73 11.04 -6.48
N GLY A 23 5.63 10.11 -6.10
CA GLY A 23 6.47 10.47 -4.97
C GLY A 23 7.54 9.42 -4.57
N LEU A 24 7.42 9.04 -3.29
CA LEU A 24 8.46 8.34 -2.52
C LEU A 24 8.32 6.82 -2.60
N GLU A 25 9.09 6.20 -1.70
CA GLU A 25 8.99 4.79 -1.38
C GLU A 25 8.09 4.78 -0.15
N CYS A 26 7.20 3.78 -0.08
CA CYS A 26 6.29 3.77 1.05
C CYS A 26 6.96 3.29 2.35
N GLN A 27 6.24 3.74 3.39
CA GLN A 27 6.48 3.49 4.80
C GLN A 27 5.72 2.20 5.15
N ALA A 28 6.41 1.34 5.91
CA ALA A 28 5.83 0.04 6.27
C ALA A 28 4.57 0.22 7.12
N TRP A 29 3.61 -0.69 6.88
CA TRP A 29 2.26 -0.61 7.44
C TRP A 29 2.09 -0.70 8.97
N ASP A 30 3.15 -0.86 9.79
CA ASP A 30 2.87 -0.94 11.24
C ASP A 30 3.06 0.44 11.87
N SER A 31 3.73 0.49 13.05
CA SER A 31 3.96 1.77 13.72
C SER A 31 5.46 2.03 13.82
N GLN A 32 5.81 3.11 13.12
CA GLN A 32 7.19 3.55 12.98
C GLN A 32 7.25 5.08 12.97
N SER A 33 6.60 5.60 11.92
CA SER A 33 6.49 7.01 11.56
C SER A 33 5.56 7.01 10.33
N PRO A 34 5.12 8.22 9.85
CA PRO A 34 5.20 9.50 10.56
C PRO A 34 4.40 9.57 11.88
N HIS A 35 3.47 8.60 12.01
CA HIS A 35 2.64 8.48 13.19
C HIS A 35 1.91 7.14 13.09
N ALA A 36 1.27 6.76 14.22
CA ALA A 36 0.50 5.52 14.27
C ALA A 36 -0.84 5.68 13.51
N HIS A 37 -0.70 5.59 12.18
CA HIS A 37 -1.82 5.69 11.26
C HIS A 37 -2.72 4.44 11.37
N GLY A 38 -3.83 4.49 10.59
CA GLY A 38 -4.74 3.35 10.55
C GLY A 38 -4.17 2.24 9.64
N TYR A 39 -4.89 1.11 9.64
CA TYR A 39 -4.53 -0.07 8.84
C TYR A 39 -3.11 -0.56 9.21
N ILE A 40 -3.07 -1.22 10.39
CA ILE A 40 -1.81 -1.71 10.94
C ILE A 40 -1.93 -3.25 11.09
N PRO A 41 -0.91 -4.02 10.60
CA PRO A 41 -1.01 -5.48 10.54
C PRO A 41 -1.22 -6.15 11.90
N SER A 42 -0.75 -5.49 12.98
CA SER A 42 -0.93 -6.05 14.32
C SER A 42 -2.40 -5.92 14.86
N LYS A 43 -3.36 -5.99 13.92
CA LYS A 43 -4.80 -6.00 14.18
C LYS A 43 -5.53 -6.89 13.16
N PHE A 44 -4.75 -7.53 12.27
CA PHE A 44 -5.34 -8.33 11.22
C PHE A 44 -4.77 -9.76 11.28
N PRO A 45 -5.67 -10.77 11.49
CA PRO A 45 -5.32 -12.16 11.17
C PRO A 45 -5.28 -12.41 9.64
N ASN A 46 -5.72 -11.37 8.90
CA ASN A 46 -5.68 -11.39 7.44
C ASN A 46 -4.22 -11.11 7.03
N LYS A 47 -3.91 -11.31 5.73
CA LYS A 47 -2.54 -11.07 5.26
C LYS A 47 -2.40 -9.66 4.65
N ASN A 48 -3.52 -8.90 4.68
CA ASN A 48 -3.60 -7.59 4.06
C ASN A 48 -2.33 -6.72 4.24
N LEU A 49 -2.13 -6.14 5.44
CA LEU A 49 -0.94 -5.30 5.59
C LEU A 49 0.30 -6.20 5.68
N LYS A 50 1.28 -5.84 4.84
CA LYS A 50 2.52 -6.60 4.70
C LYS A 50 3.67 -5.70 5.18
N LYS A 51 4.74 -5.62 4.36
CA LYS A 51 5.87 -4.75 4.71
C LYS A 51 5.42 -3.30 4.47
N ASN A 52 5.69 -2.80 3.25
CA ASN A 52 5.23 -1.48 2.81
C ASN A 52 4.40 -1.62 1.52
N TYR A 53 4.42 -2.85 0.97
CA TYR A 53 3.73 -3.21 -0.27
C TYR A 53 2.29 -2.68 -0.31
N CYS A 54 2.00 -1.99 -1.41
CA CYS A 54 0.73 -1.31 -1.58
C CYS A 54 -0.47 -2.26 -1.50
N ARG A 55 -1.48 -1.81 -0.73
CA ARG A 55 -2.69 -2.59 -0.49
C ARG A 55 -3.88 -1.70 -0.85
N ASN A 56 -5.05 -2.15 -0.35
CA ASN A 56 -6.27 -1.39 -0.59
C ASN A 56 -7.24 -1.57 0.60
N PRO A 57 -6.86 -1.08 1.81
CA PRO A 57 -7.72 -1.26 3.00
C PRO A 57 -9.18 -0.76 2.85
N ASP A 58 -9.27 0.43 2.23
CA ASP A 58 -10.55 1.08 1.94
C ASP A 58 -10.99 0.77 0.49
N ARG A 59 -10.08 0.03 -0.17
CA ARG A 59 -10.16 -0.40 -1.54
C ARG A 59 -10.55 0.73 -2.52
N GLU A 60 -9.52 1.61 -2.58
CA GLU A 60 -9.36 2.70 -3.52
C GLU A 60 -9.10 2.02 -4.88
N LEU A 61 -8.95 2.84 -5.93
CA LEU A 61 -8.65 2.25 -7.23
C LEU A 61 -7.24 1.59 -7.20
N ARG A 62 -6.23 2.42 -7.54
CA ARG A 62 -4.86 1.92 -7.59
C ARG A 62 -4.39 1.57 -6.16
N PRO A 63 -3.67 0.41 -5.98
CA PRO A 63 -3.17 0.03 -4.66
C PRO A 63 -2.25 1.13 -4.13
N TRP A 64 -2.44 1.47 -2.84
CA TRP A 64 -1.68 2.56 -2.23
C TRP A 64 -0.99 2.08 -0.94
N CYS A 65 -0.13 2.97 -0.43
CA CYS A 65 0.53 2.77 0.85
C CYS A 65 0.86 4.15 1.42
N PHE A 66 1.20 4.14 2.72
CA PHE A 66 1.58 5.38 3.40
C PHE A 66 3.00 5.73 2.96
N THR A 67 3.33 7.03 2.98
CA THR A 67 4.66 7.45 2.58
C THR A 67 5.47 7.84 3.82
N THR A 68 6.76 8.10 3.55
CA THR A 68 7.66 8.50 4.61
C THR A 68 7.46 9.98 4.99
N ASP A 69 6.78 10.71 4.08
CA ASP A 69 6.54 12.13 4.28
C ASP A 69 5.29 12.34 5.18
N PRO A 70 5.46 13.07 6.32
CA PRO A 70 4.33 13.47 7.15
C PRO A 70 3.22 14.34 6.50
N ASN A 71 3.42 14.73 5.23
CA ASN A 71 2.42 15.54 4.53
C ASN A 71 1.73 14.67 3.47
N LYS A 72 2.55 13.92 2.72
CA LYS A 72 1.99 13.00 1.73
C LYS A 72 1.66 11.70 2.50
N ARG A 73 0.54 11.77 3.25
CA ARG A 73 0.12 10.65 4.10
C ARG A 73 0.04 9.33 3.29
N TRP A 74 -1.04 9.24 2.50
CA TRP A 74 -1.27 8.10 1.63
C TRP A 74 -0.91 8.50 0.20
N GLU A 75 -0.53 7.49 -0.60
CA GLU A 75 -0.32 7.78 -2.01
C GLU A 75 -0.44 6.48 -2.82
N LEU A 76 -1.02 6.68 -4.02
CA LEU A 76 -1.22 5.60 -4.99
C LEU A 76 0.14 5.13 -5.51
N CYS A 77 0.27 3.80 -5.57
CA CYS A 77 1.49 3.17 -6.05
C CYS A 77 1.46 2.91 -7.55
N ASP A 78 2.68 2.79 -8.11
CA ASP A 78 2.76 2.41 -9.52
C ASP A 78 3.12 0.92 -9.57
N ILE A 79 2.07 0.14 -9.87
CA ILE A 79 2.14 -1.31 -9.94
C ILE A 79 2.03 -1.68 -11.45
N PRO A 80 2.75 -2.75 -11.85
CA PRO A 80 2.71 -3.24 -13.22
C PRO A 80 1.36 -3.89 -13.57
N ARG A 81 0.78 -3.38 -14.66
CA ARG A 81 -0.47 -3.98 -15.14
C ARG A 81 -0.11 -5.32 -15.79
N CYS A 82 -1.03 -6.30 -15.63
CA CYS A 82 -0.81 -7.58 -16.30
C CYS A 82 -0.79 -7.35 -17.82
N THR A 83 0.43 -7.52 -18.36
CA THR A 83 0.71 -7.27 -19.77
C THR A 83 1.76 -8.28 -20.25
C1 AMH B . -7.05 6.99 3.48
C2 AMH B . -8.35 6.19 3.32
C3 AMH B . -8.97 6.46 1.96
C4 AMH B . -8.07 5.95 0.83
C5 AMH B . -6.70 6.60 0.96
C6 AMH B . -6.09 6.54 2.38
C7 AMH B . -8.69 6.25 -0.58
C8 AMH B . -6.42 6.80 4.88
N AMH B . -9.28 7.58 -0.65
O1 AMH B . -7.16 6.61 5.86
O2 AMH B . -5.20 6.88 5.02
H1 AMH B . -7.24 8.05 3.36
H21 AMH B . -9.06 6.49 4.09
H22 AMH B . -8.12 5.13 3.43
H31 AMH B . -9.96 6.01 1.89
H32 AMH B . -9.10 7.55 1.87
H4 AMH B . -7.96 4.86 0.93
H51 AMH B . -6.03 6.16 0.23
H52 AMH B . -6.82 7.66 0.72
H61 AMH B . -5.22 7.18 2.46
H62 AMH B . -5.76 5.53 2.59
H71 AMH B . -7.91 6.17 -1.36
H72 AMH B . -9.45 5.51 -0.79
HN1 AMH B . -9.39 7.79 -1.63
HN2 AMH B . -10.18 7.58 -0.21
HN3 AMH B . -8.68 8.26 -0.23
N THR A 1 8.76 -12.79 -8.53
CA THR A 1 7.82 -11.84 -7.99
C THR A 1 6.57 -12.69 -7.78
N SER A 2 5.49 -12.12 -7.21
CA SER A 2 4.29 -12.92 -6.98
C SER A 2 3.11 -11.98 -6.74
N GLU A 3 2.06 -12.20 -7.56
CA GLU A 3 0.80 -11.45 -7.47
C GLU A 3 1.03 -9.93 -7.56
N GLU A 4 2.02 -9.58 -8.42
CA GLU A 4 2.46 -8.19 -8.55
C GLU A 4 1.85 -7.44 -9.75
N CYS A 5 1.01 -8.14 -10.54
CA CYS A 5 0.35 -7.48 -11.67
C CYS A 5 -1.17 -7.67 -11.54
N MET A 6 -1.86 -6.51 -11.53
CA MET A 6 -3.30 -6.45 -11.35
C MET A 6 -3.88 -5.62 -12.49
N HIS A 7 -5.22 -5.69 -12.55
CA HIS A 7 -5.98 -4.90 -13.50
C HIS A 7 -5.93 -3.40 -13.13
N GLY A 8 -5.96 -3.14 -11.80
CA GLY A 8 -5.90 -1.74 -11.41
C GLY A 8 -6.06 -1.50 -9.90
N SER A 9 -6.94 -2.29 -9.24
CA SER A 9 -7.28 -2.06 -7.84
C SER A 9 -6.48 -2.93 -6.86
N GLY A 10 -6.41 -4.24 -7.20
CA GLY A 10 -5.60 -5.14 -6.39
C GLY A 10 -6.11 -5.36 -4.96
N GLU A 11 -7.38 -5.78 -4.87
CA GLU A 11 -7.87 -6.09 -3.53
C GLU A 11 -7.11 -7.30 -2.94
N ASN A 12 -6.79 -8.26 -3.82
CA ASN A 12 -6.05 -9.44 -3.34
C ASN A 12 -4.53 -9.32 -3.60
N TYR A 13 -4.13 -8.09 -3.98
CA TYR A 13 -2.71 -7.83 -4.24
C TYR A 13 -1.96 -7.65 -2.91
N ASP A 14 -1.15 -8.67 -2.57
CA ASP A 14 -0.26 -8.53 -1.43
C ASP A 14 1.13 -9.04 -1.87
N GLY A 15 1.66 -8.31 -2.89
CA GLY A 15 2.93 -8.69 -3.51
C GLY A 15 4.11 -7.90 -2.94
N LYS A 16 4.65 -7.01 -3.81
CA LYS A 16 5.91 -6.33 -3.45
C LYS A 16 6.05 -4.84 -3.84
N ILE A 17 5.16 -4.27 -4.69
CA ILE A 17 5.35 -2.86 -5.06
C ILE A 17 4.80 -1.97 -3.93
N SER A 18 5.59 -0.92 -3.62
CA SER A 18 5.24 0.02 -2.56
C SER A 18 5.60 1.48 -2.92
N LYS A 19 5.74 1.77 -4.23
CA LYS A 19 6.14 3.12 -4.63
C LYS A 19 4.90 3.86 -5.17
N THR A 20 4.67 5.04 -4.53
CA THR A 20 3.54 5.87 -4.89
C THR A 20 3.80 6.53 -6.25
N MET A 21 2.78 6.33 -7.11
CA MET A 21 2.73 6.61 -8.54
C MET A 21 3.56 7.80 -9.00
N SER A 22 3.55 8.88 -8.19
CA SER A 22 4.38 10.03 -8.53
C SER A 22 5.38 10.27 -7.40
N GLY A 23 4.83 10.46 -6.19
CA GLY A 23 5.57 10.76 -4.98
C GLY A 23 6.71 9.78 -4.59
N LEU A 24 6.56 9.17 -3.40
CA LEU A 24 7.70 8.52 -2.73
C LEU A 24 7.50 7.01 -2.54
N GLU A 25 8.47 6.44 -1.80
CA GLU A 25 8.36 5.06 -1.38
C GLU A 25 7.44 5.09 -0.15
N CYS A 26 6.62 4.04 -0.02
CA CYS A 26 5.71 3.99 1.11
C CYS A 26 6.39 3.55 2.41
N GLN A 27 5.72 4.04 3.45
CA GLN A 27 5.99 3.85 4.85
C GLN A 27 5.14 2.64 5.30
N ALA A 28 5.78 1.74 6.06
CA ALA A 28 5.14 0.49 6.48
C ALA A 28 3.82 0.73 7.28
N TRP A 29 2.90 -0.22 7.07
CA TRP A 29 1.54 -0.17 7.58
C TRP A 29 1.36 -0.27 9.12
N ASP A 30 2.38 -0.70 9.90
CA ASP A 30 2.09 -0.83 11.33
C ASP A 30 2.36 0.51 12.05
N SER A 31 2.85 0.46 13.29
CA SER A 31 3.14 1.69 14.04
C SER A 31 4.65 1.89 14.00
N GLN A 32 5.02 2.99 13.31
CA GLN A 32 6.43 3.26 13.08
C GLN A 32 6.74 4.79 13.13
N SER A 33 6.49 5.50 12.01
CA SER A 33 6.81 6.92 11.86
C SER A 33 6.62 7.26 10.37
N PRO A 34 5.96 8.40 10.02
CA PRO A 34 5.74 9.56 10.90
C PRO A 34 4.63 9.50 11.97
N HIS A 35 3.75 8.48 11.90
CA HIS A 35 2.70 8.42 12.92
C HIS A 35 2.01 7.06 12.91
N ALA A 36 1.40 6.77 14.07
CA ALA A 36 0.61 5.55 14.27
C ALA A 36 -0.79 5.71 13.64
N HIS A 37 -0.76 5.74 12.30
CA HIS A 37 -1.97 5.88 11.49
C HIS A 37 -2.81 4.58 11.57
N GLY A 38 -4.01 4.65 10.96
CA GLY A 38 -4.89 3.48 10.94
C GLY A 38 -4.41 2.43 9.93
N TYR A 39 -5.16 1.31 9.92
CA TYR A 39 -4.90 0.16 9.04
C TYR A 39 -3.55 -0.50 9.45
N ILE A 40 -3.57 -1.03 10.68
CA ILE A 40 -2.38 -1.58 11.31
C ILE A 40 -2.45 -3.14 11.29
N PRO A 41 -1.50 -3.84 10.59
CA PRO A 41 -1.56 -5.30 10.46
C PRO A 41 -1.62 -6.10 11.77
N SER A 42 -1.04 -5.52 12.85
CA SER A 42 -1.09 -6.24 14.13
C SER A 42 -2.54 -6.40 14.68
N LYS A 43 -3.51 -5.75 13.98
CA LYS A 43 -4.91 -5.75 14.39
C LYS A 43 -5.76 -6.53 13.38
N PHE A 44 -5.08 -7.18 12.42
CA PHE A 44 -5.79 -7.93 11.39
C PHE A 44 -5.31 -9.40 11.37
N PRO A 45 -6.25 -10.35 11.63
CA PRO A 45 -6.04 -11.73 11.21
C PRO A 45 -6.19 -11.92 9.68
N ASN A 46 -6.66 -10.82 9.05
CA ASN A 46 -6.80 -10.77 7.60
C ASN A 46 -5.37 -10.60 7.03
N LYS A 47 -5.21 -10.93 5.73
CA LYS A 47 -3.89 -10.83 5.11
C LYS A 47 -3.76 -9.49 4.35
N ASN A 48 -4.62 -8.53 4.74
CA ASN A 48 -4.66 -7.23 4.08
C ASN A 48 -3.31 -6.49 4.16
N LEU A 49 -3.06 -5.80 5.29
CA LEU A 49 -1.82 -5.03 5.37
C LEU A 49 -0.60 -5.97 5.34
N LYS A 50 0.55 -5.34 5.05
CA LYS A 50 1.79 -6.08 4.93
C LYS A 50 2.90 -5.19 5.49
N LYS A 51 4.07 -5.24 4.82
CA LYS A 51 5.18 -4.36 5.21
C LYS A 51 4.80 -2.92 4.87
N ASN A 52 5.15 -2.50 3.64
CA ASN A 52 4.75 -1.19 3.10
C ASN A 52 3.96 -1.35 1.80
N TYR A 53 4.03 -2.59 1.25
CA TYR A 53 3.40 -2.97 -0.01
C TYR A 53 1.94 -2.46 -0.09
N CYS A 54 1.65 -1.83 -1.24
CA CYS A 54 0.34 -1.20 -1.42
C CYS A 54 -0.81 -2.20 -1.28
N ARG A 55 -1.90 -1.66 -0.70
CA ARG A 55 -3.11 -2.44 -0.45
C ARG A 55 -4.29 -1.55 -0.79
N ASN A 56 -5.49 -2.02 -0.39
CA ASN A 56 -6.68 -1.22 -0.67
C ASN A 56 -7.70 -1.37 0.48
N PRO A 57 -7.34 -0.87 1.70
CA PRO A 57 -8.20 -1.08 2.88
C PRO A 57 -9.66 -0.58 2.77
N ASP A 58 -9.81 0.48 1.95
CA ASP A 58 -11.09 1.12 1.65
C ASP A 58 -11.50 0.88 0.18
N ARG A 59 -10.67 0.05 -0.46
CA ARG A 59 -10.72 -0.28 -1.87
C ARG A 59 -11.00 0.89 -2.82
N GLU A 60 -9.98 1.77 -2.76
CA GLU A 60 -9.80 2.91 -3.63
C GLU A 60 -9.56 2.35 -5.05
N LEU A 61 -9.66 3.24 -6.04
CA LEU A 61 -9.49 2.84 -7.42
C LEU A 61 -8.19 2.06 -7.65
N ARG A 62 -7.10 2.75 -7.27
CA ARG A 62 -5.74 2.23 -7.36
C ARG A 62 -5.29 1.86 -5.92
N PRO A 63 -4.48 0.77 -5.74
CA PRO A 63 -3.98 0.40 -4.42
C PRO A 63 -2.98 1.46 -3.96
N TRP A 64 -3.08 1.80 -2.67
CA TRP A 64 -2.25 2.85 -2.10
C TRP A 64 -1.54 2.32 -0.85
N CYS A 65 -0.72 3.25 -0.31
CA CYS A 65 -0.03 3.05 0.96
C CYS A 65 0.35 4.45 1.45
N PHE A 66 0.75 4.49 2.73
CA PHE A 66 1.14 5.76 3.34
C PHE A 66 2.54 6.10 2.84
N THR A 67 2.82 7.41 2.72
CA THR A 67 4.14 7.81 2.20
C THR A 67 5.07 8.06 3.39
N THR A 68 6.38 8.16 3.06
CA THR A 68 7.36 8.49 4.09
C THR A 68 7.39 10.01 4.36
N ASP A 69 6.68 10.77 3.51
CA ASP A 69 6.65 12.22 3.67
C ASP A 69 5.63 12.56 4.78
N PRO A 70 6.08 13.26 5.87
CA PRO A 70 5.16 13.66 6.93
C PRO A 70 4.11 14.72 6.50
N ASN A 71 4.15 15.12 5.21
CA ASN A 71 3.19 16.08 4.69
C ASN A 71 2.27 15.42 3.65
N LYS A 72 2.55 14.13 3.32
CA LYS A 72 1.71 13.40 2.39
C LYS A 72 1.29 12.08 3.06
N ARG A 73 0.02 12.08 3.52
CA ARG A 73 -0.52 10.90 4.20
C ARG A 73 -0.52 9.67 3.26
N TRP A 74 -1.61 9.55 2.47
CA TRP A 74 -1.76 8.42 1.55
C TRP A 74 -1.36 8.84 0.13
N GLU A 75 -1.17 7.78 -0.69
CA GLU A 75 -0.93 8.01 -2.11
C GLU A 75 -1.05 6.67 -2.86
N LEU A 76 -1.63 6.79 -4.08
CA LEU A 76 -1.83 5.66 -4.97
C LEU A 76 -0.48 5.19 -5.52
N CYS A 77 -0.36 3.86 -5.64
CA CYS A 77 0.81 3.19 -6.18
C CYS A 77 0.65 2.93 -7.67
N ASP A 78 1.84 2.82 -8.31
CA ASP A 78 1.82 2.43 -9.72
C ASP A 78 2.23 0.94 -9.75
N ILE A 79 1.27 0.15 -10.22
CA ILE A 79 1.39 -1.30 -10.25
C ILE A 79 1.44 -1.75 -11.72
N PRO A 80 2.40 -2.66 -12.06
CA PRO A 80 2.56 -3.10 -13.43
C PRO A 80 1.48 -4.12 -13.83
N ARG A 81 0.56 -3.65 -14.69
CA ARG A 81 -0.47 -4.56 -15.17
C ARG A 81 0.13 -5.55 -16.19
N CYS A 82 -0.30 -6.83 -16.07
CA CYS A 82 0.16 -7.83 -17.03
C CYS A 82 -0.64 -7.62 -18.32
N THR A 83 0.10 -7.69 -19.44
CA THR A 83 -0.49 -7.51 -20.76
C THR A 83 -0.01 -8.67 -21.66
C1 AMH B . -7.59 7.19 3.49
C2 AMH B . -8.84 6.32 3.33
C3 AMH B . -9.47 6.57 1.97
C4 AMH B . -8.54 6.10 0.83
C5 AMH B . -7.19 6.80 0.99
C6 AMH B . -6.59 6.79 2.41
C7 AMH B . -9.15 6.40 -0.57
C8 AMH B . -6.97 7.04 4.92
N AMH B . -9.80 7.72 -0.62
O1 AMH B . -5.76 7.16 5.08
O2 AMH B . -7.71 6.85 5.88
H1 AMH B . -7.83 8.24 3.37
H21 AMH B . -9.57 6.57 4.09
H22 AMH B . -8.55 5.27 3.43
H31 AMH B . -10.44 6.08 1.89
H32 AMH B . -9.63 7.65 1.88
H4 AMH B . -8.41 5.01 0.92
H51 AMH B . -6.49 6.38 0.26
H52 AMH B . -7.34 7.84 0.73
H61 AMH B . -5.76 7.49 2.48
H62 AMH B . -6.20 5.81 2.65
H71 AMH B . -8.37 6.37 -1.33
H72 AMH B . -9.90 5.64 -0.80
HN1 AMH B . -9.90 7.95 -1.60
HN2 AMH B . -10.70 7.69 -0.19
HN3 AMH B . -9.24 8.41 -0.17
N THR A 1 6.41 -12.20 -7.54
CA THR A 1 7.06 -12.35 -8.83
C THR A 1 6.32 -13.50 -9.48
N SER A 2 5.02 -13.22 -9.55
CA SER A 2 4.09 -14.32 -9.73
C SER A 2 2.68 -13.84 -10.10
N GLU A 3 2.25 -12.77 -9.41
CA GLU A 3 0.88 -12.29 -9.55
C GLU A 3 0.76 -10.76 -9.48
N GLU A 4 1.91 -10.06 -9.57
CA GLU A 4 1.87 -8.60 -9.49
C GLU A 4 1.45 -7.94 -10.82
N CYS A 5 0.16 -8.14 -11.15
CA CYS A 5 -0.43 -7.44 -12.28
C CYS A 5 -1.93 -7.45 -12.01
N MET A 6 -2.53 -6.26 -12.18
CA MET A 6 -3.94 -6.08 -11.82
C MET A 6 -4.70 -5.46 -13.00
N HIS A 7 -6.01 -5.33 -12.76
CA HIS A 7 -6.90 -4.65 -13.71
C HIS A 7 -6.78 -3.13 -13.52
N GLY A 8 -6.78 -2.74 -12.23
CA GLY A 8 -6.68 -1.32 -11.88
C GLY A 8 -6.62 -1.14 -10.36
N SER A 9 -7.73 -1.52 -9.70
CA SER A 9 -7.82 -1.38 -8.24
C SER A 9 -7.13 -2.54 -7.54
N GLY A 10 -7.25 -3.72 -8.17
CA GLY A 10 -6.55 -4.88 -7.64
C GLY A 10 -7.04 -5.32 -6.27
N GLU A 11 -8.36 -5.45 -6.20
CA GLU A 11 -9.04 -5.87 -4.97
C GLU A 11 -8.57 -7.28 -4.47
N ASN A 12 -7.99 -8.05 -5.42
CA ASN A 12 -7.49 -9.40 -5.13
C ASN A 12 -5.95 -9.45 -5.04
N TYR A 13 -5.34 -8.26 -5.21
CA TYR A 13 -3.88 -8.13 -5.13
C TYR A 13 -3.43 -8.38 -3.69
N ASP A 14 -2.22 -8.95 -3.54
CA ASP A 14 -1.70 -9.11 -2.17
C ASP A 14 -1.09 -7.76 -1.78
N GLY A 15 -0.10 -7.33 -2.58
CA GLY A 15 0.58 -6.08 -2.33
C GLY A 15 2.06 -6.34 -2.06
N LYS A 16 2.86 -6.01 -3.10
CA LYS A 16 4.32 -6.05 -3.00
C LYS A 16 4.95 -4.75 -3.58
N ILE A 17 4.18 -4.01 -4.41
CA ILE A 17 4.67 -2.73 -4.92
C ILE A 17 4.49 -1.70 -3.78
N SER A 18 5.41 -0.70 -3.73
CA SER A 18 5.38 0.31 -2.66
C SER A 18 5.74 1.73 -3.19
N LYS A 19 5.31 2.03 -4.42
CA LYS A 19 5.64 3.35 -4.99
C LYS A 19 4.36 4.09 -5.39
N THR A 20 4.23 5.28 -4.79
CA THR A 20 3.07 6.12 -5.05
C THR A 20 3.29 6.95 -6.32
N MET A 21 2.29 6.80 -7.22
CA MET A 21 2.19 7.35 -8.57
C MET A 21 2.78 8.77 -8.75
N SER A 22 2.49 9.60 -7.74
CA SER A 22 2.87 11.01 -7.74
C SER A 22 3.90 11.29 -6.63
N GLY A 23 3.47 10.85 -5.43
CA GLY A 23 4.17 11.10 -4.19
C GLY A 23 5.60 10.55 -4.06
N LEU A 24 5.73 9.53 -3.18
CA LEU A 24 7.03 9.04 -2.74
C LEU A 24 6.98 7.50 -2.61
N GLU A 25 7.99 6.99 -1.88
CA GLU A 25 8.04 5.58 -1.50
C GLU A 25 7.06 5.44 -0.32
N CYS A 26 6.34 4.31 -0.30
CA CYS A 26 5.40 4.11 0.80
C CYS A 26 6.11 3.77 2.12
N GLN A 27 5.37 4.17 3.16
CA GLN A 27 5.64 3.99 4.58
C GLN A 27 4.80 2.79 5.02
N ALA A 28 5.44 1.93 5.84
CA ALA A 28 4.84 0.66 6.25
C ALA A 28 3.55 0.83 7.08
N TRP A 29 2.66 -0.19 6.98
CA TRP A 29 1.38 -0.19 7.68
C TRP A 29 1.53 -0.35 9.22
N ASP A 30 2.78 -0.47 9.70
CA ASP A 30 3.03 -0.63 11.12
C ASP A 30 2.97 0.76 11.81
N SER A 31 3.89 0.99 12.77
CA SER A 31 3.95 2.27 13.48
C SER A 31 5.43 2.66 13.48
N GLN A 32 5.65 3.87 12.90
CA GLN A 32 7.00 4.31 12.61
C GLN A 32 7.14 5.84 12.73
N SER A 33 6.61 6.50 11.69
CA SER A 33 6.63 7.94 11.43
C SER A 33 6.11 8.03 9.98
N PRO A 34 5.39 9.13 9.58
CA PRO A 34 5.18 10.37 10.35
C PRO A 34 4.33 10.32 11.63
N HIS A 35 3.50 9.27 11.73
CA HIS A 35 2.65 9.14 12.92
C HIS A 35 1.93 7.78 12.83
N ALA A 36 1.48 7.33 14.02
CA ALA A 36 0.67 6.13 14.08
C ALA A 36 -0.69 6.45 13.42
N HIS A 37 -0.79 5.97 12.18
CA HIS A 37 -1.95 6.14 11.32
C HIS A 37 -2.94 4.99 11.55
N GLY A 38 -4.04 5.02 10.76
CA GLY A 38 -5.05 3.97 10.84
C GLY A 38 -4.62 2.75 10.00
N TYR A 39 -5.48 1.71 10.01
CA TYR A 39 -5.20 0.47 9.29
C TYR A 39 -3.93 -0.18 9.86
N ILE A 40 -4.05 -0.49 11.17
CA ILE A 40 -2.93 -1.00 11.94
C ILE A 40 -3.04 -2.54 12.03
N PRO A 41 -2.01 -3.28 11.53
CA PRO A 41 -2.05 -4.74 11.50
C PRO A 41 -2.50 -5.50 12.77
N SER A 42 -2.32 -4.85 13.93
CA SER A 42 -2.70 -5.46 15.20
C SER A 42 -4.21 -5.76 15.32
N LYS A 43 -5.00 -5.13 14.43
CA LYS A 43 -6.45 -5.31 14.43
C LYS A 43 -6.88 -6.27 13.30
N PHE A 44 -5.88 -6.73 12.53
CA PHE A 44 -6.14 -7.58 11.37
C PHE A 44 -5.37 -8.90 11.53
N PRO A 45 -6.10 -10.02 11.84
CA PRO A 45 -5.50 -11.35 11.67
C PRO A 45 -5.33 -11.72 10.18
N ASN A 46 -5.90 -10.86 9.33
CA ASN A 46 -5.80 -10.98 7.89
C ASN A 46 -4.45 -10.40 7.43
N LYS A 47 -4.15 -10.64 6.15
CA LYS A 47 -2.87 -10.22 5.57
C LYS A 47 -3.00 -8.93 4.75
N ASN A 48 -4.11 -8.19 4.99
CA ASN A 48 -4.31 -6.96 4.21
C ASN A 48 -3.29 -5.87 4.55
N LEU A 49 -2.71 -5.90 5.75
CA LEU A 49 -1.63 -4.95 6.02
C LEU A 49 -0.35 -5.77 6.16
N LYS A 50 0.71 -5.29 5.48
CA LYS A 50 2.01 -5.93 5.53
C LYS A 50 3.05 -4.83 5.80
N LYS A 51 4.13 -4.80 5.00
CA LYS A 51 5.12 -3.72 5.19
C LYS A 51 4.58 -2.42 4.54
N ASN A 52 5.25 -1.94 3.49
CA ASN A 52 4.85 -0.68 2.85
C ASN A 52 4.20 -0.92 1.50
N TYR A 53 3.74 -2.16 1.34
CA TYR A 53 3.15 -2.53 0.07
C TYR A 53 1.66 -2.12 -0.02
N CYS A 54 1.35 -1.57 -1.21
CA CYS A 54 0.03 -1.07 -1.58
C CYS A 54 -1.09 -2.12 -1.43
N ARG A 55 -2.24 -1.62 -0.93
CA ARG A 55 -3.46 -2.42 -0.74
C ARG A 55 -4.68 -1.54 -1.06
N ASN A 56 -5.86 -2.11 -0.70
CA ASN A 56 -7.15 -1.51 -0.98
C ASN A 56 -8.08 -1.54 0.25
N PRO A 57 -7.66 -1.00 1.44
CA PRO A 57 -8.53 -1.06 2.61
C PRO A 57 -9.97 -0.52 2.39
N ASP A 58 -10.00 0.65 1.72
CA ASP A 58 -11.25 1.32 1.37
C ASP A 58 -11.61 1.10 -0.13
N ARG A 59 -10.76 0.26 -0.77
CA ARG A 59 -10.85 -0.14 -2.17
C ARG A 59 -11.37 0.97 -3.12
N GLU A 60 -10.38 1.84 -3.34
CA GLU A 60 -10.38 3.02 -4.16
C GLU A 60 -10.30 2.67 -5.66
N LEU A 61 -9.72 3.65 -6.39
CA LEU A 61 -9.46 3.52 -7.82
C LEU A 61 -8.27 2.57 -8.07
N ARG A 62 -7.07 3.05 -7.69
CA ARG A 62 -5.80 2.33 -7.83
C ARG A 62 -5.20 2.15 -6.41
N PRO A 63 -4.67 0.93 -6.06
CA PRO A 63 -4.31 0.58 -4.68
C PRO A 63 -3.30 1.57 -4.07
N TRP A 64 -3.45 1.88 -2.77
CA TRP A 64 -2.59 2.88 -2.13
C TRP A 64 -1.87 2.33 -0.87
N CYS A 65 -1.03 3.23 -0.36
CA CYS A 65 -0.31 3.04 0.91
C CYS A 65 0.07 4.45 1.41
N PHE A 66 0.48 4.49 2.70
CA PHE A 66 0.88 5.76 3.30
C PHE A 66 2.26 6.14 2.75
N THR A 67 2.61 7.44 2.83
CA THR A 67 3.93 7.87 2.36
C THR A 67 4.77 8.26 3.59
N THR A 68 6.05 8.54 3.30
CA THR A 68 6.96 8.94 4.36
C THR A 68 6.81 10.43 4.73
N ASP A 69 6.07 11.18 3.89
CA ASP A 69 5.91 12.61 4.13
C ASP A 69 4.67 12.87 5.03
N PRO A 70 4.86 13.65 6.13
CA PRO A 70 3.74 14.03 7.01
C PRO A 70 2.56 14.82 6.40
N ASN A 71 2.73 15.26 5.13
CA ASN A 71 1.69 16.05 4.48
C ASN A 71 0.93 15.14 3.52
N LYS A 72 1.71 14.36 2.76
CA LYS A 72 1.11 13.42 1.83
C LYS A 72 0.88 12.11 2.60
N ARG A 73 -0.16 12.16 3.43
CA ARG A 73 -0.53 11.02 4.27
C ARG A 73 -0.57 9.72 3.42
N TRP A 74 -1.61 9.68 2.58
CA TRP A 74 -1.82 8.55 1.68
C TRP A 74 -1.52 8.99 0.24
N GLU A 75 -1.24 7.98 -0.61
CA GLU A 75 -1.13 8.27 -2.03
C GLU A 75 -1.31 6.96 -2.81
N LEU A 76 -1.94 7.12 -4.00
CA LEU A 76 -2.18 5.97 -4.85
C LEU A 76 -0.86 5.44 -5.44
N CYS A 77 -0.79 4.11 -5.48
CA CYS A 77 0.35 3.40 -6.03
C CYS A 77 0.24 3.27 -7.54
N ASP A 78 1.43 3.12 -8.15
CA ASP A 78 1.45 2.88 -9.58
C ASP A 78 1.62 1.36 -9.77
N ILE A 79 0.45 0.72 -10.00
CA ILE A 79 0.43 -0.73 -10.16
C ILE A 79 0.43 -1.06 -11.68
N PRO A 80 1.21 -2.10 -12.05
CA PRO A 80 1.30 -2.58 -13.43
C PRO A 80 0.03 -3.38 -13.80
N ARG A 81 -0.56 -2.93 -14.93
CA ARG A 81 -1.73 -3.63 -15.43
C ARG A 81 -1.28 -4.95 -16.08
N CYS A 82 -2.18 -5.96 -16.04
CA CYS A 82 -1.88 -7.22 -16.72
C CYS A 82 -1.99 -7.03 -18.24
N THR A 83 -0.92 -6.46 -18.81
CA THR A 83 -0.85 -6.25 -20.24
C THR A 83 -0.16 -7.46 -20.91
C1 AMH B . -7.63 7.33 3.65
C2 AMH B . -8.86 6.47 3.34
C3 AMH B . -9.30 6.66 1.88
C4 AMH B . -8.23 6.12 0.93
C5 AMH B . -6.95 6.89 1.22
C6 AMH B . -6.53 6.90 2.68
C7 AMH B . -8.68 6.36 -0.53
C8 AMH B . -7.15 7.19 5.11
N AMH B . -7.74 5.76 -1.47
O1 AMH B . -5.97 7.37 5.38
O2 AMH B . -7.95 6.91 6.00
H1 AMH B . -7.85 8.39 3.48
H21 AMH B . -9.68 6.74 4.01
H22 AMH B . -8.59 5.43 3.49
H31 AMH B . -10.25 6.16 1.72
H32 AMH B . -9.46 7.71 1.69
H4 AMH B . -8.09 5.05 1.10
H51 AMH B . -6.12 6.51 0.62
H52 AMH B . -7.13 7.91 0.92
H61 AMH B . -5.68 7.55 2.81
H62 AMH B . -6.20 5.90 2.96
H71 AMH B . -9.66 5.90 -0.68
H72 AMH B . -8.74 7.43 -0.72
HN1 AMH B . -7.76 4.76 -1.41
HN2 AMH B . -7.99 6.03 -2.40
HN3 AMH B . -6.81 6.08 -1.29
N THR A 1 0.35 -12.92 -1.47
CA THR A 1 -0.06 -13.20 -2.83
C THR A 1 1.15 -13.18 -3.79
N SER A 2 1.82 -12.02 -3.75
CA SER A 2 3.03 -11.76 -4.49
C SER A 2 2.81 -11.53 -5.99
N GLU A 3 1.53 -11.32 -6.35
CA GLU A 3 1.16 -10.97 -7.73
C GLU A 3 1.87 -9.65 -8.08
N GLU A 4 2.46 -9.62 -9.28
CA GLU A 4 3.26 -8.48 -9.72
C GLU A 4 2.50 -7.54 -10.67
N CYS A 5 1.94 -8.10 -11.77
CA CYS A 5 1.23 -7.25 -12.73
C CYS A 5 -0.29 -7.39 -12.57
N MET A 6 -0.93 -6.20 -12.55
CA MET A 6 -2.38 -6.08 -12.42
C MET A 6 -2.81 -5.02 -13.43
N HIS A 7 -4.12 -5.11 -13.76
CA HIS A 7 -4.73 -4.07 -14.58
C HIS A 7 -4.52 -2.71 -13.90
N GLY A 8 -4.86 -2.74 -12.58
CA GLY A 8 -4.58 -1.57 -11.76
C GLY A 8 -5.36 -1.57 -10.43
N SER A 9 -5.85 -2.76 -10.02
CA SER A 9 -6.65 -2.86 -8.80
C SER A 9 -5.76 -3.26 -7.61
N GLY A 10 -5.24 -4.49 -7.70
CA GLY A 10 -4.34 -5.00 -6.68
C GLY A 10 -5.04 -5.35 -5.36
N GLU A 11 -6.25 -5.92 -5.51
CA GLU A 11 -7.08 -6.31 -4.36
C GLU A 11 -6.27 -7.02 -3.25
N ASN A 12 -5.44 -7.99 -3.69
CA ASN A 12 -4.60 -8.74 -2.75
C ASN A 12 -3.12 -8.65 -3.16
N TYR A 13 -2.81 -7.56 -3.86
CA TYR A 13 -1.46 -7.35 -4.39
C TYR A 13 -0.39 -7.25 -3.29
N ASP A 14 0.70 -8.03 -3.43
CA ASP A 14 1.85 -7.87 -2.54
C ASP A 14 3.16 -8.25 -3.26
N GLY A 15 3.22 -7.74 -4.50
CA GLY A 15 4.34 -7.95 -5.42
C GLY A 15 5.59 -7.07 -5.16
N LYS A 16 5.76 -6.70 -3.88
CA LYS A 16 6.96 -5.99 -3.39
C LYS A 16 7.09 -4.50 -3.79
N ILE A 17 6.36 -4.05 -4.83
CA ILE A 17 6.44 -2.63 -5.19
C ILE A 17 5.82 -1.79 -4.03
N SER A 18 6.64 -0.81 -3.64
CA SER A 18 6.39 0.15 -2.57
C SER A 18 6.74 1.57 -3.06
N LYS A 19 6.25 1.92 -4.26
CA LYS A 19 6.55 3.24 -4.81
C LYS A 19 5.24 3.90 -5.24
N THR A 20 5.00 5.07 -4.63
CA THR A 20 3.78 5.81 -4.92
C THR A 20 3.93 6.51 -6.28
N MET A 21 2.87 6.29 -7.08
CA MET A 21 2.75 6.67 -8.48
C MET A 21 3.20 8.10 -8.80
N SER A 22 2.98 8.98 -7.80
CA SER A 22 3.28 10.39 -7.96
C SER A 22 4.17 10.91 -6.83
N GLY A 23 5.01 10.03 -6.24
CA GLY A 23 5.77 10.59 -5.11
C GLY A 23 6.99 9.81 -4.63
N LEU A 24 6.75 8.97 -3.59
CA LEU A 24 7.88 8.47 -2.80
C LEU A 24 7.78 6.96 -2.51
N GLU A 25 8.82 6.52 -1.80
CA GLU A 25 8.88 5.15 -1.30
C GLU A 25 7.90 5.02 -0.12
N CYS A 26 7.20 3.88 -0.08
CA CYS A 26 6.24 3.64 0.97
C CYS A 26 6.93 3.25 2.30
N GLN A 27 6.19 3.69 3.33
CA GLN A 27 6.43 3.55 4.75
C GLN A 27 5.66 2.29 5.20
N ALA A 28 6.33 1.52 6.08
CA ALA A 28 5.78 0.25 6.54
C ALA A 28 4.47 0.43 7.33
N TRP A 29 3.54 -0.51 7.06
CA TRP A 29 2.19 -0.45 7.61
C TRP A 29 2.05 -0.46 9.14
N ASP A 30 3.04 -1.00 9.90
CA ASP A 30 2.79 -1.07 11.34
C ASP A 30 3.11 0.27 12.03
N SER A 31 3.48 0.20 13.32
CA SER A 31 3.69 1.42 14.09
C SER A 31 5.18 1.76 14.09
N GLN A 32 5.49 2.78 13.28
CA GLN A 32 6.88 3.21 13.14
C GLN A 32 7.01 4.74 13.05
N SER A 33 6.28 5.32 12.08
CA SER A 33 6.37 6.73 11.74
C SER A 33 5.40 6.95 10.55
N PRO A 34 5.26 8.23 10.09
CA PRO A 34 5.55 9.46 10.85
C PRO A 34 4.71 9.63 12.14
N HIS A 35 3.63 8.82 12.18
CA HIS A 35 2.71 8.78 13.30
C HIS A 35 1.86 7.54 13.05
N ALA A 36 1.14 7.08 14.10
CA ALA A 36 0.24 5.96 13.92
C ALA A 36 -0.96 6.41 13.04
N HIS A 37 -0.76 6.14 11.75
CA HIS A 37 -1.66 6.43 10.63
C HIS A 37 -2.85 5.45 10.51
N GLY A 38 -2.82 4.40 11.36
CA GLY A 38 -3.86 3.38 11.34
C GLY A 38 -3.45 2.26 10.37
N TYR A 39 -4.33 1.23 10.26
CA TYR A 39 -4.03 0.10 9.36
C TYR A 39 -2.68 -0.55 9.76
N ILE A 40 -2.58 -0.75 11.09
CA ILE A 40 -1.35 -1.26 11.71
C ILE A 40 -1.54 -2.77 11.97
N PRO A 41 -0.88 -3.66 11.16
CA PRO A 41 -1.13 -5.10 11.20
C PRO A 41 -1.18 -5.85 12.55
N SER A 42 -0.68 -5.22 13.62
CA SER A 42 -0.71 -5.85 14.93
C SER A 42 -2.13 -6.22 15.44
N LYS A 43 -3.15 -5.65 14.76
CA LYS A 43 -4.55 -5.87 15.13
C LYS A 43 -5.31 -6.67 14.05
N PHE A 44 -4.55 -7.13 13.05
CA PHE A 44 -5.18 -7.82 11.93
C PHE A 44 -4.74 -9.30 11.91
N PRO A 45 -5.68 -10.23 12.27
CA PRO A 45 -5.46 -11.65 11.97
C PRO A 45 -5.52 -11.95 10.45
N ASN A 46 -5.99 -10.91 9.72
CA ASN A 46 -6.06 -10.94 8.26
C ASN A 46 -4.59 -10.88 7.73
N LYS A 47 -4.44 -10.64 6.43
CA LYS A 47 -3.10 -10.51 5.86
C LYS A 47 -3.14 -9.44 4.76
N ASN A 48 -3.95 -8.42 5.13
CA ASN A 48 -4.17 -7.25 4.30
C ASN A 48 -2.93 -6.37 4.34
N LEU A 49 -2.48 -6.01 5.55
CA LEU A 49 -1.26 -5.19 5.59
C LEU A 49 -0.06 -6.12 5.48
N LYS A 50 1.08 -5.49 5.11
CA LYS A 50 2.31 -6.24 4.90
C LYS A 50 3.47 -5.39 5.41
N LYS A 51 4.61 -5.47 4.70
CA LYS A 51 5.78 -4.65 5.03
C LYS A 51 5.44 -3.17 4.76
N ASN A 52 5.81 -2.70 3.55
CA ASN A 52 5.52 -1.35 3.09
C ASN A 52 4.96 -1.37 1.66
N TYR A 53 4.56 -2.59 1.25
CA TYR A 53 4.06 -2.77 -0.11
C TYR A 53 2.65 -2.21 -0.20
N CYS A 54 2.31 -1.70 -1.40
CA CYS A 54 0.97 -1.15 -1.59
C CYS A 54 -0.09 -2.26 -1.39
N ARG A 55 -1.28 -1.86 -0.91
CA ARG A 55 -2.37 -2.80 -0.65
C ARG A 55 -3.67 -2.09 -1.02
N ASN A 56 -4.76 -2.84 -0.76
CA ASN A 56 -6.12 -2.40 -1.01
C ASN A 56 -6.98 -2.70 0.23
N PRO A 57 -6.63 -2.09 1.41
CA PRO A 57 -7.37 -2.41 2.64
C PRO A 57 -8.89 -2.15 2.55
N ASP A 58 -9.13 -1.10 1.75
CA ASP A 58 -10.40 -0.48 1.42
C ASP A 58 -10.78 -0.65 -0.06
N ARG A 59 -9.88 -1.33 -0.77
CA ARG A 59 -9.88 -1.49 -2.21
C ARG A 59 -10.22 -0.22 -3.00
N GLU A 60 -9.27 0.71 -2.80
CA GLU A 60 -9.15 1.95 -3.54
C GLU A 60 -8.94 1.60 -5.02
N LEU A 61 -9.12 2.62 -5.87
CA LEU A 61 -8.99 2.45 -7.31
C LEU A 61 -7.62 1.83 -7.69
N ARG A 62 -6.59 2.43 -7.07
CA ARG A 62 -5.20 2.04 -7.25
C ARG A 62 -4.69 1.50 -5.89
N PRO A 63 -3.80 0.46 -5.90
CA PRO A 63 -3.20 -0.02 -4.64
C PRO A 63 -2.33 1.08 -4.02
N TRP A 64 -2.52 1.34 -2.71
CA TRP A 64 -1.80 2.43 -2.03
C TRP A 64 -1.09 1.95 -0.77
N CYS A 65 -0.24 2.86 -0.27
CA CYS A 65 0.45 2.68 0.99
C CYS A 65 0.80 4.09 1.49
N PHE A 66 1.24 4.13 2.76
CA PHE A 66 1.63 5.40 3.35
C PHE A 66 2.99 5.77 2.79
N THR A 67 3.26 7.08 2.67
CA THR A 67 4.55 7.50 2.12
C THR A 67 5.51 7.74 3.29
N THR A 68 6.75 8.05 2.90
CA THR A 68 7.79 8.31 3.88
C THR A 68 7.82 9.80 4.30
N ASP A 69 7.00 10.63 3.62
CA ASP A 69 6.98 12.05 3.96
C ASP A 69 6.01 12.30 5.15
N PRO A 70 6.48 13.05 6.19
CA PRO A 70 5.61 13.44 7.31
C PRO A 70 4.31 14.21 7.04
N ASN A 71 4.06 14.59 5.77
CA ASN A 71 2.84 15.31 5.41
C ASN A 71 2.03 14.51 4.39
N LYS A 72 2.73 13.83 3.46
CA LYS A 72 2.00 13.04 2.49
C LYS A 72 1.71 11.67 3.12
N ARG A 73 0.54 11.64 3.81
CA ARG A 73 0.13 10.43 4.51
C ARG A 73 -0.04 9.24 3.54
N TRP A 74 -1.22 9.13 2.89
CA TRP A 74 -1.45 8.04 1.95
C TRP A 74 -1.09 8.45 0.50
N GLU A 75 -0.85 7.42 -0.33
CA GLU A 75 -0.68 7.68 -1.76
C GLU A 75 -0.76 6.36 -2.56
N LEU A 76 -1.35 6.54 -3.75
CA LEU A 76 -1.52 5.47 -4.72
C LEU A 76 -0.15 5.09 -5.32
N CYS A 77 -0.01 3.79 -5.60
CA CYS A 77 1.16 3.22 -6.24
C CYS A 77 0.87 2.87 -7.68
N ASP A 78 1.98 2.70 -8.44
CA ASP A 78 1.84 2.13 -9.77
C ASP A 78 2.50 0.74 -9.68
N ILE A 79 1.66 -0.24 -10.00
CA ILE A 79 2.00 -1.64 -9.97
C ILE A 79 2.04 -2.06 -11.46
N PRO A 80 3.01 -2.93 -11.83
CA PRO A 80 3.23 -3.33 -13.23
C PRO A 80 1.97 -3.59 -14.08
N ARG A 81 1.94 -2.88 -15.22
CA ARG A 81 0.86 -3.04 -16.18
C ARG A 81 1.08 -4.35 -16.96
N CYS A 82 0.07 -5.24 -16.90
CA CYS A 82 0.19 -6.50 -17.64
C CYS A 82 0.11 -6.25 -19.16
N THR A 83 1.26 -5.91 -19.73
CA THR A 83 1.39 -5.64 -21.16
C THR A 83 2.89 -5.57 -21.53
C1 AMH B . -7.50 6.66 3.40
C2 AMH B . -8.73 5.80 3.10
C3 AMH B . -9.17 5.97 1.66
C4 AMH B . -8.09 5.43 0.72
C5 AMH B . -6.79 6.20 0.99
C6 AMH B . -6.37 6.22 2.47
C7 AMH B . -8.53 5.59 -0.75
C8 AMH B . -7.17 6.50 4.89
N AMH B . -9.83 4.98 -1.00
O1 AMH B . -7.69 7.25 5.71
O2 AMH B . -6.39 5.64 5.25
H1 AMH B . -7.72 7.71 3.21
H21 AMH B . -9.55 6.06 3.77
H22 AMH B . -8.44 4.76 3.26
H31 AMH B . -10.13 5.47 1.52
H32 AMH B . -9.30 7.04 1.45
H4 AMH B . -7.93 4.37 0.93
H51 AMH B . -5.99 5.79 0.37
H52 AMH B . -6.96 7.23 0.66
H61 AMH B . -5.53 6.89 2.65
H62 AMH B . -6.03 5.22 2.77
H71 AMH B . -8.58 6.65 -1.02
H72 AMH B . -7.79 5.13 -1.41
HN1 AMH B . -9.95 4.86 -1.98
HN2 AMH B . -9.88 4.08 -0.54
HN3 AMH B . -10.55 5.56 -0.64
#